data_5F7S
#
_entry.id   5F7S
#
_cell.length_a   197.126
_cell.length_b   104.663
_cell.length_c   89.030
_cell.angle_alpha   90.00
_cell.angle_beta   90.74
_cell.angle_gamma   90.00
#
_symmetry.space_group_name_H-M   'C 1 2 1'
#
loop_
_entity.id
_entity.type
_entity.pdbx_description
1 polymer 'Glycoside hydrolase family 31'
2 non-polymer 'CALCIUM ION'
3 non-polymer DI(HYDROXYETHYL)ETHER
4 non-polymer 'TRIETHYLENE GLYCOL'
5 water water
#
_entity_poly.entity_id   1
_entity_poly.type   'polypeptide(L)'
_entity_poly.pdbx_seq_one_letter_code
;MITHRPRGIEHPYARSLDQLYPAIPIAGQSLTIGATTSGPCSRMRCFVLWPEHEQVFDMSPVNGTDSDAALLAGGEGHLA
AAQQAALDADNGWQTSIPHLPDQDATYYFEALTLDGRTETSESFPLTPSHWSAEPVGHIDIDGDRFIPDSPLWLVSSAGT
HRVKFALRIEGDEHVVGFGERYDQLDQRGLRLDSVVFEQYKAQGKHHRTYLPMPFAQVVNEAGRAWGFHVETTRRTWYDV
AATVSDRILIEVDLGFEAEKTPVVRVNTWSGSPTDVLNGFLDVAGRPAEMPEWIFGLWASGNEWNTQSLVMEQMDRHRNE
GIPVSVVVIEAWSDEEGFTIFRDARYVPNQGQPHRGPDFTYPSDGAWPDPAGMIRELHERGIRVILWQIPLQKTDDDLGP
EALAQGNALIASGHVVKEPDGTPYKNRGWWFPNALMPDLSTEAGRQWWTEQRRYLVEDLDIDGFKTDGGEHAWGSDLRYE
DGRRGDEGNNLYPVNYARAYGDLLRSAGKYPVTFSRSGFTGSQAHGLYWAGDEDSTWEAFRSSITAGITAGACGILYWGW
DLAGFSGPVPEAELYARAFAAATFMPIMQYHSEFHHHELPLRDRTPWNVAEQTGCGELIDLARHYTRVREALRPYLVAQT
RQCLQTGKPLMRAMFYDHADDPEIWAHPRQYMLGDELLINPVTAPGATTWTTYLPEGQWEDYWSGEVSEGGHLVTRAVGW
DIIPVYRRVGAAL
;
_entity_poly.pdbx_strand_id   A,B
#
# COMPACT_ATOMS: atom_id res chain seq x y z
N MET A 1 41.56 -11.03 -30.51
CA MET A 1 41.38 -11.80 -29.26
C MET A 1 40.13 -12.71 -29.30
N ILE A 2 40.05 -13.60 -28.32
CA ILE A 2 38.96 -14.55 -28.20
C ILE A 2 37.94 -13.98 -27.21
N THR A 3 36.67 -14.03 -27.55
CA THR A 3 35.66 -13.52 -26.66
C THR A 3 34.71 -14.65 -26.28
N HIS A 4 34.49 -14.81 -24.98
CA HIS A 4 33.54 -15.76 -24.46
C HIS A 4 32.87 -15.20 -23.20
N ARG A 5 31.54 -15.19 -23.21
CA ARG A 5 30.74 -14.77 -22.08
C ARG A 5 29.82 -15.97 -21.82
N PRO A 6 30.02 -16.69 -20.70
CA PRO A 6 29.22 -17.87 -20.41
C PRO A 6 27.70 -17.69 -20.62
N ARG A 7 27.15 -16.53 -20.24
CA ARG A 7 25.71 -16.23 -20.38
C ARG A 7 25.35 -15.49 -21.68
N GLY A 8 26.35 -15.15 -22.48
CA GLY A 8 26.12 -14.47 -23.77
C GLY A 8 25.52 -13.09 -23.66
N ILE A 9 24.77 -12.70 -24.68
CA ILE A 9 24.12 -11.38 -24.69
C ILE A 9 22.95 -11.31 -23.67
N GLU A 10 22.43 -12.46 -23.26
CA GLU A 10 21.33 -12.58 -22.29
C GLU A 10 19.98 -12.09 -22.80
N HIS A 11 19.75 -12.33 -24.10
CA HIS A 11 18.47 -12.16 -24.72
C HIS A 11 17.63 -13.30 -24.08
N PRO A 12 16.45 -13.00 -23.54
CA PRO A 12 15.65 -14.06 -22.84
C PRO A 12 15.23 -15.30 -23.64
N TYR A 13 15.02 -15.15 -24.95
CA TYR A 13 14.64 -16.25 -25.83
C TYR A 13 15.62 -16.58 -26.96
N ALA A 14 16.86 -16.14 -26.86
CA ALA A 14 17.87 -16.43 -27.91
C ALA A 14 19.30 -16.50 -27.34
N ARG A 15 20.13 -17.34 -27.96
CA ARG A 15 21.53 -17.50 -27.57
C ARG A 15 22.45 -16.76 -28.52
N SER A 16 23.54 -16.25 -28.00
CA SER A 16 24.59 -15.64 -28.81
C SER A 16 25.63 -16.74 -29.16
N LEU A 17 26.61 -16.39 -29.98
CA LEU A 17 27.61 -17.32 -30.44
C LEU A 17 28.81 -17.50 -29.51
N ASP A 18 28.93 -16.66 -28.50
CA ASP A 18 30.07 -16.72 -27.59
C ASP A 18 29.72 -17.20 -26.17
N GLN A 19 28.75 -18.10 -26.03
CA GLN A 19 28.29 -18.55 -24.70
C GLN A 19 28.18 -20.06 -24.51
N LEU A 20 27.77 -20.45 -23.31
CA LEU A 20 27.45 -21.83 -22.96
C LEU A 20 25.96 -21.96 -23.13
N TYR A 21 25.51 -23.16 -23.51
CA TYR A 21 24.07 -23.47 -23.62
C TYR A 21 23.84 -24.89 -23.12
N PRO A 22 23.15 -25.07 -21.99
CA PRO A 22 22.57 -23.98 -21.19
C PRO A 22 23.59 -23.12 -20.45
N ALA A 23 23.20 -21.88 -20.16
CA ALA A 23 24.04 -20.93 -19.43
C ALA A 23 24.42 -21.46 -18.03
N ILE A 24 23.50 -22.17 -17.38
CA ILE A 24 23.74 -22.87 -16.11
C ILE A 24 23.79 -24.35 -16.56
N PRO A 25 25.01 -24.90 -16.77
CA PRO A 25 25.12 -26.27 -17.28
C PRO A 25 24.63 -27.31 -16.30
N ILE A 26 24.03 -28.37 -16.82
CA ILE A 26 23.45 -29.43 -16.00
C ILE A 26 24.12 -30.75 -16.35
N ALA A 27 24.63 -31.44 -15.33
CA ALA A 27 25.27 -32.77 -15.48
C ALA A 27 24.27 -33.73 -16.11
N GLY A 28 24.71 -34.50 -17.10
CA GLY A 28 23.86 -35.47 -17.78
C GLY A 28 23.18 -35.00 -19.07
N GLN A 29 23.12 -33.68 -19.28
CA GLN A 29 22.56 -33.07 -20.49
C GLN A 29 23.69 -32.56 -21.38
N SER A 30 23.37 -32.24 -22.62
CA SER A 30 24.37 -31.71 -23.55
C SER A 30 24.72 -30.27 -23.17
N LEU A 31 25.96 -29.89 -23.44
CA LEU A 31 26.44 -28.51 -23.23
C LEU A 31 27.06 -28.06 -24.56
N THR A 32 26.57 -26.95 -25.11
CA THR A 32 27.14 -26.36 -26.33
C THR A 32 28.04 -25.20 -25.88
N ILE A 33 29.27 -25.15 -26.38
CA ILE A 33 30.24 -24.12 -25.99
C ILE A 33 30.62 -23.33 -27.22
N GLY A 34 30.48 -22.02 -27.15
CA GLY A 34 30.74 -21.13 -28.26
C GLY A 34 31.73 -20.04 -27.92
N ALA A 35 32.42 -19.55 -28.92
CA ALA A 35 33.37 -18.46 -28.74
C ALA A 35 33.55 -17.77 -30.06
N THR A 36 33.95 -16.50 -30.00
CA THR A 36 34.24 -15.71 -31.19
C THR A 36 35.65 -15.14 -31.14
N THR A 37 36.20 -14.90 -32.32
CA THR A 37 37.52 -14.27 -32.46
C THR A 37 37.34 -12.92 -33.15
N SER A 38 38.15 -11.93 -32.78
CA SER A 38 38.09 -10.60 -33.38
C SER A 38 38.58 -10.63 -34.85
N GLY A 39 39.60 -11.44 -35.11
CA GLY A 39 40.16 -11.56 -36.45
C GLY A 39 39.88 -12.95 -36.99
N PRO A 40 40.26 -13.22 -38.24
CA PRO A 40 40.05 -14.54 -38.81
C PRO A 40 41.13 -15.55 -38.34
N CYS A 41 40.69 -16.78 -38.11
CA CYS A 41 41.52 -17.87 -37.61
C CYS A 41 41.32 -19.11 -38.47
N SER A 42 42.28 -20.03 -38.44
CA SER A 42 42.15 -21.30 -39.19
C SER A 42 41.72 -22.46 -38.29
N ARG A 43 41.97 -22.33 -36.98
CA ARG A 43 41.68 -23.38 -36.02
C ARG A 43 41.38 -22.72 -34.67
N MET A 44 40.64 -23.42 -33.85
CA MET A 44 40.22 -22.93 -32.56
C MET A 44 39.91 -24.17 -31.72
N ARG A 45 40.54 -24.30 -30.57
CA ARG A 45 40.33 -25.45 -29.70
C ARG A 45 39.86 -25.03 -28.31
N CYS A 46 39.05 -25.90 -27.69
CA CYS A 46 38.58 -25.69 -26.30
C CYS A 46 39.18 -26.79 -25.45
N PHE A 47 39.96 -26.39 -24.45
CA PHE A 47 40.60 -27.30 -23.50
C PHE A 47 39.76 -27.35 -22.21
N VAL A 48 39.32 -28.54 -21.79
CA VAL A 48 38.53 -28.68 -20.56
C VAL A 48 39.35 -29.52 -19.56
N LEU A 49 39.71 -28.88 -18.43
CA LEU A 49 40.53 -29.49 -17.38
C LEU A 49 39.74 -30.04 -16.18
N TRP A 50 39.26 -31.27 -16.28
CA TRP A 50 38.60 -31.95 -15.15
C TRP A 50 39.67 -32.36 -14.11
N PRO A 51 39.28 -32.59 -12.84
CA PRO A 51 40.27 -32.91 -11.79
C PRO A 51 41.30 -34.01 -12.08
N GLU A 52 40.89 -35.10 -12.73
CA GLU A 52 41.79 -36.25 -12.99
C GLU A 52 42.43 -36.32 -14.39
N HIS A 53 41.85 -35.63 -15.37
CA HIS A 53 42.41 -35.63 -16.74
C HIS A 53 41.95 -34.44 -17.59
N GLU A 54 42.61 -34.26 -18.74
CA GLU A 54 42.29 -33.17 -19.68
C GLU A 54 41.57 -33.69 -20.92
N GLN A 55 40.95 -32.77 -21.65
CA GLN A 55 40.30 -33.08 -22.92
C GLN A 55 40.34 -31.86 -23.83
N VAL A 56 40.62 -32.13 -25.11
CA VAL A 56 40.73 -31.12 -26.15
C VAL A 56 39.60 -31.33 -27.14
N PHE A 57 38.85 -30.28 -27.41
CA PHE A 57 37.78 -30.31 -28.39
C PHE A 57 38.21 -29.41 -29.53
N ASP A 58 38.27 -29.95 -30.75
CA ASP A 58 38.63 -29.17 -31.91
C ASP A 58 37.30 -28.56 -32.36
N MET A 59 37.18 -27.24 -32.27
CA MET A 59 35.93 -26.52 -32.56
C MET A 59 35.70 -26.32 -34.06
N SER A 60 34.43 -26.14 -34.44
CA SER A 60 34.05 -25.92 -35.84
C SER A 60 33.45 -24.51 -36.02
N PRO A 61 33.65 -23.90 -37.20
CA PRO A 61 33.05 -22.58 -37.45
C PRO A 61 31.52 -22.66 -37.53
N VAL A 62 30.84 -21.61 -37.10
CA VAL A 62 29.37 -21.56 -37.08
C VAL A 62 28.92 -20.14 -37.45
N ASN A 63 27.63 -19.98 -37.81
CA ASN A 63 27.07 -18.67 -38.17
C ASN A 63 25.55 -18.64 -38.01
N ASN A 91 32.75 -14.01 -36.45
CA ASN A 91 33.60 -15.21 -36.52
C ASN A 91 33.34 -16.15 -35.33
N GLY A 92 32.26 -16.92 -35.44
CA GLY A 92 31.85 -17.85 -34.39
C GLY A 92 32.45 -19.24 -34.50
N TRP A 93 32.75 -19.84 -33.36
CA TRP A 93 33.29 -21.19 -33.27
C TRP A 93 32.47 -21.95 -32.24
N GLN A 94 32.32 -23.26 -32.45
CA GLN A 94 31.48 -24.07 -31.57
C GLN A 94 31.93 -25.52 -31.45
N THR A 95 31.66 -26.07 -30.28
CA THR A 95 31.88 -27.46 -29.98
C THR A 95 30.77 -27.82 -29.00
N SER A 96 30.62 -29.10 -28.70
CA SER A 96 29.58 -29.53 -27.76
C SER A 96 29.89 -30.87 -27.13
N ILE A 97 29.49 -31.01 -25.87
CA ILE A 97 29.67 -32.23 -25.10
C ILE A 97 28.30 -32.91 -25.03
N PRO A 98 28.18 -34.16 -25.55
CA PRO A 98 26.87 -34.86 -25.54
C PRO A 98 26.27 -35.13 -24.16
N HIS A 99 27.09 -35.56 -23.21
CA HIS A 99 26.62 -35.93 -21.87
C HIS A 99 27.59 -35.30 -20.88
N LEU A 100 27.18 -34.21 -20.25
CA LEU A 100 28.08 -33.48 -19.36
C LEU A 100 28.35 -34.25 -18.07
N PRO A 101 29.63 -34.54 -17.77
CA PRO A 101 29.94 -35.23 -16.51
C PRO A 101 29.70 -34.30 -15.32
N ASP A 102 29.34 -34.88 -14.17
CA ASP A 102 29.05 -34.14 -12.93
C ASP A 102 30.35 -33.91 -12.13
N GLN A 103 31.24 -33.08 -12.70
CA GLN A 103 32.52 -32.72 -12.06
C GLN A 103 32.93 -31.30 -12.40
N ASP A 104 33.48 -30.59 -11.41
CA ASP A 104 33.95 -29.21 -11.60
C ASP A 104 35.22 -29.18 -12.44
N ALA A 105 35.24 -28.31 -13.44
CA ALA A 105 36.38 -28.20 -14.34
C ALA A 105 36.77 -26.76 -14.58
N THR A 106 37.75 -26.60 -15.46
CA THR A 106 38.26 -25.32 -15.89
C THR A 106 38.34 -25.44 -17.41
N TYR A 107 38.09 -24.34 -18.12
CA TYR A 107 38.22 -24.35 -19.59
C TYR A 107 38.77 -23.02 -20.13
N TYR A 108 39.43 -23.13 -21.27
CA TYR A 108 39.96 -21.95 -21.96
C TYR A 108 40.03 -22.28 -23.45
N PHE A 109 40.14 -21.24 -24.26
CA PHE A 109 40.19 -21.38 -25.69
C PHE A 109 41.57 -21.01 -26.22
N GLU A 110 41.92 -21.62 -27.35
CA GLU A 110 43.17 -21.37 -28.02
C GLU A 110 42.91 -21.34 -29.53
N ALA A 111 43.33 -20.25 -30.19
CA ALA A 111 43.10 -20.07 -31.63
C ALA A 111 44.39 -19.87 -32.38
N LEU A 112 44.40 -20.27 -33.65
CA LEU A 112 45.55 -20.06 -34.54
C LEU A 112 45.06 -19.04 -35.57
N THR A 113 45.68 -17.85 -35.60
CA THR A 113 45.30 -16.82 -36.57
C THR A 113 45.87 -17.17 -37.95
N LEU A 114 45.28 -16.57 -38.99
CA LEU A 114 45.74 -16.81 -40.37
C LEU A 114 47.21 -16.48 -40.59
N ASP A 115 47.72 -15.46 -39.87
CA ASP A 115 49.14 -15.09 -39.96
C ASP A 115 50.08 -15.92 -39.08
N GLY A 116 49.57 -16.94 -38.38
CA GLY A 116 50.40 -17.83 -37.56
C GLY A 116 50.53 -17.52 -36.07
N ARG A 117 49.65 -16.68 -35.51
CA ARG A 117 49.71 -16.37 -34.06
C ARG A 117 48.84 -17.27 -33.24
N THR A 118 49.31 -17.61 -32.05
CA THR A 118 48.55 -18.40 -31.12
C THR A 118 47.92 -17.42 -30.14
N GLU A 119 46.59 -17.43 -30.08
CA GLU A 119 45.84 -16.62 -29.12
C GLU A 119 45.21 -17.51 -28.04
N THR A 120 45.24 -17.02 -26.80
CA THR A 120 44.73 -17.77 -25.64
C THR A 120 43.78 -16.92 -24.78
N SER A 121 42.64 -17.50 -24.40
CA SER A 121 41.64 -16.80 -23.57
C SER A 121 41.98 -16.89 -22.10
N GLU A 122 41.20 -16.19 -21.29
CA GLU A 122 41.32 -16.33 -19.85
C GLU A 122 40.72 -17.69 -19.46
N SER A 123 40.90 -18.07 -18.20
CA SER A 123 40.38 -19.32 -17.68
C SER A 123 38.96 -19.09 -17.20
N PHE A 124 38.09 -20.06 -17.46
CA PHE A 124 36.67 -19.99 -17.10
C PHE A 124 36.26 -21.21 -16.26
N PRO A 125 35.41 -21.00 -15.24
CA PRO A 125 34.95 -22.12 -14.43
C PRO A 125 33.72 -22.84 -15.03
N LEU A 126 33.63 -24.14 -14.79
CA LEU A 126 32.49 -24.95 -15.21
C LEU A 126 32.09 -25.76 -13.98
N THR A 127 31.04 -25.33 -13.31
CA THR A 127 30.50 -26.01 -12.12
C THR A 127 29.12 -26.57 -12.49
N PRO A 128 29.06 -27.83 -12.98
CA PRO A 128 27.79 -28.41 -13.39
C PRO A 128 26.84 -28.63 -12.23
N SER A 129 25.57 -28.34 -12.46
CA SER A 129 24.51 -28.50 -11.49
C SER A 129 23.75 -29.79 -11.71
N HIS A 130 23.00 -30.19 -10.67
CA HIS A 130 22.10 -31.35 -10.75
C HIS A 130 20.87 -31.04 -9.91
N TRP A 131 19.78 -31.74 -10.18
CA TRP A 131 18.53 -31.55 -9.42
C TRP A 131 18.57 -32.40 -8.16
N SER A 132 18.31 -31.79 -7.01
CA SER A 132 18.34 -32.47 -5.71
C SER A 132 17.02 -32.36 -4.99
N ALA A 133 16.63 -33.47 -4.36
CA ALA A 133 15.40 -33.54 -3.59
C ALA A 133 15.64 -33.26 -2.09
N GLU A 134 16.88 -32.94 -1.73
CA GLU A 134 17.21 -32.62 -0.34
C GLU A 134 16.56 -31.30 0.04
N PRO A 135 16.40 -31.02 1.36
CA PRO A 135 15.82 -29.74 1.79
C PRO A 135 16.91 -28.62 1.76
N VAL A 136 17.38 -28.34 0.55
CA VAL A 136 18.42 -27.36 0.29
C VAL A 136 17.91 -25.96 0.60
N GLY A 137 16.63 -25.76 0.36
CA GLY A 137 15.95 -24.52 0.64
C GLY A 137 14.56 -24.83 1.15
N HIS A 138 13.78 -23.79 1.33
CA HIS A 138 12.45 -23.90 1.86
C HIS A 138 11.47 -23.11 0.99
N ILE A 139 10.40 -23.76 0.56
CA ILE A 139 9.35 -23.08 -0.17
C ILE A 139 8.35 -22.66 0.92
N ASP A 140 8.16 -21.36 1.12
CA ASP A 140 7.21 -20.87 2.13
C ASP A 140 5.84 -20.72 1.44
N ILE A 141 4.94 -21.66 1.68
CA ILE A 141 3.62 -21.70 1.02
C ILE A 141 2.57 -22.42 1.86
N ASP A 142 1.33 -21.97 1.74
CA ASP A 142 0.17 -22.53 2.45
C ASP A 142 -0.85 -23.07 1.44
N GLY A 143 -2.02 -23.49 1.91
CA GLY A 143 -3.06 -24.02 1.00
C GLY A 143 -2.89 -25.52 0.79
N ASP A 144 -3.89 -26.14 0.18
CA ASP A 144 -3.90 -27.60 -0.02
C ASP A 144 -3.47 -28.10 -1.42
N ARG A 145 -2.92 -27.23 -2.26
CA ARG A 145 -2.52 -27.67 -3.61
C ARG A 145 -1.03 -27.96 -3.77
N PHE A 146 -0.21 -27.50 -2.84
CA PHE A 146 1.22 -27.74 -2.89
C PHE A 146 1.55 -29.22 -2.65
N ILE A 147 2.36 -29.81 -3.53
CA ILE A 147 2.75 -31.21 -3.40
C ILE A 147 4.05 -31.22 -2.59
N PRO A 148 3.95 -31.61 -1.29
CA PRO A 148 5.12 -31.54 -0.37
C PRO A 148 6.44 -32.13 -0.84
N ASP A 149 6.39 -33.22 -1.61
CA ASP A 149 7.63 -33.90 -2.07
C ASP A 149 8.15 -33.44 -3.45
N SER A 150 7.48 -32.48 -4.08
CA SER A 150 7.86 -32.03 -5.43
C SER A 150 9.09 -31.11 -5.55
N PRO A 151 9.48 -30.39 -4.48
CA PRO A 151 10.63 -29.49 -4.65
C PRO A 151 11.98 -30.10 -5.03
N LEU A 152 12.52 -29.66 -6.16
CA LEU A 152 13.84 -30.05 -6.64
C LEU A 152 14.70 -28.76 -6.76
N TRP A 153 15.92 -28.78 -6.21
CA TRP A 153 16.82 -27.62 -6.21
C TRP A 153 17.99 -27.88 -7.15
N LEU A 154 18.24 -26.94 -8.06
CA LEU A 154 19.33 -27.08 -9.03
C LEU A 154 20.57 -26.55 -8.31
N VAL A 155 21.44 -27.47 -7.91
CA VAL A 155 22.63 -27.13 -7.13
C VAL A 155 23.94 -27.51 -7.83
N SER A 156 25.01 -26.78 -7.47
CA SER A 156 26.39 -27.04 -7.93
C SER A 156 27.31 -26.65 -6.77
N SER A 157 28.61 -26.93 -6.90
CA SER A 157 29.57 -26.50 -5.89
C SER A 157 29.49 -24.97 -5.66
N ALA A 158 29.07 -24.23 -6.69
CA ALA A 158 28.96 -22.76 -6.65
C ALA A 158 27.69 -22.16 -6.03
N GLY A 159 26.63 -22.95 -5.81
CA GLY A 159 25.39 -22.42 -5.22
C GLY A 159 24.10 -23.10 -5.68
N THR A 160 22.97 -22.47 -5.35
CA THR A 160 21.63 -22.96 -5.68
C THR A 160 21.03 -21.99 -6.69
N HIS A 161 20.80 -22.46 -7.91
CA HIS A 161 20.41 -21.58 -9.04
C HIS A 161 18.93 -21.42 -9.36
N ARG A 162 18.15 -22.49 -9.21
CA ARG A 162 16.71 -22.49 -9.50
C ARG A 162 16.00 -23.52 -8.65
N VAL A 163 14.68 -23.43 -8.61
CA VAL A 163 13.87 -24.41 -7.88
C VAL A 163 12.64 -24.75 -8.70
N LYS A 164 12.23 -25.99 -8.61
CA LYS A 164 11.05 -26.54 -9.27
C LYS A 164 10.16 -27.13 -8.22
N PHE A 165 8.87 -26.90 -8.32
CA PHE A 165 7.90 -27.51 -7.44
C PHE A 165 6.60 -27.63 -8.21
N ALA A 166 5.62 -28.33 -7.64
CA ALA A 166 4.35 -28.56 -8.31
C ALA A 166 3.15 -28.27 -7.42
N LEU A 167 2.07 -27.85 -8.08
CA LEU A 167 0.77 -27.58 -7.46
C LEU A 167 -0.26 -28.50 -8.14
N ARG A 168 -1.21 -29.01 -7.37
CA ARG A 168 -2.23 -29.90 -7.91
C ARG A 168 -3.37 -29.10 -8.53
N ILE A 169 -3.85 -29.59 -9.67
CA ILE A 169 -4.97 -29.01 -10.37
C ILE A 169 -5.97 -30.14 -10.69
N GLU A 170 -7.26 -29.84 -10.52
CA GLU A 170 -8.33 -30.81 -10.73
C GLU A 170 -8.86 -30.74 -12.18
N GLY A 171 -9.57 -31.80 -12.60
CA GLY A 171 -10.07 -31.96 -13.97
C GLY A 171 -10.87 -30.83 -14.60
N ASP A 172 -11.72 -30.20 -13.79
CA ASP A 172 -12.58 -29.11 -14.26
C ASP A 172 -11.99 -27.72 -14.05
N GLU A 173 -10.69 -27.62 -13.77
CA GLU A 173 -10.12 -26.30 -13.49
C GLU A 173 -9.52 -25.60 -14.71
N HIS A 174 -9.70 -24.29 -14.72
CA HIS A 174 -9.23 -23.37 -15.77
C HIS A 174 -8.21 -22.43 -15.14
N VAL A 175 -7.20 -22.03 -15.90
CA VAL A 175 -6.12 -21.21 -15.35
C VAL A 175 -5.98 -19.91 -16.14
N VAL A 176 -6.22 -18.80 -15.45
CA VAL A 176 -6.16 -17.48 -16.08
C VAL A 176 -5.21 -16.60 -15.30
N GLY A 177 -4.25 -16.01 -16.02
CA GLY A 177 -3.31 -15.10 -15.40
C GLY A 177 -2.01 -14.97 -16.14
N PHE A 178 -0.96 -14.68 -15.37
CA PHE A 178 0.41 -14.49 -15.82
C PHE A 178 0.58 -13.17 -16.53
N GLY A 179 -0.32 -12.25 -16.25
CA GLY A 179 -0.31 -10.92 -16.85
C GLY A 179 -1.07 -10.86 -18.16
N GLU A 180 -0.63 -9.93 -18.99
CA GLU A 180 -1.25 -9.70 -20.26
C GLU A 180 -0.83 -10.81 -21.21
N ARG A 181 -1.79 -11.62 -21.68
CA ARG A 181 -1.49 -12.69 -22.62
C ARG A 181 -2.23 -12.48 -23.90
N TYR A 182 -1.59 -12.88 -25.00
CA TYR A 182 -2.11 -12.64 -26.33
C TYR A 182 -2.55 -13.87 -27.08
N ASP A 183 -2.39 -15.05 -26.49
CA ASP A 183 -2.71 -16.29 -27.20
C ASP A 183 -4.07 -16.85 -26.86
N GLN A 184 -4.38 -16.96 -25.58
CA GLN A 184 -5.68 -17.47 -25.16
C GLN A 184 -5.93 -17.13 -23.70
N LEU A 185 -7.21 -17.14 -23.30
CA LEU A 185 -7.62 -16.79 -21.93
C LEU A 185 -7.18 -17.83 -20.92
N ASP A 186 -7.56 -19.08 -21.18
CA ASP A 186 -7.23 -20.23 -20.34
C ASP A 186 -5.84 -20.76 -20.73
N GLN A 187 -4.89 -20.67 -19.82
CA GLN A 187 -3.50 -21.11 -20.08
C GLN A 187 -3.24 -22.59 -19.80
N ARG A 188 -4.27 -23.34 -19.38
CA ARG A 188 -4.09 -24.75 -19.12
C ARG A 188 -3.74 -25.49 -20.43
N GLY A 189 -2.70 -26.32 -20.36
CA GLY A 189 -2.20 -27.06 -21.51
C GLY A 189 -1.00 -26.39 -22.16
N LEU A 190 -0.61 -25.21 -21.66
CA LEU A 190 0.50 -24.47 -22.22
C LEU A 190 1.72 -24.39 -21.33
N ARG A 191 2.87 -24.11 -21.94
CA ARG A 191 4.12 -23.82 -21.23
C ARG A 191 4.46 -22.38 -21.57
N LEU A 192 4.75 -21.59 -20.55
CA LEU A 192 5.08 -20.19 -20.72
C LEU A 192 6.07 -19.74 -19.66
N ASP A 193 6.37 -18.45 -19.64
CA ASP A 193 7.24 -17.88 -18.64
C ASP A 193 6.83 -16.41 -18.40
N SER A 194 7.37 -15.82 -17.34
CA SER A 194 7.12 -14.44 -16.99
C SER A 194 8.43 -13.70 -16.92
N VAL A 195 8.73 -13.03 -18.04
CA VAL A 195 9.92 -12.20 -18.21
C VAL A 195 9.53 -11.00 -19.09
N VAL A 196 9.92 -9.81 -18.68
CA VAL A 196 9.58 -8.62 -19.45
C VAL A 196 10.34 -8.71 -20.78
N PHE A 197 9.64 -8.52 -21.90
CA PHE A 197 10.30 -8.62 -23.21
C PHE A 197 9.56 -7.84 -24.30
N GLU A 198 10.34 -7.28 -25.22
CA GLU A 198 9.75 -6.57 -26.33
C GLU A 198 9.64 -7.51 -27.54
N GLN A 199 8.43 -7.96 -27.84
CA GLN A 199 8.16 -8.79 -29.01
C GLN A 199 7.44 -7.90 -30.00
N TYR A 200 8.18 -7.37 -30.97
CA TYR A 200 7.61 -6.48 -32.00
C TYR A 200 6.62 -7.27 -32.88
N LYS A 201 5.33 -7.10 -32.58
CA LYS A 201 4.22 -7.74 -33.30
C LYS A 201 4.12 -9.25 -33.10
N ALA A 202 2.96 -9.80 -33.46
CA ALA A 202 2.69 -11.24 -33.36
C ALA A 202 3.02 -11.79 -31.96
N GLN A 203 2.58 -11.08 -30.91
CA GLN A 203 2.85 -11.50 -29.52
C GLN A 203 2.18 -12.84 -29.23
N GLY A 204 0.97 -13.03 -29.75
CA GLY A 204 0.23 -14.27 -29.55
C GLY A 204 0.87 -15.46 -30.23
N LYS A 205 1.31 -15.27 -31.46
CA LYS A 205 1.96 -16.32 -32.23
C LYS A 205 3.23 -16.80 -31.51
N HIS A 206 3.98 -15.89 -30.92
CA HIS A 206 5.22 -16.23 -30.19
C HIS A 206 5.01 -16.56 -28.72
N HIS A 207 3.83 -16.28 -28.16
CA HIS A 207 3.54 -16.58 -26.74
C HIS A 207 4.45 -15.79 -25.79
N ARG A 208 4.63 -14.51 -26.09
CA ARG A 208 5.42 -13.61 -25.27
C ARG A 208 4.55 -12.42 -24.91
N THR A 209 5.08 -11.55 -24.07
CA THR A 209 4.36 -10.37 -23.61
C THR A 209 5.28 -9.32 -23.02
N TYR A 210 4.83 -8.08 -23.09
CA TYR A 210 5.52 -6.95 -22.49
C TYR A 210 5.17 -6.82 -21.00
N LEU A 211 4.07 -7.43 -20.56
CA LEU A 211 3.55 -7.22 -19.19
C LEU A 211 3.14 -8.55 -18.53
N PRO A 212 4.13 -9.38 -18.20
CA PRO A 212 3.84 -10.61 -17.53
C PRO A 212 3.81 -10.35 -16.01
N MET A 213 3.32 -11.32 -15.25
CA MET A 213 3.32 -11.29 -13.78
C MET A 213 3.37 -12.73 -13.32
N PRO A 214 4.14 -13.03 -12.27
CA PRO A 214 4.20 -14.42 -11.76
C PRO A 214 2.99 -14.72 -10.85
N PHE A 215 1.79 -14.71 -11.43
CA PHE A 215 0.57 -14.92 -10.70
C PHE A 215 -0.51 -15.44 -11.59
N ALA A 216 -1.38 -16.28 -11.04
CA ALA A 216 -2.51 -16.81 -11.77
C ALA A 216 -3.64 -17.24 -10.81
N GLN A 217 -4.87 -17.22 -11.32
CA GLN A 217 -6.02 -17.70 -10.56
C GLN A 217 -6.50 -18.98 -11.26
N VAL A 218 -6.98 -19.91 -10.45
CA VAL A 218 -7.42 -21.22 -10.91
C VAL A 218 -8.88 -21.33 -10.54
N VAL A 219 -9.73 -21.52 -11.55
CA VAL A 219 -11.18 -21.54 -11.37
C VAL A 219 -11.83 -22.86 -11.80
N ASN A 220 -12.63 -23.45 -10.90
CA ASN A 220 -13.37 -24.71 -11.23
C ASN A 220 -14.77 -24.39 -11.79
N GLU A 221 -15.46 -25.40 -12.27
CA GLU A 221 -16.77 -25.19 -12.88
C GLU A 221 -17.94 -25.07 -11.90
N ALA A 222 -17.65 -25.19 -10.60
CA ALA A 222 -18.66 -24.93 -9.55
C ALA A 222 -18.58 -23.45 -9.12
N GLY A 223 -17.62 -22.70 -9.66
CA GLY A 223 -17.48 -21.26 -9.37
C GLY A 223 -16.54 -20.85 -8.26
N ARG A 224 -15.77 -21.80 -7.74
CA ARG A 224 -14.84 -21.55 -6.67
C ARG A 224 -13.45 -21.41 -7.27
N ALA A 225 -12.60 -20.65 -6.60
CA ALA A 225 -11.26 -20.36 -7.10
C ALA A 225 -10.19 -20.33 -6.04
N TRP A 226 -8.96 -20.45 -6.52
CA TRP A 226 -7.77 -20.31 -5.68
C TRP A 226 -6.73 -19.67 -6.57
N GLY A 227 -5.61 -19.24 -5.99
CA GLY A 227 -4.58 -18.57 -6.76
C GLY A 227 -3.25 -18.53 -6.08
N PHE A 228 -2.22 -18.25 -6.86
CA PHE A 228 -0.87 -18.24 -6.35
C PHE A 228 -0.04 -17.10 -6.96
N HIS A 229 0.89 -16.59 -6.15
CA HIS A 229 1.79 -15.53 -6.55
C HIS A 229 3.17 -15.89 -6.03
N VAL A 230 4.11 -16.12 -6.96
CA VAL A 230 5.50 -16.35 -6.61
C VAL A 230 6.05 -14.94 -6.39
N GLU A 231 6.39 -14.65 -5.13
CA GLU A 231 6.85 -13.32 -4.73
C GLU A 231 8.32 -13.14 -5.08
N THR A 232 8.53 -12.75 -6.34
CA THR A 232 9.86 -12.54 -6.88
C THR A 232 9.75 -11.65 -8.13
N THR A 233 10.84 -10.97 -8.48
CA THR A 233 10.90 -10.23 -9.73
C THR A 233 11.90 -10.91 -10.66
N ARG A 234 12.32 -12.13 -10.31
CA ARG A 234 13.19 -12.92 -11.16
C ARG A 234 12.32 -13.70 -12.10
N ARG A 235 12.94 -14.28 -13.11
CA ARG A 235 12.23 -15.03 -14.12
C ARG A 235 11.60 -16.28 -13.53
N THR A 236 10.39 -16.61 -14.01
CA THR A 236 9.68 -17.83 -13.58
C THR A 236 9.12 -18.54 -14.81
N TRP A 237 9.03 -19.87 -14.74
CA TRP A 237 8.49 -20.68 -15.85
C TRP A 237 7.29 -21.47 -15.34
N TYR A 238 6.33 -21.74 -16.24
CA TYR A 238 5.08 -22.42 -15.86
C TYR A 238 4.70 -23.47 -16.89
N ASP A 239 4.49 -24.71 -16.42
CA ASP A 239 4.03 -25.82 -17.24
C ASP A 239 2.67 -26.14 -16.63
N VAL A 240 1.63 -25.60 -17.27
CA VAL A 240 0.27 -25.65 -16.75
C VAL A 240 -0.49 -26.90 -17.20
N ALA A 241 -0.12 -28.02 -16.59
CA ALA A 241 -0.72 -29.30 -16.87
C ALA A 241 -0.55 -29.66 -18.33
N ALA A 242 0.62 -29.32 -18.87
CA ALA A 242 0.94 -29.63 -20.26
C ALA A 242 1.66 -30.98 -20.31
N THR A 243 2.66 -31.14 -19.44
CA THR A 243 3.44 -32.39 -19.38
C THR A 243 2.74 -33.44 -18.49
N VAL A 244 2.35 -33.03 -17.29
CA VAL A 244 1.67 -33.85 -16.30
C VAL A 244 0.25 -33.30 -16.18
N SER A 245 -0.74 -34.08 -16.63
CA SER A 245 -2.14 -33.62 -16.72
C SER A 245 -2.82 -33.04 -15.47
N ASP A 246 -2.34 -33.40 -14.28
CA ASP A 246 -2.96 -32.92 -13.03
C ASP A 246 -1.99 -32.10 -12.18
N ARG A 247 -0.94 -31.56 -12.81
CA ARG A 247 0.06 -30.78 -12.10
C ARG A 247 0.47 -29.49 -12.84
N ILE A 248 0.56 -28.41 -12.07
CA ILE A 248 1.10 -27.16 -12.58
C ILE A 248 2.56 -27.17 -12.15
N LEU A 249 3.50 -27.25 -13.08
CA LEU A 249 4.93 -27.24 -12.71
C LEU A 249 5.46 -25.81 -12.75
N ILE A 250 6.08 -25.38 -11.66
CA ILE A 250 6.58 -24.02 -11.53
C ILE A 250 8.06 -24.06 -11.30
N GLU A 251 8.79 -23.26 -12.09
CA GLU A 251 10.22 -23.19 -11.98
C GLU A 251 10.59 -21.74 -11.72
N VAL A 252 11.47 -21.53 -10.76
CA VAL A 252 11.81 -20.19 -10.32
C VAL A 252 13.31 -19.93 -10.34
N ASP A 253 13.73 -18.84 -10.97
CA ASP A 253 15.14 -18.46 -10.98
C ASP A 253 15.47 -17.93 -9.59
N LEU A 254 16.59 -18.39 -9.03
CA LEU A 254 17.06 -17.92 -7.73
C LEU A 254 18.16 -16.86 -7.87
N GLY A 255 18.63 -16.61 -9.08
CA GLY A 255 19.53 -15.49 -9.35
C GLY A 255 21.02 -15.69 -9.30
N PHE A 256 21.72 -14.59 -9.60
CA PHE A 256 23.17 -14.53 -9.70
C PHE A 256 23.95 -14.81 -8.40
N GLU A 257 23.50 -14.26 -7.27
CA GLU A 257 24.18 -14.50 -5.97
C GLU A 257 23.67 -15.78 -5.33
N ALA A 258 23.93 -16.90 -6.01
CA ALA A 258 23.45 -18.22 -5.60
C ALA A 258 24.09 -18.72 -4.31
N THR A 261 21.12 -21.25 1.44
CA THR A 261 19.81 -21.75 1.86
C THR A 261 18.70 -20.71 1.57
N PRO A 262 18.08 -20.79 0.38
CA PRO A 262 17.06 -19.81 0.02
C PRO A 262 15.63 -20.13 0.43
N VAL A 263 14.84 -19.08 0.57
CA VAL A 263 13.43 -19.16 0.92
C VAL A 263 12.66 -18.53 -0.22
N VAL A 264 11.79 -19.31 -0.86
CA VAL A 264 10.93 -18.84 -1.94
C VAL A 264 9.52 -18.72 -1.35
N ARG A 265 9.00 -17.50 -1.36
CA ARG A 265 7.67 -17.20 -0.84
C ARG A 265 6.62 -17.25 -1.96
N VAL A 266 5.57 -18.02 -1.75
CA VAL A 266 4.46 -18.12 -2.67
C VAL A 266 3.19 -17.77 -1.90
N ASN A 267 2.55 -16.65 -2.26
CA ASN A 267 1.30 -16.23 -1.65
C ASN A 267 0.14 -17.03 -2.30
N THR A 268 -0.84 -17.43 -1.49
CA THR A 268 -2.01 -18.17 -1.99
C THR A 268 -3.30 -17.65 -1.38
N TRP A 269 -4.40 -17.82 -2.11
CA TRP A 269 -5.71 -17.36 -1.64
C TRP A 269 -6.76 -18.31 -2.19
N SER A 270 -7.93 -18.33 -1.56
CA SER A 270 -9.03 -19.15 -2.03
C SER A 270 -10.34 -18.49 -1.68
N GLY A 271 -11.38 -18.79 -2.47
CA GLY A 271 -12.71 -18.21 -2.28
C GLY A 271 -13.36 -17.98 -3.63
N SER A 272 -14.02 -16.83 -3.80
CA SER A 272 -14.61 -16.47 -5.10
C SER A 272 -13.47 -15.91 -5.98
N PRO A 273 -13.67 -15.88 -7.31
CA PRO A 273 -12.61 -15.31 -8.16
C PRO A 273 -12.21 -13.91 -7.76
N THR A 274 -13.16 -13.08 -7.34
CA THR A 274 -12.87 -11.71 -6.85
C THR A 274 -11.99 -11.67 -5.57
N ASP A 275 -12.21 -12.62 -4.65
CA ASP A 275 -11.41 -12.71 -3.41
C ASP A 275 -9.94 -13.00 -3.71
N VAL A 276 -9.71 -13.86 -4.71
CA VAL A 276 -8.37 -14.22 -5.14
C VAL A 276 -7.67 -13.02 -5.76
N LEU A 277 -8.36 -12.29 -6.62
CA LEU A 277 -7.75 -11.11 -7.26
C LEU A 277 -7.45 -10.03 -6.22
N ASN A 278 -8.38 -9.82 -5.29
CA ASN A 278 -8.14 -8.87 -4.20
C ASN A 278 -6.94 -9.24 -3.37
N GLY A 279 -6.78 -10.52 -3.04
CA GLY A 279 -5.60 -10.99 -2.29
C GLY A 279 -4.31 -10.56 -3.00
N PHE A 280 -4.23 -10.80 -4.30
CA PHE A 280 -3.07 -10.41 -5.09
C PHE A 280 -2.87 -8.89 -5.11
N LEU A 281 -3.94 -8.13 -5.33
CA LEU A 281 -3.85 -6.65 -5.36
C LEU A 281 -3.40 -6.05 -4.02
N ASP A 282 -3.77 -6.69 -2.90
CA ASP A 282 -3.30 -6.26 -1.57
C ASP A 282 -1.78 -6.35 -1.44
N VAL A 283 -1.16 -7.28 -2.16
CA VAL A 283 0.31 -7.40 -2.20
C VAL A 283 0.92 -6.59 -3.35
N ALA A 284 0.32 -6.69 -4.53
CA ALA A 284 0.88 -6.04 -5.72
C ALA A 284 0.68 -4.52 -5.74
N GLY A 285 -0.49 -4.06 -5.32
CA GLY A 285 -0.90 -2.65 -5.41
C GLY A 285 -2.20 -2.58 -6.22
N ARG A 286 -2.97 -1.51 -6.02
CA ARG A 286 -4.28 -1.31 -6.66
C ARG A 286 -4.29 -0.17 -7.66
N PRO A 287 -5.22 -0.20 -8.65
CA PRO A 287 -5.28 0.86 -9.64
C PRO A 287 -5.50 2.20 -9.00
N ALA A 288 -4.88 3.23 -9.56
CA ALA A 288 -4.99 4.57 -9.02
C ALA A 288 -6.24 5.23 -9.55
N GLU A 289 -6.63 6.34 -8.93
CA GLU A 289 -7.77 7.12 -9.39
C GLU A 289 -7.36 7.95 -10.61
N MET A 290 -8.25 8.06 -11.58
CA MET A 290 -7.97 8.77 -12.83
C MET A 290 -9.04 9.82 -13.14
N PRO A 291 -8.67 10.85 -13.94
CA PRO A 291 -9.69 11.85 -14.27
C PRO A 291 -10.66 11.34 -15.34
N GLU A 292 -11.85 11.93 -15.41
CA GLU A 292 -12.88 11.50 -16.37
C GLU A 292 -12.46 11.58 -17.84
N TRP A 293 -11.57 12.52 -18.15
CA TRP A 293 -11.18 12.77 -19.54
C TRP A 293 -10.44 11.63 -20.23
N ILE A 294 -9.98 10.63 -19.47
CA ILE A 294 -9.31 9.51 -20.09
C ILE A 294 -10.27 8.61 -20.88
N PHE A 295 -11.58 8.77 -20.65
CA PHE A 295 -12.58 7.93 -21.30
C PHE A 295 -13.11 8.41 -22.65
N GLY A 296 -12.63 9.53 -23.14
CA GLY A 296 -12.99 9.99 -24.49
C GLY A 296 -12.08 9.33 -25.53
N LEU A 297 -12.19 9.75 -26.78
CA LEU A 297 -11.36 9.20 -27.83
C LEU A 297 -9.92 9.75 -27.76
N TRP A 298 -8.94 8.85 -27.85
CA TRP A 298 -7.54 9.22 -27.91
C TRP A 298 -7.11 9.22 -29.37
N ALA A 299 -6.55 10.33 -29.82
CA ALA A 299 -6.06 10.45 -31.19
C ALA A 299 -4.55 10.44 -31.14
N SER A 300 -3.93 9.81 -32.13
CA SER A 300 -2.48 9.66 -32.17
C SER A 300 -2.06 9.25 -33.59
N GLY A 301 -0.84 9.64 -33.96
CA GLY A 301 -0.26 9.31 -35.27
C GLY A 301 1.21 9.68 -35.20
N ASN A 302 2.10 8.73 -35.43
CA ASN A 302 3.51 9.06 -35.32
C ASN A 302 3.99 10.14 -36.29
N GLU A 303 3.41 10.19 -37.48
CA GLU A 303 3.81 11.18 -38.48
C GLU A 303 3.22 12.60 -38.26
N TRP A 304 2.60 12.85 -37.10
CA TRP A 304 2.15 14.21 -36.77
C TRP A 304 3.33 14.87 -36.07
N ASN A 305 4.32 15.31 -36.85
CA ASN A 305 5.54 15.88 -36.27
C ASN A 305 5.70 17.41 -36.33
N THR A 306 4.60 18.13 -36.46
CA THR A 306 4.62 19.59 -36.42
C THR A 306 3.32 20.09 -35.81
N GLN A 307 3.37 21.29 -35.26
CA GLN A 307 2.21 21.91 -34.69
C GLN A 307 1.07 21.98 -35.72
N SER A 308 1.40 22.30 -36.97
CA SER A 308 0.36 22.40 -38.00
C SER A 308 -0.28 21.03 -38.30
N LEU A 309 0.53 19.95 -38.32
CA LEU A 309 0.01 18.60 -38.57
C LEU A 309 -0.90 18.14 -37.45
N VAL A 310 -0.53 18.39 -36.19
CA VAL A 310 -1.39 18.05 -35.06
C VAL A 310 -2.69 18.84 -35.14
N MET A 311 -2.58 20.16 -35.25
CA MET A 311 -3.77 21.03 -35.30
C MET A 311 -4.66 20.76 -36.51
N GLU A 312 -4.07 20.40 -37.66
CA GLU A 312 -4.87 20.04 -38.85
C GLU A 312 -5.82 18.89 -38.49
N GLN A 313 -5.35 17.94 -37.68
CA GLN A 313 -6.18 16.79 -37.30
C GLN A 313 -7.19 17.09 -36.22
N MET A 314 -6.85 17.97 -35.28
CA MET A 314 -7.81 18.37 -34.27
C MET A 314 -8.90 19.18 -34.95
N ASP A 315 -8.53 20.07 -35.88
CA ASP A 315 -9.53 20.84 -36.64
C ASP A 315 -10.46 19.92 -37.44
N ARG A 316 -9.94 18.81 -37.98
CA ARG A 316 -10.79 17.89 -38.73
C ARG A 316 -11.75 17.12 -37.80
N HIS A 317 -11.27 16.67 -36.65
CA HIS A 317 -12.15 16.02 -35.65
C HIS A 317 -13.37 16.90 -35.35
N ARG A 318 -13.11 18.16 -34.98
CA ARG A 318 -14.19 19.10 -34.69
C ARG A 318 -15.09 19.29 -35.92
N ASN A 319 -14.51 19.51 -37.10
CA ASN A 319 -15.30 19.72 -38.32
C ASN A 319 -16.19 18.52 -38.69
N GLU A 320 -15.76 17.30 -38.34
CA GLU A 320 -16.51 16.09 -38.64
C GLU A 320 -17.43 15.64 -37.48
N GLY A 321 -17.44 16.38 -36.37
CA GLY A 321 -18.28 16.04 -35.23
C GLY A 321 -17.87 14.71 -34.60
N ILE A 322 -16.57 14.51 -34.49
CA ILE A 322 -15.97 13.28 -33.90
C ILE A 322 -15.02 13.80 -32.83
N PRO A 323 -15.57 14.16 -31.66
CA PRO A 323 -14.72 14.78 -30.66
C PRO A 323 -13.67 13.85 -30.06
N VAL A 324 -12.52 14.44 -29.76
CA VAL A 324 -11.45 13.74 -29.09
C VAL A 324 -11.29 14.36 -27.69
N SER A 325 -10.84 13.56 -26.74
CA SER A 325 -10.54 14.12 -25.42
C SER A 325 -9.01 14.15 -25.16
N VAL A 326 -8.24 13.40 -25.95
CA VAL A 326 -6.79 13.33 -25.76
C VAL A 326 -6.06 13.24 -27.11
N VAL A 327 -4.95 13.96 -27.21
CA VAL A 327 -4.10 13.87 -28.36
C VAL A 327 -2.70 13.46 -27.84
N VAL A 328 -2.12 12.40 -28.42
CA VAL A 328 -0.79 11.95 -28.06
C VAL A 328 0.15 12.38 -29.20
N ILE A 329 1.27 13.02 -28.85
CA ILE A 329 2.24 13.48 -29.82
C ILE A 329 3.51 12.72 -29.54
N GLU A 330 3.93 11.89 -30.49
CA GLU A 330 5.18 11.10 -30.37
C GLU A 330 6.39 11.82 -30.93
N ALA A 331 6.27 12.33 -32.14
CA ALA A 331 7.39 13.00 -32.79
C ALA A 331 7.30 14.50 -32.53
N TRP A 332 7.61 14.84 -31.29
CA TRP A 332 7.56 16.21 -30.80
C TRP A 332 8.92 16.84 -30.52
N SER A 333 9.92 16.03 -30.21
CA SER A 333 11.22 16.55 -29.81
C SER A 333 12.27 16.58 -30.89
N ASP A 334 13.46 17.01 -30.51
CA ASP A 334 14.62 17.04 -31.39
C ASP A 334 15.10 15.64 -31.81
N GLU A 335 14.45 14.56 -31.31
CA GLU A 335 14.78 13.15 -31.63
C GLU A 335 16.19 12.73 -31.16
N GLU A 336 16.77 13.51 -30.25
CA GLU A 336 18.10 13.24 -29.73
C GLU A 336 18.05 13.08 -28.20
N GLY A 337 17.42 14.01 -27.51
CA GLY A 337 17.31 13.96 -26.05
C GLY A 337 15.91 13.77 -25.49
N PHE A 338 14.87 13.91 -26.33
CA PHE A 338 13.44 13.75 -25.93
C PHE A 338 13.05 14.59 -24.70
N THR A 339 13.62 15.79 -24.68
CA THR A 339 13.46 16.75 -23.61
C THR A 339 13.03 18.13 -24.10
N ILE A 340 13.28 18.45 -25.37
CA ILE A 340 13.04 19.77 -25.94
C ILE A 340 12.32 19.66 -27.29
N PHE A 341 11.32 20.52 -27.52
CA PHE A 341 10.57 20.53 -28.80
C PHE A 341 11.49 20.76 -29.99
N ARG A 342 11.22 20.07 -31.09
CA ARG A 342 12.03 20.22 -32.28
C ARG A 342 12.11 21.68 -32.70
N ASP A 343 13.31 22.12 -33.12
CA ASP A 343 13.59 23.50 -33.59
C ASP A 343 13.59 24.61 -32.52
N ALA A 344 13.47 24.25 -31.25
CA ALA A 344 13.53 25.26 -30.18
C ALA A 344 14.96 25.76 -30.02
N ARG A 345 15.12 27.07 -29.82
CA ARG A 345 16.45 27.67 -29.64
C ARG A 345 16.64 27.97 -28.15
N TYR A 346 17.89 27.85 -27.72
CA TYR A 346 18.24 28.03 -26.33
C TYR A 346 19.75 28.08 -26.14
N VAL A 347 20.17 28.56 -24.98
CA VAL A 347 21.58 28.51 -24.63
C VAL A 347 21.74 27.09 -24.10
N PRO A 348 22.68 26.31 -24.66
CA PRO A 348 22.80 24.94 -24.19
C PRO A 348 23.25 24.83 -22.72
N ASN A 349 22.86 23.74 -22.07
CA ASN A 349 23.25 23.48 -20.68
C ASN A 349 24.33 22.43 -20.65
N GLN A 350 25.02 22.30 -19.51
CA GLN A 350 25.99 21.24 -19.34
C GLN A 350 25.28 20.08 -18.62
N GLY A 351 24.14 19.67 -19.18
CA GLY A 351 23.35 18.56 -18.65
C GLY A 351 22.32 18.82 -17.57
N GLN A 352 22.24 20.05 -17.04
CA GLN A 352 21.25 20.40 -15.99
C GLN A 352 19.86 20.65 -16.60
N PRO A 353 18.80 20.66 -15.76
CA PRO A 353 17.46 20.86 -16.30
C PRO A 353 17.15 22.28 -16.74
N HIS A 354 16.40 22.38 -17.84
CA HIS A 354 15.93 23.64 -18.39
C HIS A 354 14.62 24.09 -17.73
N ARG A 355 14.29 25.37 -17.89
CA ARG A 355 13.00 25.92 -17.44
C ARG A 355 12.30 26.50 -18.67
N GLY A 356 10.99 26.70 -18.55
CA GLY A 356 10.17 27.22 -19.66
C GLY A 356 10.77 28.38 -20.43
N PRO A 357 11.14 29.47 -19.73
CA PRO A 357 11.72 30.69 -20.34
C PRO A 357 13.06 30.57 -21.11
N ASP A 358 13.79 29.45 -20.97
CA ASP A 358 15.05 29.24 -21.70
C ASP A 358 14.85 29.09 -23.22
N PHE A 359 13.62 28.80 -23.63
CA PHE A 359 13.35 28.48 -25.00
C PHE A 359 12.65 29.57 -25.77
N THR A 360 13.09 29.71 -27.03
CA THR A 360 12.54 30.61 -28.02
C THR A 360 12.18 29.68 -29.20
N TYR A 361 10.93 29.77 -29.66
CA TYR A 361 10.44 28.93 -30.72
C TYR A 361 10.31 29.76 -32.03
N PRO A 362 11.06 29.40 -33.09
CA PRO A 362 10.98 30.13 -34.37
C PRO A 362 9.63 29.98 -35.05
N SER A 363 9.13 31.06 -35.67
CA SER A 363 7.82 31.01 -36.33
C SER A 363 7.80 30.15 -37.58
N ASP A 364 8.95 29.95 -38.21
CA ASP A 364 9.03 29.07 -39.40
C ASP A 364 9.40 27.62 -39.02
N GLY A 365 9.54 27.36 -37.72
CA GLY A 365 9.89 26.04 -37.23
C GLY A 365 8.72 25.08 -37.06
N ALA A 366 9.08 23.85 -36.69
CA ALA A 366 8.12 22.79 -36.50
C ALA A 366 7.11 23.11 -35.43
N TRP A 367 7.54 23.72 -34.33
CA TRP A 367 6.63 24.08 -33.21
C TRP A 367 6.80 25.56 -32.83
N PRO A 368 6.12 26.48 -33.55
CA PRO A 368 6.20 27.93 -33.32
C PRO A 368 5.73 28.44 -31.94
N ASP A 369 4.79 27.74 -31.31
CA ASP A 369 4.27 28.16 -30.00
C ASP A 369 3.57 26.93 -29.37
N PRO A 370 4.38 25.97 -28.86
CA PRO A 370 3.81 24.78 -28.26
C PRO A 370 2.95 25.12 -27.02
N ALA A 371 3.37 26.11 -26.23
CA ALA A 371 2.52 26.58 -25.13
C ALA A 371 1.13 27.00 -25.65
N GLY A 372 1.10 27.70 -26.79
CA GLY A 372 -0.16 28.15 -27.41
C GLY A 372 -1.04 27.01 -27.91
N MET A 373 -0.41 25.97 -28.45
CA MET A 373 -1.11 24.77 -28.87
C MET A 373 -1.79 24.11 -27.68
N ILE A 374 -1.04 23.89 -26.62
CA ILE A 374 -1.58 23.25 -25.41
C ILE A 374 -2.72 24.11 -24.81
N ARG A 375 -2.54 25.41 -24.74
CA ARG A 375 -3.58 26.30 -24.25
C ARG A 375 -4.87 26.19 -25.11
N GLU A 376 -4.74 26.23 -26.44
CA GLU A 376 -5.92 26.16 -27.31
C GLU A 376 -6.61 24.81 -27.26
N LEU A 377 -5.81 23.75 -27.25
CA LEU A 377 -6.33 22.42 -27.12
C LEU A 377 -7.06 22.24 -25.78
N HIS A 378 -6.53 22.79 -24.68
CA HIS A 378 -7.26 22.72 -23.38
C HIS A 378 -8.60 23.45 -23.43
N GLU A 379 -8.67 24.64 -24.03
CA GLU A 379 -9.95 25.37 -24.16
C GLU A 379 -10.99 24.57 -24.94
N ARG A 380 -10.54 23.74 -25.88
CA ARG A 380 -11.40 22.87 -26.68
C ARG A 380 -11.73 21.55 -25.94
N GLY A 381 -11.16 21.37 -24.73
CA GLY A 381 -11.41 20.16 -23.93
C GLY A 381 -10.56 18.97 -24.30
N ILE A 382 -9.38 19.22 -24.86
CA ILE A 382 -8.47 18.17 -25.30
C ILE A 382 -7.20 18.22 -24.45
N ARG A 383 -6.79 17.09 -23.87
CA ARG A 383 -5.54 17.01 -23.12
C ARG A 383 -4.41 16.54 -24.02
N VAL A 384 -3.17 16.85 -23.60
CA VAL A 384 -1.97 16.57 -24.39
C VAL A 384 -0.98 15.68 -23.65
N ILE A 385 -0.48 14.67 -24.37
CA ILE A 385 0.41 13.65 -23.83
C ILE A 385 1.64 13.55 -24.74
N LEU A 386 2.82 13.54 -24.13
CA LEU A 386 4.08 13.46 -24.86
C LEU A 386 4.80 12.14 -24.63
N TRP A 387 5.46 11.65 -25.69
CA TRP A 387 6.15 10.36 -25.70
C TRP A 387 7.49 10.44 -25.04
N GLN A 388 7.86 9.35 -24.37
CA GLN A 388 9.15 9.22 -23.68
C GLN A 388 9.65 7.83 -23.85
N ILE A 389 10.95 7.69 -23.56
CA ILE A 389 11.67 6.42 -23.63
C ILE A 389 12.70 6.48 -22.50
N PRO A 390 12.92 5.36 -21.78
CA PRO A 390 13.91 5.36 -20.71
C PRO A 390 15.30 4.95 -21.23
N LEU A 391 15.80 5.76 -22.17
CA LEU A 391 17.06 5.56 -22.84
C LEU A 391 17.66 6.92 -23.18
N GLN A 392 18.99 6.99 -23.15
CA GLN A 392 19.72 8.19 -23.50
C GLN A 392 20.68 7.83 -24.63
N LYS A 393 20.38 8.28 -25.84
CA LYS A 393 21.21 8.00 -27.02
C LYS A 393 22.61 8.59 -26.83
N THR A 394 23.63 7.87 -27.34
CA THR A 394 25.05 8.33 -27.29
C THR A 394 25.78 8.37 -28.64
N ASP A 395 25.22 7.76 -29.68
CA ASP A 395 25.86 7.63 -31.02
C ASP A 395 26.57 8.83 -31.69
N ASP A 396 27.28 8.48 -32.78
CA ASP A 396 28.01 9.39 -33.70
C ASP A 396 27.55 10.87 -33.82
N ASP A 397 26.38 11.08 -34.45
CA ASP A 397 25.95 12.42 -34.86
C ASP A 397 24.95 13.19 -33.99
N LEU A 398 25.03 13.02 -32.67
CA LEU A 398 24.17 13.79 -31.76
C LEU A 398 24.76 15.19 -31.60
N GLY A 399 23.89 16.17 -31.35
CA GLY A 399 24.31 17.56 -31.10
C GLY A 399 24.92 17.69 -29.70
N PRO A 400 25.55 18.84 -29.41
CA PRO A 400 26.20 19.05 -28.10
C PRO A 400 25.28 18.93 -26.87
N GLU A 401 24.01 19.29 -27.03
CA GLU A 401 23.05 19.21 -25.91
C GLU A 401 22.80 17.76 -25.50
N ALA A 402 22.56 16.89 -26.47
CA ALA A 402 22.31 15.47 -26.14
C ALA A 402 23.57 14.77 -25.59
N LEU A 403 24.75 15.08 -26.11
CA LEU A 403 26.00 14.48 -25.58
C LEU A 403 26.25 14.94 -24.16
N ALA A 404 25.95 16.22 -23.89
CA ALA A 404 26.15 16.79 -22.55
C ALA A 404 25.18 16.14 -21.55
N GLN A 405 23.94 15.99 -21.98
CA GLN A 405 22.90 15.40 -21.16
C GLN A 405 23.27 13.95 -20.81
N GLY A 406 23.92 13.27 -21.75
CA GLY A 406 24.38 11.88 -21.54
C GLY A 406 25.55 11.81 -20.58
N ASN A 407 26.51 12.72 -20.74
CA ASN A 407 27.66 12.78 -19.84
C ASN A 407 27.26 13.22 -18.43
N ALA A 408 26.23 14.07 -18.30
CA ALA A 408 25.80 14.47 -16.96
C ALA A 408 25.05 13.31 -16.29
N LEU A 409 24.40 12.48 -17.11
CA LEU A 409 23.70 11.31 -16.60
C LEU A 409 24.71 10.33 -16.01
N ILE A 410 25.76 10.06 -16.78
CA ILE A 410 26.86 9.18 -16.32
C ILE A 410 27.51 9.74 -15.09
N ALA A 411 27.84 11.03 -15.14
CA ALA A 411 28.50 11.71 -14.02
C ALA A 411 27.68 11.76 -12.71
N SER A 412 26.34 11.74 -12.84
CA SER A 412 25.47 11.77 -11.65
C SER A 412 25.52 10.40 -10.98
N GLY A 413 25.87 9.38 -11.78
CA GLY A 413 25.92 8.01 -11.32
C GLY A 413 24.57 7.32 -11.36
N HIS A 414 23.52 8.04 -11.80
CA HIS A 414 22.18 7.45 -11.85
C HIS A 414 21.97 6.73 -13.18
N VAL A 415 22.78 5.70 -13.40
CA VAL A 415 22.70 4.90 -14.62
C VAL A 415 22.84 3.45 -14.22
N VAL A 416 22.11 2.59 -14.91
CA VAL A 416 22.22 1.16 -14.69
C VAL A 416 23.65 0.81 -15.13
N LYS A 417 24.38 0.07 -14.30
CA LYS A 417 25.77 -0.26 -14.63
C LYS A 417 26.01 -1.74 -14.92
N GLU A 418 27.10 -2.02 -15.64
CA GLU A 418 27.58 -3.39 -15.91
C GLU A 418 28.21 -3.89 -14.61
N PRO A 419 28.57 -5.19 -14.53
CA PRO A 419 29.22 -5.64 -13.29
C PRO A 419 30.50 -4.84 -12.94
N ASP A 420 31.29 -4.45 -13.96
CA ASP A 420 32.55 -3.70 -13.71
C ASP A 420 32.38 -2.23 -13.29
N GLY A 421 31.14 -1.75 -13.12
CA GLY A 421 30.90 -0.37 -12.73
C GLY A 421 30.79 0.60 -13.90
N THR A 422 31.08 0.16 -15.14
CA THR A 422 30.91 1.05 -16.30
C THR A 422 29.41 1.12 -16.66
N PRO A 423 28.98 2.16 -17.38
CA PRO A 423 27.56 2.23 -17.72
C PRO A 423 27.04 1.12 -18.65
N TYR A 424 25.85 0.60 -18.36
CA TYR A 424 25.24 -0.39 -19.25
C TYR A 424 24.91 0.28 -20.60
N LYS A 425 25.27 -0.43 -21.67
CA LYS A 425 24.99 -0.01 -23.02
C LYS A 425 23.87 -0.93 -23.55
N ASN A 426 22.81 -0.34 -24.11
CA ASN A 426 21.67 -1.13 -24.59
C ASN A 426 22.12 -2.22 -25.60
N ARG A 427 21.71 -3.47 -25.34
CA ARG A 427 22.07 -4.62 -26.17
C ARG A 427 21.05 -4.93 -27.30
N GLY A 428 19.94 -4.20 -27.34
CA GLY A 428 18.94 -4.34 -28.41
C GLY A 428 19.41 -3.72 -29.72
N TRP A 429 18.70 -4.04 -30.82
CA TRP A 429 19.04 -3.51 -32.16
C TRP A 429 18.58 -2.05 -32.33
N TRP A 430 17.53 -1.68 -31.58
CA TRP A 430 16.96 -0.32 -31.58
C TRP A 430 17.61 0.49 -30.46
N PHE A 431 17.98 1.75 -30.76
CA PHE A 431 18.73 2.61 -29.82
C PHE A 431 19.99 1.86 -29.38
N PRO A 432 20.82 1.43 -30.36
CA PRO A 432 22.01 0.66 -29.98
C PRO A 432 22.99 1.43 -29.08
N ASN A 433 23.43 0.77 -28.01
CA ASN A 433 24.40 1.34 -27.05
C ASN A 433 23.92 2.56 -26.25
N ALA A 434 22.61 2.78 -26.19
CA ALA A 434 22.08 3.89 -25.40
C ALA A 434 22.22 3.58 -23.91
N LEU A 435 22.32 4.61 -23.09
CA LEU A 435 22.43 4.42 -21.64
C LEU A 435 21.02 4.28 -21.09
N MET A 436 20.91 3.62 -19.95
CA MET A 436 19.62 3.47 -19.25
C MET A 436 19.70 4.16 -17.89
N PRO A 437 18.80 5.13 -17.65
CA PRO A 437 18.84 5.75 -16.34
C PRO A 437 18.44 4.76 -15.25
N ASP A 438 19.09 4.87 -14.09
CA ASP A 438 18.74 4.02 -12.96
C ASP A 438 17.58 4.69 -12.26
N LEU A 439 16.37 4.14 -12.43
CA LEU A 439 15.17 4.69 -11.81
C LEU A 439 14.78 3.86 -10.57
N SER A 440 15.74 3.11 -10.02
CA SER A 440 15.48 2.25 -8.88
C SER A 440 15.39 2.97 -7.53
N THR A 441 16.05 4.13 -7.37
CA THR A 441 16.00 4.91 -6.13
C THR A 441 15.29 6.25 -6.39
N GLU A 442 14.81 6.89 -5.33
CA GLU A 442 14.13 8.19 -5.45
C GLU A 442 15.01 9.26 -6.13
N ALA A 443 16.26 9.35 -5.70
CA ALA A 443 17.22 10.31 -6.24
C ALA A 443 17.42 10.10 -7.76
N GLY A 444 17.44 8.84 -8.18
CA GLY A 444 17.60 8.50 -9.60
C GLY A 444 16.42 8.92 -10.45
N ARG A 445 15.22 8.68 -9.93
CA ARG A 445 13.98 9.03 -10.61
C ARG A 445 13.84 10.52 -10.72
N GLN A 446 14.22 11.23 -9.66
CA GLN A 446 14.12 12.69 -9.67
C GLN A 446 15.11 13.31 -10.62
N TRP A 447 16.30 12.74 -10.74
CA TRP A 447 17.30 13.30 -11.67
C TRP A 447 16.83 13.19 -13.14
N TRP A 448 16.22 12.07 -13.50
CA TRP A 448 15.72 11.88 -14.86
C TRP A 448 14.48 12.75 -15.13
N THR A 449 13.52 12.73 -14.20
CA THR A 449 12.27 13.46 -14.41
C THR A 449 12.38 14.97 -14.25
N GLU A 450 13.33 15.46 -13.45
CA GLU A 450 13.51 16.91 -13.28
C GLU A 450 13.81 17.57 -14.63
N GLN A 451 14.49 16.86 -15.52
CA GLN A 451 14.80 17.32 -16.89
C GLN A 451 13.51 17.62 -17.68
N ARG A 452 12.43 16.91 -17.35
CA ARG A 452 11.11 17.08 -17.99
C ARG A 452 10.08 17.91 -17.20
N ARG A 453 10.44 18.39 -16.01
CA ARG A 453 9.49 19.12 -15.17
C ARG A 453 8.87 20.32 -15.88
N TYR A 454 9.68 21.11 -16.58
CA TYR A 454 9.16 22.32 -17.28
C TYR A 454 8.02 21.98 -18.27
N LEU A 455 8.03 20.78 -18.86
CA LEU A 455 6.96 20.39 -19.80
C LEU A 455 5.60 20.37 -19.10
N VAL A 456 5.58 19.89 -17.85
CA VAL A 456 4.36 19.84 -17.06
C VAL A 456 4.07 21.18 -16.38
N GLU A 457 5.08 21.79 -15.75
CA GLU A 457 4.86 23.03 -15.00
C GLU A 457 4.74 24.32 -15.79
N ASP A 458 5.49 24.44 -16.88
CA ASP A 458 5.52 25.65 -17.69
C ASP A 458 4.67 25.53 -18.97
N LEU A 459 4.83 24.45 -19.73
CA LEU A 459 4.03 24.21 -20.94
C LEU A 459 2.64 23.59 -20.66
N ASP A 460 2.49 23.02 -19.47
CA ASP A 460 1.21 22.53 -18.98
C ASP A 460 0.68 21.24 -19.62
N ILE A 461 1.54 20.32 -20.06
CA ILE A 461 1.06 19.05 -20.61
C ILE A 461 0.40 18.23 -19.51
N ASP A 462 -0.39 17.24 -19.91
CA ASP A 462 -1.21 16.47 -18.99
C ASP A 462 -0.75 15.04 -18.71
N GLY A 463 0.29 14.58 -19.37
CA GLY A 463 0.76 13.25 -19.13
C GLY A 463 1.78 12.84 -20.15
N PHE A 464 2.26 11.59 -20.01
CA PHE A 464 3.29 11.04 -20.85
C PHE A 464 3.01 9.65 -21.37
N LYS A 465 3.44 9.37 -22.60
CA LYS A 465 3.34 8.02 -23.14
C LYS A 465 4.70 7.40 -22.89
N THR A 466 4.81 6.69 -21.77
CA THR A 466 6.04 6.06 -21.33
C THR A 466 6.23 4.74 -22.04
N ASP A 467 6.72 4.84 -23.26
CA ASP A 467 6.95 3.70 -24.12
C ASP A 467 8.26 3.03 -23.68
N GLY A 468 8.46 1.78 -24.09
CA GLY A 468 9.68 1.01 -23.78
C GLY A 468 9.73 0.45 -22.36
N GLY A 469 10.95 0.29 -21.83
CA GLY A 469 11.21 -0.22 -20.48
C GLY A 469 11.69 -1.67 -20.41
N GLU A 470 11.91 -2.30 -21.57
CA GLU A 470 12.32 -3.69 -21.62
C GLU A 470 13.78 -3.88 -22.00
N HIS A 471 14.59 -2.83 -21.91
CA HIS A 471 15.96 -2.84 -22.45
C HIS A 471 17.06 -3.44 -21.61
N ALA A 472 16.79 -3.70 -20.33
CA ALA A 472 17.82 -4.23 -19.45
C ALA A 472 17.94 -5.75 -19.56
N TRP A 473 19.07 -6.20 -20.12
CA TRP A 473 19.37 -7.63 -20.21
C TRP A 473 20.64 -7.84 -19.42
N GLY A 474 20.75 -8.97 -18.74
CA GLY A 474 21.95 -9.30 -17.96
C GLY A 474 21.59 -9.51 -16.52
N SER A 475 21.87 -10.71 -16.00
CA SER A 475 21.57 -11.02 -14.61
C SER A 475 22.54 -10.35 -13.63
N ASP A 476 23.70 -9.88 -14.10
CA ASP A 476 24.72 -9.24 -13.23
C ASP A 476 24.81 -7.71 -13.34
N LEU A 477 23.78 -7.07 -13.90
CA LEU A 477 23.77 -5.61 -13.94
C LEU A 477 23.63 -5.11 -12.51
N ARG A 478 23.99 -3.85 -12.28
CA ARG A 478 23.92 -3.26 -10.93
C ARG A 478 22.99 -2.06 -10.90
N TYR A 479 22.14 -2.02 -9.88
CA TYR A 479 21.22 -0.91 -9.67
C TYR A 479 21.54 -0.25 -8.36
N GLU A 480 21.32 1.05 -8.27
CA GLU A 480 21.57 1.79 -7.04
C GLU A 480 20.73 1.28 -5.85
N ASP A 481 19.57 0.64 -6.10
CA ASP A 481 18.77 0.07 -5.00
C ASP A 481 19.41 -1.17 -4.36
N GLY A 482 20.54 -1.65 -4.89
CA GLY A 482 21.22 -2.82 -4.33
C GLY A 482 20.92 -4.11 -5.11
N ARG A 483 19.84 -4.13 -5.87
CA ARG A 483 19.47 -5.30 -6.67
C ARG A 483 20.36 -5.47 -7.89
N ARG A 484 20.53 -6.71 -8.31
CA ARG A 484 21.27 -7.02 -9.52
C ARG A 484 20.23 -7.23 -10.62
N GLY A 485 20.68 -7.36 -11.87
CA GLY A 485 19.81 -7.53 -13.03
C GLY A 485 18.80 -8.67 -12.95
N ASP A 486 19.20 -9.79 -12.34
CA ASP A 486 18.32 -10.94 -12.13
C ASP A 486 16.98 -10.52 -11.52
N GLU A 487 17.00 -9.46 -10.70
CA GLU A 487 15.81 -8.91 -10.05
C GLU A 487 15.34 -7.57 -10.61
N GLY A 488 16.27 -6.67 -10.88
CA GLY A 488 15.92 -5.32 -11.32
C GLY A 488 15.42 -5.15 -12.72
N ASN A 489 15.83 -6.03 -13.62
CA ASN A 489 15.45 -5.90 -15.03
C ASN A 489 13.92 -5.99 -15.26
N ASN A 490 13.25 -6.93 -14.61
CA ASN A 490 11.78 -7.04 -14.73
C ASN A 490 11.05 -5.95 -13.96
N LEU A 491 11.68 -5.49 -12.88
CA LEU A 491 11.10 -4.44 -12.06
C LEU A 491 11.19 -3.07 -12.77
N TYR A 492 12.17 -2.92 -13.67
CA TYR A 492 12.42 -1.65 -14.37
C TYR A 492 11.19 -0.87 -14.87
N PRO A 493 10.30 -1.50 -15.68
CA PRO A 493 9.14 -0.76 -16.20
C PRO A 493 8.21 -0.21 -15.11
N VAL A 494 8.17 -0.87 -13.95
CA VAL A 494 7.32 -0.42 -12.83
C VAL A 494 7.92 0.86 -12.27
N ASN A 495 9.23 0.86 -12.04
CA ASN A 495 9.92 2.05 -11.53
C ASN A 495 9.84 3.25 -12.49
N TYR A 496 9.90 2.94 -13.79
CA TYR A 496 9.81 3.89 -14.89
C TYR A 496 8.46 4.62 -14.93
N ALA A 497 7.37 3.87 -14.89
CA ALA A 497 6.02 4.43 -14.84
C ALA A 497 5.82 5.21 -13.55
N ARG A 498 6.33 4.65 -12.45
CA ARG A 498 6.25 5.30 -11.16
C ARG A 498 6.96 6.65 -11.16
N ALA A 499 8.12 6.72 -11.81
CA ALA A 499 8.92 7.96 -11.84
C ALA A 499 8.14 9.13 -12.42
N TYR A 500 7.52 8.89 -13.59
CA TYR A 500 6.72 9.89 -14.29
C TYR A 500 5.40 10.22 -13.58
N GLY A 501 4.80 9.22 -12.95
CA GLY A 501 3.59 9.44 -12.15
C GLY A 501 3.93 10.34 -10.96
N ASP A 502 5.11 10.15 -10.37
CA ASP A 502 5.56 11.01 -9.25
C ASP A 502 5.85 12.43 -9.70
N LEU A 503 6.38 12.58 -10.92
CA LEU A 503 6.59 13.91 -11.46
C LEU A 503 5.26 14.66 -11.59
N LEU A 504 4.30 14.01 -12.26
CA LEU A 504 3.00 14.59 -12.47
C LEU A 504 2.32 14.95 -11.13
N ARG A 505 2.34 14.01 -10.18
CA ARG A 505 1.74 14.26 -8.84
C ARG A 505 2.34 15.52 -8.24
N SER A 506 3.68 15.61 -8.25
CA SER A 506 4.40 16.78 -7.71
C SER A 506 4.05 18.12 -8.39
N ALA A 507 3.57 18.08 -9.64
CA ALA A 507 3.19 19.29 -10.38
C ALA A 507 1.68 19.59 -10.30
N GLY A 508 0.98 19.01 -9.33
CA GLY A 508 -0.48 19.20 -9.16
C GLY A 508 -1.42 18.47 -10.12
N LYS A 509 -0.93 17.43 -10.83
CA LYS A 509 -1.76 16.71 -11.81
C LYS A 509 -1.96 15.24 -11.51
N TYR A 510 -2.94 14.64 -12.21
CA TYR A 510 -3.20 13.22 -12.11
C TYR A 510 -2.02 12.48 -12.74
N PRO A 511 -1.65 11.29 -12.21
CA PRO A 511 -0.51 10.52 -12.71
C PRO A 511 -0.85 9.72 -13.95
N VAL A 512 -1.15 10.42 -15.02
CA VAL A 512 -1.54 9.78 -16.27
C VAL A 512 -0.30 9.43 -17.10
N THR A 513 0.18 8.20 -16.95
CA THR A 513 1.25 7.66 -17.79
C THR A 513 0.57 6.63 -18.67
N PHE A 514 1.08 6.43 -19.88
CA PHE A 514 0.49 5.46 -20.84
C PHE A 514 1.67 4.59 -21.24
N SER A 515 1.68 3.35 -20.75
CA SER A 515 2.79 2.41 -20.92
C SER A 515 2.39 1.12 -21.54
N ARG A 516 3.37 0.38 -22.05
CA ARG A 516 3.12 -0.95 -22.59
C ARG A 516 3.78 -2.06 -21.76
N SER A 517 4.87 -1.77 -21.05
CA SER A 517 5.54 -2.83 -20.27
C SER A 517 5.31 -2.67 -18.79
N GLY A 518 5.46 -3.76 -18.07
CA GLY A 518 5.18 -3.78 -16.65
C GLY A 518 5.44 -5.14 -16.05
N PHE A 519 5.18 -5.23 -14.75
CA PHE A 519 5.38 -6.42 -13.97
C PHE A 519 4.56 -6.20 -12.70
N THR A 520 4.61 -7.14 -11.75
CA THR A 520 3.93 -6.97 -10.47
C THR A 520 4.20 -5.58 -9.92
N GLY A 521 3.15 -4.87 -9.56
CA GLY A 521 3.30 -3.49 -9.06
C GLY A 521 2.83 -2.42 -10.04
N SER A 522 2.81 -2.74 -11.34
CA SER A 522 2.34 -1.86 -12.42
C SER A 522 0.87 -1.46 -12.27
N GLN A 523 0.10 -2.29 -11.56
CA GLN A 523 -1.32 -2.00 -11.31
C GLN A 523 -1.53 -0.59 -10.78
N ALA A 524 -0.62 -0.13 -9.94
CA ALA A 524 -0.77 1.15 -9.29
C ALA A 524 -0.26 2.35 -10.08
N HIS A 525 0.32 2.14 -11.26
CA HIS A 525 0.92 3.22 -12.01
C HIS A 525 0.41 3.41 -13.44
N GLY A 526 -0.65 4.21 -13.54
CA GLY A 526 -1.22 4.64 -14.80
C GLY A 526 -2.06 3.70 -15.63
N LEU A 527 -1.94 3.91 -16.94
CA LEU A 527 -2.68 3.26 -17.98
C LEU A 527 -1.73 2.42 -18.86
N TYR A 528 -2.30 1.44 -19.54
CA TYR A 528 -1.57 0.51 -20.38
C TYR A 528 -2.22 0.28 -21.73
N TRP A 529 -1.40 0.07 -22.76
CA TRP A 529 -1.91 -0.31 -24.09
C TRP A 529 -1.20 -1.61 -24.48
N ALA A 530 -1.84 -2.35 -25.38
CA ALA A 530 -1.37 -3.67 -25.80
C ALA A 530 -0.11 -3.76 -26.66
N GLY A 531 0.50 -2.62 -26.98
CA GLY A 531 1.73 -2.63 -27.77
C GLY A 531 1.57 -2.66 -29.29
N ASP A 532 2.63 -3.12 -29.97
CA ASP A 532 2.72 -3.07 -31.44
C ASP A 532 2.15 -4.27 -32.17
N GLU A 533 1.23 -4.01 -33.11
CA GLU A 533 0.69 -5.08 -33.95
C GLU A 533 0.38 -4.63 -35.36
N ASP A 534 0.27 -5.63 -36.23
CA ASP A 534 -0.14 -5.45 -37.59
C ASP A 534 -1.66 -5.22 -37.61
N SER A 535 -2.15 -4.72 -38.74
CA SER A 535 -3.57 -4.49 -38.96
C SER A 535 -4.17 -5.76 -39.55
N THR A 536 -4.37 -6.77 -38.70
CA THR A 536 -4.98 -8.04 -39.10
C THR A 536 -6.12 -8.49 -38.19
N TRP A 537 -6.92 -9.44 -38.67
CA TRP A 537 -8.01 -9.96 -37.85
C TRP A 537 -7.48 -10.76 -36.66
N GLU A 538 -6.43 -11.54 -36.89
CA GLU A 538 -5.85 -12.33 -35.81
C GLU A 538 -5.35 -11.43 -34.67
N ALA A 539 -4.72 -10.30 -35.03
CA ALA A 539 -4.19 -9.35 -34.08
C ALA A 539 -5.30 -8.72 -33.24
N PHE A 540 -6.44 -8.50 -33.89
CA PHE A 540 -7.63 -7.97 -33.26
C PHE A 540 -8.09 -8.99 -32.22
N ARG A 541 -8.14 -10.26 -32.59
CA ARG A 541 -8.54 -11.31 -31.66
C ARG A 541 -7.56 -11.40 -30.48
N SER A 542 -6.27 -11.36 -30.77
CA SER A 542 -5.26 -11.36 -29.70
C SER A 542 -5.38 -10.16 -28.78
N SER A 543 -5.69 -8.99 -29.35
CA SER A 543 -5.81 -7.77 -28.55
C SER A 543 -6.92 -7.90 -27.52
N ILE A 544 -8.05 -8.49 -27.91
CA ILE A 544 -9.17 -8.72 -26.98
C ILE A 544 -8.67 -9.57 -25.79
N THR A 545 -8.02 -10.69 -26.12
CA THR A 545 -7.46 -11.58 -25.10
C THR A 545 -6.46 -10.83 -24.19
N ALA A 546 -5.65 -9.96 -24.80
CA ALA A 546 -4.68 -9.19 -24.04
C ALA A 546 -5.37 -8.32 -22.98
N GLY A 547 -6.47 -7.67 -23.36
CA GLY A 547 -7.20 -6.81 -22.45
C GLY A 547 -7.89 -7.54 -21.33
N ILE A 548 -8.50 -8.67 -21.64
CA ILE A 548 -9.19 -9.47 -20.65
C ILE A 548 -8.18 -10.06 -19.66
N THR A 549 -7.10 -10.65 -20.18
CA THR A 549 -6.08 -11.26 -19.30
C THR A 549 -5.38 -10.20 -18.45
N ALA A 550 -5.19 -9.00 -19.01
CA ALA A 550 -4.58 -7.90 -18.29
C ALA A 550 -5.52 -7.48 -17.14
N GLY A 551 -6.81 -7.35 -17.44
CA GLY A 551 -7.80 -7.00 -16.45
C GLY A 551 -7.81 -7.99 -15.31
N ALA A 552 -7.62 -9.27 -15.64
CA ALA A 552 -7.60 -10.33 -14.68
C ALA A 552 -6.37 -10.34 -13.77
N CYS A 553 -5.39 -9.49 -14.03
CA CYS A 553 -4.22 -9.37 -13.17
C CYS A 553 -4.18 -7.99 -12.50
N GLY A 554 -5.27 -7.22 -12.68
CA GLY A 554 -5.43 -5.90 -12.06
C GLY A 554 -5.00 -4.68 -12.87
N ILE A 555 -4.82 -4.85 -14.19
CA ILE A 555 -4.46 -3.74 -15.08
C ILE A 555 -5.79 -3.23 -15.60
N LEU A 556 -6.32 -2.22 -14.92
CA LEU A 556 -7.67 -1.71 -15.15
C LEU A 556 -7.84 -0.79 -16.36
N TYR A 557 -6.96 0.18 -16.50
CA TYR A 557 -7.04 1.16 -17.56
C TYR A 557 -6.23 0.69 -18.77
N TRP A 558 -6.83 -0.20 -19.56
CA TRP A 558 -6.17 -0.81 -20.71
C TRP A 558 -6.81 -0.37 -22.03
N GLY A 559 -5.98 -0.22 -23.05
CA GLY A 559 -6.42 0.12 -24.40
C GLY A 559 -5.53 -0.58 -25.40
N TRP A 560 -5.74 -0.33 -26.68
CA TRP A 560 -4.92 -0.90 -27.75
C TRP A 560 -5.00 0.01 -28.97
N ASP A 561 -4.09 -0.17 -29.94
CA ASP A 561 -4.11 0.61 -31.17
C ASP A 561 -5.21 -0.01 -31.98
N LEU A 562 -6.38 0.63 -32.05
CA LEU A 562 -7.53 0.02 -32.73
C LEU A 562 -7.25 -0.23 -34.20
N ALA A 563 -7.55 -1.47 -34.61
CA ALA A 563 -7.32 -2.00 -35.97
C ALA A 563 -5.84 -2.11 -36.36
N GLY A 564 -4.92 -1.96 -35.38
CA GLY A 564 -3.49 -2.09 -35.65
C GLY A 564 -2.84 -0.82 -36.15
N PHE A 565 -1.59 -0.60 -35.77
CA PHE A 565 -0.86 0.61 -36.16
C PHE A 565 0.17 0.39 -37.28
N SER A 566 0.54 -0.86 -37.58
CA SER A 566 1.62 -1.14 -38.57
C SER A 566 1.12 -1.53 -39.94
N GLY A 567 1.91 -1.21 -40.95
CA GLY A 567 1.62 -1.54 -42.35
C GLY A 567 0.53 -0.69 -43.00
N PRO A 568 0.10 -1.08 -44.22
CA PRO A 568 -0.96 -0.34 -44.90
C PRO A 568 -2.18 -0.24 -44.00
N VAL A 569 -3.01 0.77 -44.21
CA VAL A 569 -4.17 0.93 -43.36
C VAL A 569 -5.06 -0.33 -43.38
N PRO A 570 -5.72 -0.60 -42.24
CA PRO A 570 -6.64 -1.73 -42.21
C PRO A 570 -7.75 -1.59 -43.26
N GLU A 571 -8.20 -2.70 -43.82
CA GLU A 571 -9.34 -2.68 -44.75
C GLU A 571 -10.56 -2.07 -44.00
N ALA A 572 -11.54 -1.59 -44.74
CA ALA A 572 -12.69 -0.93 -44.14
C ALA A 572 -13.43 -1.75 -43.08
N GLU A 573 -13.68 -3.02 -43.38
CA GLU A 573 -14.39 -3.88 -42.47
C GLU A 573 -13.67 -4.07 -41.12
N LEU A 574 -12.34 -4.19 -41.15
CA LEU A 574 -11.56 -4.39 -39.92
C LEU A 574 -11.58 -3.14 -39.05
N TYR A 575 -11.41 -1.99 -39.71
CA TYR A 575 -11.49 -0.72 -39.03
C TYR A 575 -12.85 -0.58 -38.36
N ALA A 576 -13.92 -0.81 -39.12
CA ALA A 576 -15.26 -0.68 -38.60
C ALA A 576 -15.50 -1.56 -37.37
N ARG A 577 -15.12 -2.83 -37.46
CA ARG A 577 -15.33 -3.77 -36.36
C ARG A 577 -14.48 -3.44 -35.15
N ALA A 578 -13.25 -2.96 -35.40
CA ALA A 578 -12.34 -2.62 -34.36
C ALA A 578 -12.75 -1.36 -33.62
N PHE A 579 -13.19 -0.35 -34.38
CA PHE A 579 -13.59 0.92 -33.82
C PHE A 579 -14.76 0.70 -32.88
N ALA A 580 -15.70 -0.15 -33.31
CA ALA A 580 -16.87 -0.54 -32.50
C ALA A 580 -16.47 -1.26 -31.21
N ALA A 581 -15.54 -2.21 -31.31
CA ALA A 581 -15.04 -2.91 -30.13
C ALA A 581 -14.37 -1.92 -29.17
N ALA A 582 -13.48 -1.08 -29.71
CA ALA A 582 -12.75 -0.10 -28.89
C ALA A 582 -13.69 0.81 -28.09
N THR A 583 -14.84 1.13 -28.68
CA THR A 583 -15.85 1.94 -28.04
C THR A 583 -16.30 1.33 -26.69
N PHE A 584 -16.26 -0.01 -26.60
CA PHE A 584 -16.62 -0.71 -25.38
C PHE A 584 -15.41 -1.33 -24.64
N MET A 585 -14.32 -0.57 -24.60
CA MET A 585 -13.11 -0.94 -23.88
C MET A 585 -12.69 0.26 -23.04
N PRO A 586 -11.84 0.06 -22.01
CA PRO A 586 -11.45 1.18 -21.12
C PRO A 586 -10.81 2.39 -21.80
N ILE A 587 -9.79 2.17 -22.62
CA ILE A 587 -9.15 3.24 -23.36
C ILE A 587 -9.38 2.99 -24.86
N MET A 588 -10.08 3.94 -25.49
CA MET A 588 -10.40 3.91 -26.91
C MET A 588 -9.36 4.82 -27.58
N GLN A 589 -8.53 4.24 -28.47
CA GLN A 589 -7.39 4.95 -29.05
C GLN A 589 -7.01 4.40 -30.43
N TYR A 590 -6.71 5.31 -31.36
CA TYR A 590 -6.20 4.95 -32.69
C TYR A 590 -4.81 5.54 -32.80
N HIS A 591 -3.93 4.83 -33.49
CA HIS A 591 -2.53 5.21 -33.60
C HIS A 591 -1.92 4.63 -34.89
N SER A 592 -0.81 5.21 -35.37
CA SER A 592 -0.10 4.74 -36.58
C SER A 592 1.41 4.84 -36.42
N GLU A 593 2.08 3.84 -36.99
CA GLU A 593 3.51 3.71 -36.94
C GLU A 593 4.19 4.66 -37.90
N PHE A 594 5.40 5.10 -37.54
CA PHE A 594 6.23 5.93 -38.37
C PHE A 594 6.42 5.20 -39.71
N HIS A 595 6.44 5.94 -40.80
CA HIS A 595 6.62 5.34 -42.13
C HIS A 595 7.41 6.27 -43.07
N HIS A 596 8.39 6.96 -42.50
CA HIS A 596 9.25 7.91 -43.22
C HIS A 596 8.50 8.98 -44.05
N HIS A 597 7.26 9.29 -43.68
CA HIS A 597 6.46 10.29 -44.41
C HIS A 597 6.31 9.96 -45.91
N GLU A 598 6.30 8.67 -46.21
CA GLU A 598 6.20 8.19 -47.58
C GLU A 598 4.75 8.05 -47.93
N LEU A 599 4.50 7.81 -49.20
CA LEU A 599 3.15 7.69 -49.73
C LEU A 599 2.74 6.22 -49.75
N PRO A 600 1.47 5.89 -49.47
CA PRO A 600 0.43 6.83 -49.10
C PRO A 600 0.37 7.00 -47.57
N LEU A 601 -0.39 8.00 -47.16
CA LEU A 601 -0.55 8.36 -45.75
C LEU A 601 -1.13 7.18 -44.98
N ARG A 602 -0.50 6.84 -43.87
CA ARG A 602 -0.89 5.68 -43.04
C ARG A 602 -1.58 5.98 -41.71
N ASP A 603 -2.04 7.22 -41.52
CA ASP A 603 -2.76 7.59 -40.31
C ASP A 603 -3.99 6.70 -40.17
N ARG A 604 -4.34 6.37 -38.94
CA ARG A 604 -5.55 5.60 -38.66
C ARG A 604 -6.73 6.48 -38.32
N THR A 605 -6.76 7.68 -38.91
CA THR A 605 -7.88 8.60 -38.75
C THR A 605 -9.05 8.02 -39.53
N PRO A 606 -10.29 8.24 -39.06
CA PRO A 606 -11.40 7.71 -39.84
C PRO A 606 -11.43 8.20 -41.30
N TRP A 607 -11.01 9.45 -41.54
CA TRP A 607 -11.02 10.04 -42.90
C TRP A 607 -9.92 9.46 -43.78
N ASN A 608 -8.73 9.27 -43.23
CA ASN A 608 -7.67 8.70 -44.02
C ASN A 608 -8.01 7.26 -44.40
N VAL A 609 -8.48 6.46 -43.44
CA VAL A 609 -8.84 5.08 -43.77
C VAL A 609 -9.96 5.07 -44.83
N ALA A 610 -10.92 6.00 -44.71
CA ALA A 610 -12.00 6.13 -45.69
C ALA A 610 -11.48 6.53 -47.06
N GLU A 611 -10.54 7.47 -47.11
CA GLU A 611 -9.93 7.89 -48.38
C GLU A 611 -9.23 6.71 -49.05
N GLN A 612 -8.32 6.08 -48.30
CA GLN A 612 -7.51 5.00 -48.85
C GLN A 612 -8.32 3.79 -49.24
N THR A 613 -9.35 3.45 -48.47
CA THR A 613 -10.17 2.26 -48.77
C THR A 613 -11.32 2.52 -49.74
N GLY A 614 -11.65 3.79 -49.98
CA GLY A 614 -12.82 4.16 -50.82
C GLY A 614 -14.18 4.05 -50.10
N CYS A 615 -14.17 3.74 -48.79
CA CYS A 615 -15.38 3.55 -47.98
C CYS A 615 -15.76 4.80 -47.19
N GLY A 616 -16.54 5.68 -47.82
CA GLY A 616 -16.97 6.94 -47.21
C GLY A 616 -17.71 6.79 -45.89
N GLU A 617 -18.47 5.69 -45.76
CA GLU A 617 -19.25 5.40 -44.55
C GLU A 617 -18.45 5.39 -43.27
N LEU A 618 -17.16 5.08 -43.35
CA LEU A 618 -16.33 5.04 -42.17
C LEU A 618 -16.40 6.31 -41.36
N ILE A 619 -16.50 7.46 -42.03
CA ILE A 619 -16.58 8.72 -41.29
C ILE A 619 -17.91 8.74 -40.51
N ASP A 620 -19.02 8.30 -41.12
CA ASP A 620 -20.33 8.23 -40.40
C ASP A 620 -20.28 7.23 -39.26
N LEU A 621 -19.61 6.10 -39.47
CA LEU A 621 -19.47 5.10 -38.42
C LEU A 621 -18.65 5.64 -37.24
N ALA A 622 -17.58 6.36 -37.53
CA ALA A 622 -16.78 6.93 -36.47
C ALA A 622 -17.64 7.91 -35.67
N ARG A 623 -18.44 8.73 -36.38
CA ARG A 623 -19.38 9.66 -35.73
C ARG A 623 -20.35 8.89 -34.83
N HIS A 624 -20.95 7.84 -35.38
CA HIS A 624 -21.89 7.03 -34.65
C HIS A 624 -21.28 6.43 -33.37
N TYR A 625 -20.16 5.73 -33.48
CA TYR A 625 -19.55 5.16 -32.28
C TYR A 625 -18.95 6.19 -31.29
N THR A 626 -18.45 7.31 -31.79
CA THR A 626 -17.90 8.31 -30.88
C THR A 626 -19.04 8.94 -30.08
N ARG A 627 -20.21 9.03 -30.72
CA ARG A 627 -21.42 9.54 -30.07
C ARG A 627 -21.83 8.55 -28.97
N VAL A 628 -21.76 7.27 -29.29
CA VAL A 628 -22.04 6.21 -28.30
C VAL A 628 -21.04 6.27 -27.15
N ARG A 629 -19.77 6.52 -27.47
CA ARG A 629 -18.74 6.62 -26.46
C ARG A 629 -19.08 7.76 -25.51
N GLU A 630 -19.47 8.91 -26.06
CA GLU A 630 -19.87 10.03 -25.20
C GLU A 630 -21.03 9.67 -24.25
N ALA A 631 -22.06 9.01 -24.76
CA ALA A 631 -23.22 8.62 -23.96
C ALA A 631 -22.88 7.58 -22.89
N LEU A 632 -21.79 6.85 -23.13
CA LEU A 632 -21.34 5.84 -22.23
C LEU A 632 -20.41 6.36 -21.10
N ARG A 633 -19.97 7.62 -21.19
CA ARG A 633 -19.02 8.12 -20.19
C ARG A 633 -19.53 8.19 -18.74
N PRO A 634 -20.77 8.61 -18.51
CA PRO A 634 -21.25 8.53 -17.12
C PRO A 634 -21.19 7.06 -16.55
N TYR A 635 -21.51 6.07 -17.38
CA TYR A 635 -21.46 4.63 -16.99
C TYR A 635 -20.00 4.19 -16.70
N LEU A 636 -19.09 4.43 -17.64
CA LEU A 636 -17.65 4.16 -17.43
C LEU A 636 -17.08 4.79 -16.12
N VAL A 637 -17.45 6.03 -15.85
CA VAL A 637 -16.98 6.71 -14.65
C VAL A 637 -17.51 6.03 -13.38
N ALA A 638 -18.82 5.73 -13.34
CA ALA A 638 -19.44 5.08 -12.19
C ALA A 638 -18.90 3.67 -11.99
N GLN A 639 -18.74 2.94 -13.08
CA GLN A 639 -18.22 1.56 -12.98
C GLN A 639 -16.75 1.54 -12.56
N THR A 640 -15.98 2.55 -12.95
CA THR A 640 -14.59 2.64 -12.54
C THR A 640 -14.55 2.85 -11.00
N ARG A 641 -15.43 3.69 -10.44
CA ARG A 641 -15.48 3.85 -8.97
C ARG A 641 -15.73 2.52 -8.26
N GLN A 642 -16.68 1.74 -8.79
CA GLN A 642 -17.01 0.43 -8.23
C GLN A 642 -15.82 -0.54 -8.35
N CYS A 643 -15.15 -0.55 -9.51
CA CYS A 643 -13.97 -1.37 -9.72
C CYS A 643 -12.93 -1.08 -8.65
N LEU A 644 -12.66 0.19 -8.36
CA LEU A 644 -11.67 0.52 -7.34
C LEU A 644 -12.11 0.02 -5.96
N GLN A 645 -13.42 0.04 -5.67
CA GLN A 645 -13.92 -0.45 -4.38
C GLN A 645 -14.01 -1.99 -4.28
N THR A 646 -14.48 -2.65 -5.34
CA THR A 646 -14.63 -4.11 -5.30
C THR A 646 -13.34 -4.86 -5.65
N GLY A 647 -12.43 -4.20 -6.38
CA GLY A 647 -11.20 -4.84 -6.85
C GLY A 647 -11.37 -5.57 -8.19
N LYS A 648 -12.58 -5.56 -8.75
CA LYS A 648 -12.84 -6.24 -10.01
C LYS A 648 -12.34 -5.42 -11.21
N PRO A 649 -12.06 -6.10 -12.33
CA PRO A 649 -11.64 -5.35 -13.51
C PRO A 649 -12.81 -4.63 -14.19
N LEU A 650 -12.48 -3.68 -15.05
CA LEU A 650 -13.48 -2.96 -15.84
C LEU A 650 -13.74 -3.81 -17.09
N MET A 651 -12.66 -4.18 -17.80
CA MET A 651 -12.72 -5.10 -18.97
C MET A 651 -12.60 -6.44 -18.31
N ARG A 652 -13.75 -7.08 -18.13
CA ARG A 652 -13.88 -8.20 -17.23
C ARG A 652 -14.27 -9.53 -17.83
N ALA A 653 -13.44 -10.53 -17.53
CA ALA A 653 -13.66 -11.89 -17.96
C ALA A 653 -14.96 -12.42 -17.35
N MET A 654 -15.67 -13.26 -18.11
CA MET A 654 -16.95 -13.83 -17.69
C MET A 654 -16.92 -14.48 -16.32
N PHE A 655 -15.82 -15.16 -15.98
CA PHE A 655 -15.72 -15.89 -14.72
C PHE A 655 -15.83 -15.05 -13.45
N TYR A 656 -15.53 -13.76 -13.50
CA TYR A 656 -15.65 -12.96 -12.28
C TYR A 656 -17.07 -12.94 -11.73
N ASP A 657 -18.06 -12.80 -12.61
CA ASP A 657 -19.45 -12.76 -12.20
C ASP A 657 -20.27 -14.00 -12.54
N HIS A 658 -19.75 -14.89 -13.40
CA HIS A 658 -20.51 -16.08 -13.85
C HIS A 658 -19.73 -17.41 -13.83
N ALA A 659 -18.78 -17.54 -12.90
CA ALA A 659 -17.96 -18.76 -12.80
C ALA A 659 -18.71 -20.07 -12.54
N ASP A 660 -19.93 -20.01 -11.98
CA ASP A 660 -20.73 -21.25 -11.76
C ASP A 660 -21.45 -21.77 -13.03
N ASP A 661 -21.17 -21.14 -14.18
CA ASP A 661 -21.74 -21.51 -15.48
C ASP A 661 -20.60 -21.93 -16.42
N PRO A 662 -20.35 -23.25 -16.56
CA PRO A 662 -19.26 -23.79 -17.40
C PRO A 662 -19.23 -23.40 -18.88
N GLU A 663 -20.39 -23.10 -19.47
CA GLU A 663 -20.44 -22.71 -20.88
C GLU A 663 -19.64 -21.42 -21.19
N ILE A 664 -19.39 -20.55 -20.21
CA ILE A 664 -18.60 -19.32 -20.47
C ILE A 664 -17.22 -19.57 -21.11
N TRP A 665 -16.58 -20.67 -20.73
CA TRP A 665 -15.25 -21.01 -21.23
C TRP A 665 -15.16 -21.29 -22.73
N ALA A 666 -16.29 -21.59 -23.36
CA ALA A 666 -16.33 -21.82 -24.80
C ALA A 666 -16.46 -20.49 -25.58
N HIS A 667 -16.61 -19.37 -24.86
CA HIS A 667 -16.75 -18.05 -25.46
C HIS A 667 -15.74 -17.06 -24.77
N PRO A 668 -14.44 -17.37 -24.87
CA PRO A 668 -13.38 -16.59 -24.22
C PRO A 668 -13.15 -15.15 -24.71
N ARG A 669 -13.78 -14.74 -25.82
CA ARG A 669 -13.64 -13.35 -26.28
C ARG A 669 -14.87 -12.46 -26.06
N GLN A 670 -15.80 -12.95 -25.26
CA GLN A 670 -16.89 -12.13 -24.77
C GLN A 670 -16.37 -11.63 -23.47
N TYR A 671 -16.80 -10.45 -23.06
CA TYR A 671 -16.40 -9.92 -21.76
C TYR A 671 -17.45 -8.97 -21.23
N MET A 672 -17.39 -8.72 -19.93
CA MET A 672 -18.24 -7.73 -19.30
C MET A 672 -17.45 -6.43 -19.24
N LEU A 673 -18.16 -5.32 -19.42
CA LEU A 673 -17.59 -3.99 -19.31
C LEU A 673 -18.32 -3.45 -18.10
N GLY A 674 -17.70 -3.51 -16.93
CA GLY A 674 -18.38 -3.13 -15.69
C GLY A 674 -19.35 -4.24 -15.34
N ASP A 675 -20.26 -3.99 -14.41
CA ASP A 675 -21.26 -4.98 -13.97
C ASP A 675 -22.42 -5.23 -14.94
N GLU A 676 -22.82 -4.22 -15.72
CA GLU A 676 -24.06 -4.31 -16.51
C GLU A 676 -23.99 -4.72 -17.98
N LEU A 677 -22.88 -4.42 -18.66
CA LEU A 677 -22.79 -4.71 -20.11
C LEU A 677 -21.97 -5.94 -20.52
N LEU A 678 -22.56 -6.78 -21.37
CA LEU A 678 -21.87 -7.94 -21.95
C LEU A 678 -21.49 -7.55 -23.40
N ILE A 679 -20.20 -7.64 -23.73
CA ILE A 679 -19.72 -7.23 -25.06
C ILE A 679 -19.21 -8.42 -25.84
N ASN A 680 -19.51 -8.48 -27.13
CA ASN A 680 -19.03 -9.55 -27.98
C ASN A 680 -18.60 -9.03 -29.35
N PRO A 681 -17.38 -8.50 -29.45
CA PRO A 681 -16.85 -7.95 -30.71
C PRO A 681 -16.92 -8.92 -31.92
N VAL A 682 -17.26 -8.41 -33.10
CA VAL A 682 -17.39 -9.24 -34.31
C VAL A 682 -16.01 -9.30 -34.90
N THR A 683 -15.35 -10.44 -34.74
CA THR A 683 -13.95 -10.60 -35.16
C THR A 683 -13.66 -11.44 -36.41
N ALA A 684 -14.62 -11.57 -37.31
CA ALA A 684 -14.43 -12.34 -38.54
C ALA A 684 -14.92 -11.51 -39.75
N PRO A 685 -14.15 -11.53 -40.84
CA PRO A 685 -14.58 -10.79 -42.03
C PRO A 685 -15.77 -11.48 -42.69
N GLY A 686 -16.76 -10.69 -43.06
CA GLY A 686 -17.93 -11.19 -43.81
C GLY A 686 -19.13 -11.66 -42.99
N ALA A 687 -19.09 -11.47 -41.67
CA ALA A 687 -20.20 -11.88 -40.83
C ALA A 687 -21.33 -10.86 -40.94
N THR A 688 -22.54 -11.40 -41.14
CA THR A 688 -23.78 -10.64 -41.22
C THR A 688 -24.65 -10.95 -39.98
N THR A 689 -24.30 -12.01 -39.23
CA THR A 689 -24.94 -12.37 -37.95
C THR A 689 -23.80 -12.73 -36.99
N TRP A 690 -24.03 -12.63 -35.69
CA TRP A 690 -23.00 -13.00 -34.69
C TRP A 690 -23.72 -13.58 -33.49
N THR A 691 -23.16 -14.67 -32.97
CA THR A 691 -23.75 -15.44 -31.86
C THR A 691 -23.06 -15.09 -30.56
N THR A 692 -23.85 -14.87 -29.51
CA THR A 692 -23.35 -14.49 -28.18
C THR A 692 -23.95 -15.42 -27.13
N TYR A 693 -23.14 -15.83 -26.16
CA TYR A 693 -23.66 -16.67 -25.07
C TYR A 693 -24.02 -15.78 -23.89
N LEU A 694 -25.29 -15.85 -23.50
CA LEU A 694 -25.80 -15.06 -22.40
C LEU A 694 -25.92 -15.94 -21.13
N PRO A 695 -25.26 -15.53 -20.03
CA PRO A 695 -25.42 -16.26 -18.78
C PRO A 695 -26.78 -15.99 -18.15
N GLU A 696 -27.09 -16.68 -17.05
CA GLU A 696 -28.38 -16.56 -16.38
C GLU A 696 -28.79 -15.12 -16.09
N GLY A 697 -30.11 -14.91 -16.09
CA GLY A 697 -30.75 -13.62 -15.87
C GLY A 697 -31.39 -13.14 -17.16
N GLN A 698 -31.94 -11.93 -17.15
CA GLN A 698 -32.55 -11.34 -18.35
C GLN A 698 -31.57 -10.31 -18.95
N TRP A 699 -31.53 -10.25 -20.28
CA TRP A 699 -30.62 -9.36 -21.00
C TRP A 699 -31.40 -8.52 -22.01
N GLU A 700 -30.96 -7.28 -22.17
CA GLU A 700 -31.61 -6.30 -23.05
C GLU A 700 -30.66 -5.87 -24.14
N ASP A 701 -31.12 -5.91 -25.39
CA ASP A 701 -30.29 -5.50 -26.52
C ASP A 701 -30.04 -3.99 -26.39
N TYR A 702 -28.78 -3.60 -26.45
CA TYR A 702 -28.35 -2.19 -26.28
C TYR A 702 -28.90 -1.27 -27.36
N TRP A 703 -29.06 -1.80 -28.57
CA TRP A 703 -29.48 -0.99 -29.72
C TRP A 703 -30.99 -0.98 -29.95
N SER A 704 -31.66 -2.12 -29.75
CA SER A 704 -33.12 -2.21 -30.00
C SER A 704 -34.05 -2.34 -28.76
N GLY A 705 -33.49 -2.70 -27.61
CA GLY A 705 -34.31 -2.90 -26.40
C GLY A 705 -34.97 -4.28 -26.33
N GLU A 706 -34.70 -5.15 -27.32
CA GLU A 706 -35.27 -6.49 -27.38
C GLU A 706 -34.74 -7.30 -26.20
N VAL A 707 -35.64 -7.92 -25.43
CA VAL A 707 -35.26 -8.68 -24.26
C VAL A 707 -35.06 -10.15 -24.59
N SER A 708 -33.94 -10.70 -24.13
CA SER A 708 -33.62 -12.11 -24.32
C SER A 708 -33.52 -12.81 -22.99
N GLU A 709 -33.82 -14.10 -22.98
CA GLU A 709 -33.72 -14.93 -21.78
C GLU A 709 -32.27 -15.45 -21.72
N GLY A 710 -31.64 -15.38 -20.55
CA GLY A 710 -30.26 -15.88 -20.40
C GLY A 710 -30.19 -17.40 -20.37
N GLY A 711 -28.98 -17.91 -20.24
CA GLY A 711 -28.77 -19.34 -20.19
C GLY A 711 -28.77 -20.01 -21.54
N HIS A 712 -28.48 -19.26 -22.62
CA HIS A 712 -28.35 -19.86 -23.96
C HIS A 712 -27.74 -18.92 -25.01
N LEU A 713 -27.51 -19.46 -26.21
CA LEU A 713 -26.96 -18.73 -27.34
C LEU A 713 -28.03 -17.90 -28.03
N VAL A 714 -27.68 -16.66 -28.39
CA VAL A 714 -28.58 -15.77 -29.15
C VAL A 714 -27.83 -15.27 -30.37
N THR A 715 -28.53 -15.14 -31.50
CA THR A 715 -27.97 -14.64 -32.75
C THR A 715 -28.54 -13.25 -33.03
N ARG A 716 -27.62 -12.33 -33.37
CA ARG A 716 -27.90 -10.91 -33.62
C ARG A 716 -27.43 -10.57 -35.04
N ALA A 717 -28.23 -9.81 -35.78
CA ALA A 717 -27.81 -9.33 -37.09
C ALA A 717 -26.74 -8.25 -36.82
N VAL A 718 -25.67 -8.22 -37.61
CA VAL A 718 -24.59 -7.28 -37.37
C VAL A 718 -24.13 -6.42 -38.55
N GLY A 719 -24.97 -5.45 -38.93
CA GLY A 719 -24.57 -4.43 -39.89
C GLY A 719 -23.41 -3.71 -39.20
N TRP A 720 -22.62 -2.93 -39.92
CA TRP A 720 -21.44 -2.29 -39.31
C TRP A 720 -21.71 -1.31 -38.14
N ASP A 721 -22.92 -0.80 -38.05
CA ASP A 721 -23.28 0.09 -36.95
C ASP A 721 -23.78 -0.66 -35.68
N ILE A 722 -23.55 -1.98 -35.65
CA ILE A 722 -23.90 -2.82 -34.54
C ILE A 722 -22.69 -3.66 -34.09
N ILE A 723 -22.48 -3.69 -32.77
CA ILE A 723 -21.54 -4.62 -32.13
C ILE A 723 -22.43 -5.19 -31.03
N PRO A 724 -22.55 -6.54 -30.95
CA PRO A 724 -23.45 -7.13 -29.98
C PRO A 724 -23.11 -6.74 -28.56
N VAL A 725 -24.03 -6.05 -27.92
CA VAL A 725 -23.90 -5.56 -26.56
C VAL A 725 -25.24 -5.82 -25.87
N TYR A 726 -25.16 -6.38 -24.68
CA TYR A 726 -26.33 -6.73 -23.90
C TYR A 726 -26.22 -6.16 -22.49
N ARG A 727 -27.32 -5.59 -22.01
CA ARG A 727 -27.39 -5.03 -20.66
C ARG A 727 -28.29 -5.87 -19.78
N ARG A 728 -27.82 -6.19 -18.57
CA ARG A 728 -28.65 -6.94 -17.60
C ARG A 728 -29.89 -6.13 -17.26
N VAL A 729 -31.03 -6.79 -17.18
CA VAL A 729 -32.25 -6.15 -16.78
C VAL A 729 -32.17 -6.06 -15.24
N GLY A 730 -32.11 -4.83 -14.72
CA GLY A 730 -31.96 -4.57 -13.28
C GLY A 730 -33.28 -4.30 -12.61
N MET B 1 32.05 -1.16 13.49
CA MET B 1 31.77 -1.80 14.81
C MET B 1 30.55 -2.74 14.77
N ILE B 2 30.45 -3.54 15.82
CA ILE B 2 29.39 -4.52 15.98
C ILE B 2 28.34 -3.98 16.91
N THR B 3 27.07 -4.16 16.56
CA THR B 3 26.01 -3.69 17.42
C THR B 3 25.16 -4.86 17.89
N HIS B 4 24.94 -4.90 19.21
CA HIS B 4 24.08 -5.89 19.81
C HIS B 4 23.39 -5.28 21.01
N ARG B 5 22.05 -5.34 20.98
CA ARG B 5 21.21 -4.87 22.08
C ARG B 5 20.33 -6.06 22.50
N PRO B 6 20.56 -6.58 23.73
CA PRO B 6 19.77 -7.75 24.15
C PRO B 6 18.25 -7.62 23.90
N ARG B 7 17.67 -6.46 24.21
CA ARG B 7 16.24 -6.23 23.98
C ARG B 7 15.91 -5.59 22.63
N GLY B 8 16.91 -5.36 21.78
CA GLY B 8 16.69 -4.78 20.46
C GLY B 8 16.12 -3.37 20.45
N ILE B 9 15.38 -3.06 19.40
CA ILE B 9 14.75 -1.74 19.27
C ILE B 9 13.60 -1.53 20.25
N GLU B 10 13.09 -2.63 20.81
CA GLU B 10 12.01 -2.61 21.81
C GLU B 10 10.64 -2.18 21.25
N HIS B 11 10.41 -2.63 20.02
CA HIS B 11 9.12 -2.54 19.35
C HIS B 11 8.31 -3.62 20.14
N PRO B 12 7.12 -3.29 20.65
CA PRO B 12 6.32 -4.28 21.42
C PRO B 12 5.82 -5.57 20.69
N TYR B 13 5.69 -5.52 19.37
CA TYR B 13 5.26 -6.66 18.58
C TYR B 13 6.21 -7.01 17.44
N ALA B 14 7.49 -6.64 17.55
CA ALA B 14 8.48 -6.97 16.53
C ALA B 14 9.90 -6.99 17.10
N ARG B 15 10.75 -7.83 16.49
CA ARG B 15 12.16 -7.95 16.88
C ARG B 15 13.07 -7.25 15.88
N SER B 16 14.15 -6.65 16.35
CA SER B 16 15.14 -6.07 15.43
C SER B 16 16.18 -7.17 15.10
N LEU B 17 17.19 -6.84 14.29
CA LEU B 17 18.22 -7.81 13.86
C LEU B 17 19.45 -7.90 14.77
N ASP B 18 19.45 -7.14 15.87
CA ASP B 18 20.60 -7.10 16.77
C ASP B 18 20.23 -7.50 18.20
N GLN B 19 19.32 -8.45 18.37
CA GLN B 19 18.86 -8.79 19.71
C GLN B 19 18.75 -10.27 20.06
N LEU B 20 18.26 -10.52 21.28
CA LEU B 20 17.94 -11.86 21.77
C LEU B 20 16.44 -12.07 21.63
N TYR B 21 16.03 -13.25 21.21
CA TYR B 21 14.62 -13.61 21.12
C TYR B 21 14.46 -15.03 21.59
N PRO B 22 13.76 -15.26 22.70
CA PRO B 22 13.11 -14.21 23.51
C PRO B 22 14.09 -13.23 24.23
N ALA B 23 13.63 -11.99 24.45
CA ALA B 23 14.41 -10.93 25.12
C ALA B 23 14.83 -11.31 26.55
N ILE B 24 13.95 -12.03 27.25
CA ILE B 24 14.26 -12.62 28.58
C ILE B 24 14.42 -14.12 28.27
N PRO B 25 15.67 -14.60 28.10
CA PRO B 25 15.86 -16.01 27.72
C PRO B 25 15.32 -17.01 28.75
N ILE B 26 14.67 -18.06 28.26
CA ILE B 26 14.07 -19.09 29.10
C ILE B 26 14.77 -20.43 28.88
N ALA B 27 15.15 -21.06 29.99
CA ALA B 27 15.84 -22.35 29.97
C ALA B 27 14.91 -23.39 29.35
N GLY B 28 15.46 -24.21 28.45
CA GLY B 28 14.69 -25.26 27.79
C GLY B 28 14.10 -24.90 26.43
N GLN B 29 13.76 -23.64 26.23
CA GLN B 29 13.24 -23.15 24.95
C GLN B 29 14.42 -22.70 24.10
N SER B 30 14.17 -22.41 22.82
CA SER B 30 15.23 -21.93 21.94
C SER B 30 15.49 -20.45 22.16
N LEU B 31 16.67 -20.01 21.74
CA LEU B 31 17.11 -18.62 21.84
C LEU B 31 17.76 -18.24 20.53
N THR B 32 17.27 -17.18 19.91
CA THR B 32 17.81 -16.66 18.65
C THR B 32 18.70 -15.48 19.05
N ILE B 33 19.92 -15.43 18.50
CA ILE B 33 20.89 -14.36 18.83
C ILE B 33 21.21 -13.57 17.57
N GLY B 34 20.97 -12.26 17.63
CA GLY B 34 21.21 -11.36 16.52
C GLY B 34 22.28 -10.31 16.79
N ALA B 35 22.89 -9.84 15.70
CA ALA B 35 23.90 -8.79 15.79
C ALA B 35 24.08 -8.18 14.41
N THR B 36 24.48 -6.90 14.37
CA THR B 36 24.73 -6.19 13.13
C THR B 36 26.12 -5.58 13.12
N THR B 37 26.65 -5.38 11.91
CA THR B 37 27.96 -4.77 11.71
C THR B 37 27.75 -3.48 10.96
N SER B 38 28.51 -2.45 11.31
CA SER B 38 28.39 -1.14 10.66
C SER B 38 28.76 -1.20 9.18
N GLY B 39 29.89 -1.86 8.90
CA GLY B 39 30.37 -2.04 7.53
C GLY B 39 30.16 -3.47 7.11
N PRO B 40 30.57 -3.80 5.88
CA PRO B 40 30.43 -5.17 5.37
C PRO B 40 31.50 -6.11 5.96
N CYS B 41 31.08 -7.32 6.31
CA CYS B 41 31.96 -8.34 6.90
C CYS B 41 31.81 -9.64 6.14
N SER B 42 32.84 -10.48 6.14
CA SER B 42 32.79 -11.78 5.46
C SER B 42 32.42 -12.92 6.41
N ARG B 43 32.54 -12.68 7.71
CA ARG B 43 32.29 -13.70 8.71
C ARG B 43 31.91 -13.05 10.04
N MET B 44 31.19 -13.79 10.87
CA MET B 44 30.74 -13.29 12.15
C MET B 44 30.50 -14.48 13.08
N ARG B 45 31.17 -14.49 14.23
CA ARG B 45 31.04 -15.59 15.18
C ARG B 45 30.51 -15.14 16.55
N CYS B 46 29.76 -16.01 17.21
CA CYS B 46 29.25 -15.72 18.57
C CYS B 46 29.89 -16.71 19.53
N PHE B 47 30.59 -16.17 20.52
CA PHE B 47 31.25 -16.95 21.53
C PHE B 47 30.38 -16.91 22.79
N VAL B 48 29.99 -18.09 23.29
CA VAL B 48 29.20 -18.18 24.52
C VAL B 48 30.06 -18.89 25.55
N LEU B 49 30.31 -18.24 26.67
CA LEU B 49 31.17 -18.79 27.71
C LEU B 49 30.34 -19.29 28.90
N TRP B 50 29.96 -20.56 28.84
CA TRP B 50 29.25 -21.20 29.95
C TRP B 50 30.31 -21.51 31.05
N PRO B 51 29.89 -21.68 32.32
CA PRO B 51 30.86 -21.86 33.44
C PRO B 51 32.01 -22.87 33.23
N GLU B 52 31.73 -24.03 32.62
CA GLU B 52 32.77 -25.04 32.35
C GLU B 52 32.90 -25.42 30.87
N HIS B 53 32.25 -24.68 29.99
CA HIS B 53 32.27 -24.99 28.56
C HIS B 53 32.15 -23.71 27.72
N GLU B 54 33.00 -23.59 26.70
CA GLU B 54 33.03 -22.45 25.80
C GLU B 54 32.54 -22.92 24.43
N GLN B 55 31.53 -22.26 23.86
CA GLN B 55 31.03 -22.65 22.53
C GLN B 55 31.04 -21.48 21.54
N VAL B 56 31.43 -21.79 20.31
CA VAL B 56 31.56 -20.83 19.23
C VAL B 56 30.57 -21.18 18.13
N PHE B 57 29.70 -20.22 17.79
CA PHE B 57 28.71 -20.40 16.73
C PHE B 57 29.13 -19.58 15.50
N ASP B 58 28.97 -20.17 14.31
CA ASP B 58 29.21 -19.45 13.06
C ASP B 58 27.89 -18.85 12.68
N MET B 59 27.81 -17.53 12.68
CA MET B 59 26.55 -16.84 12.38
C MET B 59 26.32 -16.79 10.89
N SER B 60 25.05 -16.68 10.51
CA SER B 60 24.62 -16.60 9.12
C SER B 60 24.05 -15.22 8.85
N PRO B 61 24.26 -14.69 7.63
CA PRO B 61 23.71 -13.38 7.32
C PRO B 61 22.18 -13.40 7.10
N VAL B 62 21.57 -12.21 7.06
CA VAL B 62 20.14 -12.01 6.82
C VAL B 62 19.96 -11.13 5.58
N ASN B 91 23.12 -5.00 7.77
CA ASN B 91 24.00 -6.18 7.75
C ASN B 91 23.79 -7.00 9.01
N GLY B 92 22.68 -7.71 9.03
CA GLY B 92 22.33 -8.53 10.17
C GLY B 92 22.98 -9.90 10.10
N TRP B 93 23.31 -10.43 11.27
CA TRP B 93 23.83 -11.76 11.41
C TRP B 93 22.99 -12.43 12.48
N GLN B 94 22.82 -13.73 12.37
CA GLN B 94 22.00 -14.48 13.28
C GLN B 94 22.45 -15.93 13.47
N THR B 95 22.18 -16.44 14.68
CA THR B 95 22.44 -17.83 15.06
C THR B 95 21.40 -18.20 16.12
N SER B 96 21.33 -19.47 16.49
CA SER B 96 20.38 -19.89 17.53
C SER B 96 20.80 -21.15 18.26
N ILE B 97 20.22 -21.31 19.45
CA ILE B 97 20.45 -22.46 20.31
C ILE B 97 19.08 -23.14 20.48
N PRO B 98 18.91 -24.38 20.00
CA PRO B 98 17.63 -25.09 20.11
C PRO B 98 17.08 -25.29 21.53
N HIS B 99 17.93 -25.66 22.49
CA HIS B 99 17.50 -25.90 23.87
C HIS B 99 18.46 -25.23 24.82
N LEU B 100 18.06 -24.06 25.31
CA LEU B 100 18.95 -23.26 26.15
C LEU B 100 19.25 -23.94 27.49
N PRO B 101 20.55 -24.12 27.80
CA PRO B 101 20.94 -24.69 29.10
C PRO B 101 20.60 -23.77 30.26
N ASP B 102 20.25 -24.33 31.42
CA ASP B 102 19.94 -23.55 32.62
C ASP B 102 21.23 -23.22 33.39
N GLN B 103 22.06 -22.40 32.77
CA GLN B 103 23.33 -21.99 33.33
C GLN B 103 23.68 -20.58 32.88
N ASP B 104 24.21 -19.79 33.80
CA ASP B 104 24.62 -18.43 33.51
C ASP B 104 25.88 -18.44 32.65
N ALA B 105 25.86 -17.61 31.62
CA ALA B 105 26.97 -17.50 30.70
C ALA B 105 27.23 -16.06 30.36
N THR B 106 28.27 -15.85 29.56
CA THR B 106 28.56 -14.54 29.01
C THR B 106 28.83 -14.76 27.53
N TYR B 107 28.58 -13.75 26.72
CA TYR B 107 28.78 -13.90 25.31
C TYR B 107 29.29 -12.60 24.68
N TYR B 108 29.96 -12.75 23.53
CA TYR B 108 30.45 -11.62 22.76
C TYR B 108 30.53 -12.06 21.30
N PHE B 109 30.69 -11.08 20.42
CA PHE B 109 30.74 -11.33 19.01
C PHE B 109 32.06 -10.91 18.40
N GLU B 110 32.48 -11.62 17.37
CA GLU B 110 33.72 -11.33 16.66
C GLU B 110 33.47 -11.36 15.16
N ALA B 111 33.89 -10.30 14.46
CA ALA B 111 33.67 -10.17 13.03
C ALA B 111 34.97 -9.97 12.28
N LEU B 112 35.00 -10.47 11.04
CA LEU B 112 36.14 -10.28 10.16
C LEU B 112 35.61 -9.37 9.07
N THR B 113 36.18 -8.18 8.93
CA THR B 113 35.77 -7.22 7.88
C THR B 113 36.32 -7.66 6.52
N LEU B 114 35.72 -7.14 5.45
CA LEU B 114 36.16 -7.49 4.11
C LEU B 114 37.60 -7.06 3.86
N ASP B 115 38.07 -6.03 4.57
CA ASP B 115 39.46 -5.59 4.44
C ASP B 115 40.44 -6.40 5.32
N GLY B 116 39.93 -7.34 6.13
CA GLY B 116 40.79 -8.20 6.95
C GLY B 116 40.99 -7.81 8.40
N ARG B 117 40.15 -6.91 8.94
CA ARG B 117 40.24 -6.51 10.35
C ARG B 117 39.35 -7.36 11.22
N THR B 118 39.75 -7.52 12.48
CA THR B 118 38.98 -8.24 13.47
C THR B 118 38.37 -7.24 14.41
N GLU B 119 37.04 -7.27 14.54
CA GLU B 119 36.31 -6.41 15.48
C GLU B 119 35.61 -7.28 16.53
N THR B 120 35.70 -6.84 17.78
CA THR B 120 35.15 -7.54 18.93
C THR B 120 34.18 -6.64 19.68
N SER B 121 33.03 -7.20 20.03
CA SER B 121 32.03 -6.46 20.79
C SER B 121 32.36 -6.52 22.28
N GLU B 122 31.55 -5.83 23.06
CA GLU B 122 31.66 -5.92 24.51
C GLU B 122 31.08 -7.29 24.92
N SER B 123 31.35 -7.71 26.15
CA SER B 123 30.77 -8.94 26.66
C SER B 123 29.37 -8.65 27.21
N PHE B 124 28.44 -9.61 27.07
CA PHE B 124 27.06 -9.48 27.54
C PHE B 124 26.69 -10.63 28.47
N PRO B 125 25.83 -10.37 29.48
CA PRO B 125 25.41 -11.46 30.37
C PRO B 125 24.22 -12.26 29.81
N LEU B 126 24.20 -13.58 30.04
CA LEU B 126 23.09 -14.46 29.64
C LEU B 126 22.65 -15.21 30.90
N THR B 127 21.51 -14.82 31.48
CA THR B 127 21.01 -15.41 32.70
C THR B 127 19.64 -16.04 32.44
N PRO B 128 19.63 -17.31 31.99
CA PRO B 128 18.38 -17.99 31.67
C PRO B 128 17.40 -18.06 32.85
N SER B 129 16.12 -17.87 32.55
CA SER B 129 15.07 -17.94 33.54
C SER B 129 14.29 -19.25 33.41
N HIS B 130 13.56 -19.56 34.47
CA HIS B 130 12.68 -20.72 34.55
C HIS B 130 11.46 -20.34 35.39
N TRP B 131 10.34 -21.02 35.14
CA TRP B 131 9.11 -20.81 35.88
C TRP B 131 9.18 -21.63 37.16
N SER B 132 8.99 -20.96 38.30
CA SER B 132 9.01 -21.57 39.63
C SER B 132 7.69 -21.35 40.32
N ALA B 133 7.27 -22.36 41.08
CA ALA B 133 6.03 -22.31 41.85
C ALA B 133 6.29 -21.97 43.32
N GLU B 134 7.51 -21.57 43.66
CA GLU B 134 7.83 -21.21 45.04
C GLU B 134 7.27 -19.83 45.33
N PRO B 135 7.02 -19.51 46.62
CA PRO B 135 6.50 -18.18 46.94
C PRO B 135 7.62 -17.12 46.82
N VAL B 136 8.08 -16.91 45.58
CA VAL B 136 9.14 -15.95 45.27
C VAL B 136 8.63 -14.54 45.51
N GLY B 137 7.34 -14.34 45.27
CA GLY B 137 6.68 -13.05 45.48
C GLY B 137 5.31 -13.26 46.05
N HIS B 138 4.54 -12.19 46.10
CA HIS B 138 3.20 -12.19 46.64
C HIS B 138 2.19 -11.49 45.72
N ILE B 139 1.07 -12.15 45.46
CA ILE B 139 -0.04 -11.57 44.70
C ILE B 139 -1.02 -11.04 45.78
N ASP B 140 -1.23 -9.72 45.83
CA ASP B 140 -2.15 -9.10 46.79
C ASP B 140 -3.52 -8.98 46.16
N ILE B 141 -4.41 -9.92 46.47
CA ILE B 141 -5.74 -9.99 45.85
C ILE B 141 -6.79 -10.62 46.78
N ASP B 142 -8.00 -10.07 46.73
CA ASP B 142 -9.14 -10.58 47.49
C ASP B 142 -10.09 -11.29 46.50
N GLY B 143 -11.38 -11.26 46.73
CA GLY B 143 -12.31 -11.89 45.81
C GLY B 143 -12.43 -13.40 46.00
N ASP B 144 -13.29 -13.99 45.18
CA ASP B 144 -13.60 -15.42 45.24
C ASP B 144 -13.02 -16.17 44.02
N ARG B 145 -12.37 -15.46 43.11
CA ARG B 145 -11.96 -16.04 41.85
C ARG B 145 -10.51 -16.43 41.67
N PHE B 146 -9.65 -15.95 42.56
CA PHE B 146 -8.23 -16.25 42.51
C PHE B 146 -7.95 -17.72 42.88
N ILE B 147 -7.20 -18.40 42.01
CA ILE B 147 -6.81 -19.80 42.15
C ILE B 147 -5.52 -19.77 42.96
N PRO B 148 -5.62 -20.00 44.29
CA PRO B 148 -4.44 -19.84 45.17
C PRO B 148 -3.11 -20.52 44.77
N ASP B 149 -3.14 -21.67 44.09
CA ASP B 149 -1.90 -22.37 43.70
C ASP B 149 -1.39 -22.11 42.25
N SER B 150 -2.03 -21.18 41.54
CA SER B 150 -1.64 -20.89 40.15
C SER B 150 -0.39 -20.02 39.92
N PRO B 151 0.05 -19.20 40.92
CA PRO B 151 1.21 -18.35 40.61
C PRO B 151 2.52 -19.06 40.19
N LEU B 152 3.07 -18.62 39.08
CA LEU B 152 4.36 -19.10 38.57
C LEU B 152 5.21 -17.85 38.35
N TRP B 153 6.42 -17.85 38.88
CA TRP B 153 7.32 -16.72 38.79
C TRP B 153 8.50 -17.05 37.87
N LEU B 154 8.81 -16.16 36.93
CA LEU B 154 9.89 -16.38 35.98
C LEU B 154 11.14 -15.79 36.62
N VAL B 155 12.03 -16.67 37.05
CA VAL B 155 13.21 -16.27 37.83
C VAL B 155 14.52 -16.67 37.18
N SER B 156 15.53 -15.85 37.43
CA SER B 156 16.88 -16.09 36.96
C SER B 156 17.79 -15.69 38.10
N SER B 157 19.09 -15.89 37.93
CA SER B 157 20.06 -15.45 38.91
C SER B 157 20.07 -13.93 39.00
N ALA B 158 19.49 -13.25 38.01
CA ALA B 158 19.38 -11.78 37.99
C ALA B 158 18.17 -11.23 38.72
N GLY B 159 17.13 -12.03 38.92
CA GLY B 159 15.92 -11.55 39.62
C GLY B 159 14.65 -12.27 39.24
N THR B 160 13.51 -11.58 39.38
CA THR B 160 12.17 -12.11 39.06
C THR B 160 11.60 -11.19 37.96
N HIS B 161 11.36 -11.74 36.77
CA HIS B 161 11.01 -10.91 35.60
C HIS B 161 9.53 -10.80 35.23
N ARG B 162 8.76 -11.88 35.42
CA ARG B 162 7.32 -11.90 35.11
C ARG B 162 6.64 -12.83 36.08
N VAL B 163 5.32 -12.72 36.16
CA VAL B 163 4.52 -13.61 36.97
C VAL B 163 3.26 -13.94 36.21
N LYS B 164 2.79 -15.17 36.35
CA LYS B 164 1.56 -15.66 35.75
C LYS B 164 0.67 -16.18 36.87
N PHE B 165 -0.63 -15.96 36.76
CA PHE B 165 -1.59 -16.49 37.73
C PHE B 165 -2.95 -16.58 37.06
N ALA B 166 -3.88 -17.30 37.67
CA ALA B 166 -5.20 -17.51 37.07
C ALA B 166 -6.37 -17.12 37.96
N LEU B 167 -7.45 -16.76 37.28
CA LEU B 167 -8.72 -16.43 37.89
C LEU B 167 -9.79 -17.37 37.32
N ARG B 168 -10.74 -17.80 38.14
CA ARG B 168 -11.83 -18.64 37.63
C ARG B 168 -12.88 -17.82 36.85
N ILE B 169 -13.32 -18.38 35.74
CA ILE B 169 -14.43 -17.81 34.97
C ILE B 169 -15.45 -18.95 34.79
N GLU B 170 -16.73 -18.64 35.01
CA GLU B 170 -17.82 -19.62 34.92
C GLU B 170 -18.46 -19.70 33.52
N GLY B 171 -19.22 -20.78 33.28
CA GLY B 171 -19.88 -21.07 31.98
C GLY B 171 -20.61 -19.96 31.23
N ASP B 172 -21.44 -19.20 31.94
CA ASP B 172 -22.24 -18.11 31.33
C ASP B 172 -21.65 -16.68 31.47
N GLU B 173 -20.33 -16.56 31.64
CA GLU B 173 -19.69 -15.25 31.81
C GLU B 173 -19.03 -14.70 30.56
N HIS B 174 -19.20 -13.38 30.40
CA HIS B 174 -18.67 -12.61 29.31
C HIS B 174 -17.66 -11.65 29.89
N VAL B 175 -16.60 -11.38 29.13
CA VAL B 175 -15.55 -10.49 29.58
C VAL B 175 -15.44 -9.27 28.67
N VAL B 176 -15.60 -8.10 29.27
CA VAL B 176 -15.51 -6.83 28.54
C VAL B 176 -14.55 -5.90 29.24
N GLY B 177 -13.60 -5.40 28.48
CA GLY B 177 -12.63 -4.44 29.00
C GLY B 177 -11.32 -4.41 28.24
N PHE B 178 -10.27 -4.16 29.00
CA PHE B 178 -8.89 -4.05 28.54
C PHE B 178 -8.74 -2.81 27.69
N GLY B 179 -9.58 -1.81 27.97
CA GLY B 179 -9.61 -0.55 27.25
C GLY B 179 -10.34 -0.61 25.91
N GLU B 180 -9.93 0.31 25.04
CA GLU B 180 -10.51 0.45 23.72
C GLU B 180 -10.03 -0.72 22.83
N ARG B 181 -10.98 -1.55 22.41
CA ARG B 181 -10.70 -2.70 21.57
C ARG B 181 -11.48 -2.56 20.28
N TYR B 182 -10.91 -3.06 19.20
CA TYR B 182 -11.50 -2.90 17.88
C TYR B 182 -12.03 -4.17 17.25
N ASP B 183 -11.74 -5.32 17.85
CA ASP B 183 -12.11 -6.60 17.25
C ASP B 183 -13.49 -7.10 17.62
N GLN B 184 -13.80 -7.09 18.91
CA GLN B 184 -15.09 -7.56 19.39
C GLN B 184 -15.34 -7.10 20.83
N LEU B 185 -16.62 -7.04 21.21
CA LEU B 185 -17.05 -6.59 22.55
C LEU B 185 -16.62 -7.55 23.65
N ASP B 186 -17.02 -8.80 23.50
CA ASP B 186 -16.71 -9.88 24.45
C ASP B 186 -15.34 -10.49 24.13
N GLN B 187 -14.39 -10.28 25.04
CA GLN B 187 -13.02 -10.77 24.84
C GLN B 187 -12.81 -12.25 25.21
N ARG B 188 -13.84 -12.94 25.69
CA ARG B 188 -13.67 -14.35 26.05
C ARG B 188 -13.30 -15.19 24.81
N GLY B 189 -12.29 -16.05 24.95
CA GLY B 189 -11.85 -16.88 23.86
C GLY B 189 -10.66 -16.32 23.09
N LEU B 190 -10.20 -15.13 23.47
CA LEU B 190 -9.08 -14.46 22.83
C LEU B 190 -7.91 -14.34 23.78
N ARG B 191 -6.75 -14.06 23.15
CA ARG B 191 -5.50 -13.74 23.83
C ARG B 191 -5.16 -12.30 23.37
N LEU B 192 -4.75 -11.46 24.30
CA LEU B 192 -4.41 -10.09 23.98
C LEU B 192 -3.42 -9.59 25.00
N ASP B 193 -3.05 -8.32 24.88
CA ASP B 193 -2.17 -7.66 25.84
C ASP B 193 -2.59 -6.21 26.00
N SER B 194 -1.94 -5.51 26.91
CA SER B 194 -2.19 -4.12 27.19
C SER B 194 -0.87 -3.41 27.22
N VAL B 195 -0.55 -2.82 26.08
CA VAL B 195 0.63 -2.00 25.88
C VAL B 195 0.24 -0.89 24.91
N VAL B 196 0.61 0.36 25.21
CA VAL B 196 0.30 1.47 24.33
C VAL B 196 1.12 1.27 23.05
N PHE B 197 0.46 1.37 21.90
CA PHE B 197 1.12 1.17 20.62
C PHE B 197 0.39 1.87 19.49
N GLU B 198 1.14 2.39 18.53
CA GLU B 198 0.51 2.99 17.39
C GLU B 198 0.35 1.93 16.30
N GLN B 199 -0.88 1.47 16.10
CA GLN B 199 -1.19 0.54 14.99
C GLN B 199 -1.87 1.39 13.94
N TYR B 200 -1.13 1.72 12.89
CA TYR B 200 -1.66 2.56 11.81
C TYR B 200 -2.62 1.73 10.96
N LYS B 201 -3.92 1.91 11.23
CA LYS B 201 -5.04 1.24 10.53
C LYS B 201 -5.15 -0.25 10.86
N ALA B 202 -6.28 -0.87 10.48
CA ALA B 202 -6.58 -2.28 10.75
C ALA B 202 -6.34 -2.70 12.24
N GLN B 203 -6.65 -1.82 13.20
CA GLN B 203 -6.45 -2.16 14.64
C GLN B 203 -7.19 -3.46 15.03
N GLY B 204 -8.39 -3.62 14.50
CA GLY B 204 -9.19 -4.81 14.76
C GLY B 204 -8.59 -6.08 14.15
N LYS B 205 -7.90 -5.96 13.02
CA LYS B 205 -7.30 -7.14 12.38
C LYS B 205 -6.07 -7.62 13.13
N HIS B 206 -5.27 -6.66 13.62
CA HIS B 206 -4.08 -6.93 14.38
C HIS B 206 -4.33 -7.12 15.88
N HIS B 207 -5.52 -6.80 16.38
CA HIS B 207 -5.86 -6.97 17.80
C HIS B 207 -4.94 -6.12 18.71
N ARG B 208 -4.78 -4.85 18.34
CA ARG B 208 -3.95 -3.89 19.04
C ARG B 208 -4.77 -2.64 19.33
N THR B 209 -4.19 -1.73 20.11
CA THR B 209 -4.87 -0.49 20.46
C THR B 209 -3.94 0.60 20.94
N TYR B 210 -4.38 1.84 20.74
CA TYR B 210 -3.69 2.99 21.23
C TYR B 210 -4.07 3.22 22.73
N LEU B 211 -5.18 2.65 23.20
CA LEU B 211 -5.69 2.97 24.55
C LEU B 211 -6.08 1.71 25.33
N PRO B 212 -5.10 0.89 25.74
CA PRO B 212 -5.42 -0.29 26.51
C PRO B 212 -5.43 0.05 27.98
N MET B 213 -6.01 -0.82 28.79
CA MET B 213 -5.97 -0.71 30.25
C MET B 213 -5.93 -2.11 30.82
N PRO B 214 -5.20 -2.32 31.93
CA PRO B 214 -5.17 -3.63 32.58
C PRO B 214 -6.38 -3.82 33.49
N PHE B 215 -7.56 -3.74 32.91
CA PHE B 215 -8.81 -3.87 33.65
C PHE B 215 -9.88 -4.50 32.80
N ALA B 216 -10.73 -5.29 33.43
CA ALA B 216 -11.87 -5.90 32.75
C ALA B 216 -12.94 -6.30 33.76
N GLN B 217 -14.19 -6.26 33.29
CA GLN B 217 -15.35 -6.68 34.08
C GLN B 217 -15.88 -7.99 33.48
N VAL B 218 -16.41 -8.85 34.34
CA VAL B 218 -16.87 -10.17 33.96
C VAL B 218 -18.35 -10.26 34.34
N VAL B 219 -19.21 -10.43 33.35
CA VAL B 219 -20.64 -10.35 33.59
C VAL B 219 -21.34 -11.65 33.25
N ASN B 220 -22.15 -12.17 34.18
CA ASN B 220 -22.90 -13.43 33.96
C ASN B 220 -24.31 -13.15 33.40
N GLU B 221 -25.02 -14.20 32.99
CA GLU B 221 -26.35 -14.04 32.38
C GLU B 221 -27.50 -13.79 33.36
N ALA B 222 -27.23 -13.77 34.66
CA ALA B 222 -28.22 -13.39 35.67
C ALA B 222 -28.10 -11.88 35.96
N GLY B 223 -27.07 -11.23 35.40
CA GLY B 223 -26.85 -9.80 35.56
C GLY B 223 -25.93 -9.44 36.70
N ARG B 224 -25.16 -10.41 37.19
CA ARG B 224 -24.24 -10.16 38.27
C ARG B 224 -22.85 -9.97 37.65
N ALA B 225 -22.01 -9.21 38.34
CA ALA B 225 -20.70 -8.90 37.83
C ALA B 225 -19.63 -8.80 38.88
N TRP B 226 -18.41 -9.00 38.42
CA TRP B 226 -17.22 -8.76 39.22
C TRP B 226 -16.19 -8.17 38.26
N GLY B 227 -15.11 -7.64 38.79
CA GLY B 227 -14.05 -7.06 37.92
C GLY B 227 -12.69 -7.10 38.54
N PHE B 228 -11.67 -6.88 37.72
CA PHE B 228 -10.30 -6.91 38.20
C PHE B 228 -9.45 -5.88 37.49
N HIS B 229 -8.43 -5.41 38.21
CA HIS B 229 -7.52 -4.41 37.71
C HIS B 229 -6.13 -4.69 38.22
N VAL B 230 -5.21 -5.00 37.32
CA VAL B 230 -3.82 -5.20 37.70
C VAL B 230 -3.22 -3.79 37.87
N GLU B 231 -2.91 -3.41 39.10
CA GLU B 231 -2.39 -2.08 39.44
C GLU B 231 -0.93 -1.91 39.03
N THR B 232 -0.75 -1.67 37.73
CA THR B 232 0.55 -1.48 37.16
C THR B 232 0.45 -0.65 35.87
N THR B 233 1.55 0.01 35.53
CA THR B 233 1.67 0.70 34.25
C THR B 233 2.64 -0.07 33.35
N ARG B 234 3.09 -1.25 33.82
CA ARG B 234 3.92 -2.14 33.01
C ARG B 234 2.99 -3.00 32.13
N ARG B 235 3.59 -3.68 31.16
CA ARG B 235 2.83 -4.49 30.22
C ARG B 235 2.23 -5.73 30.87
N THR B 236 1.02 -6.08 30.42
CA THR B 236 0.30 -7.24 30.88
C THR B 236 -0.26 -7.98 29.68
N TRP B 237 -0.39 -9.30 29.83
CA TRP B 237 -0.95 -10.20 28.83
C TRP B 237 -2.11 -10.97 29.47
N TYR B 238 -3.11 -11.31 28.66
CA TYR B 238 -4.34 -11.98 29.11
C TYR B 238 -4.70 -13.09 28.16
N ASP B 239 -4.98 -14.29 28.71
CA ASP B 239 -5.46 -15.46 27.95
C ASP B 239 -6.84 -15.71 28.55
N VAL B 240 -7.84 -15.09 27.92
CA VAL B 240 -9.22 -15.05 28.44
C VAL B 240 -10.00 -16.33 28.11
N ALA B 241 -9.63 -17.41 28.81
CA ALA B 241 -10.25 -18.70 28.67
C ALA B 241 -10.17 -19.25 27.25
N ALA B 242 -9.02 -19.03 26.62
CA ALA B 242 -8.72 -19.52 25.29
C ALA B 242 -8.03 -20.90 25.42
N THR B 243 -7.00 -20.99 26.28
CA THR B 243 -6.24 -22.25 26.48
C THR B 243 -6.95 -23.27 27.42
N VAL B 244 -7.39 -22.78 28.58
CA VAL B 244 -8.16 -23.54 29.58
C VAL B 244 -9.52 -22.81 29.63
N SER B 245 -10.59 -23.52 29.28
CA SER B 245 -11.93 -22.89 29.10
C SER B 245 -12.59 -22.22 30.31
N ASP B 246 -12.07 -22.46 31.51
CA ASP B 246 -12.63 -21.83 32.72
C ASP B 246 -11.59 -21.04 33.53
N ARG B 247 -10.52 -20.59 32.87
CA ARG B 247 -9.48 -19.82 33.53
C ARG B 247 -9.06 -18.59 32.72
N ILE B 248 -8.94 -17.46 33.39
CA ILE B 248 -8.37 -16.27 32.79
C ILE B 248 -6.93 -16.33 33.27
N LEU B 249 -6.01 -16.49 32.35
CA LEU B 249 -4.60 -16.57 32.68
C LEU B 249 -3.97 -15.17 32.49
N ILE B 250 -3.43 -14.60 33.57
CA ILE B 250 -2.87 -13.24 33.55
C ILE B 250 -1.36 -13.28 33.74
N GLU B 251 -0.62 -12.60 32.87
CA GLU B 251 0.84 -12.52 32.93
C GLU B 251 1.22 -11.03 33.05
N VAL B 252 2.15 -10.74 33.94
CA VAL B 252 2.51 -9.38 34.27
C VAL B 252 4.00 -9.19 34.23
N ASP B 253 4.46 -8.18 33.52
CA ASP B 253 5.88 -7.82 33.48
C ASP B 253 6.22 -7.17 34.83
N LEU B 254 7.27 -7.66 35.46
CA LEU B 254 7.71 -7.13 36.74
C LEU B 254 8.74 -6.01 36.57
N GLY B 255 9.29 -5.87 35.38
CA GLY B 255 10.14 -4.72 35.08
C GLY B 255 11.63 -4.90 34.93
N PHE B 256 12.27 -3.77 34.59
CA PHE B 256 13.69 -3.72 34.35
C PHE B 256 14.53 -4.11 35.57
N GLU B 257 14.15 -3.57 36.73
CA GLU B 257 14.84 -3.83 38.00
C GLU B 257 14.25 -5.08 38.66
N ALA B 258 14.65 -6.21 38.12
CA ALA B 258 14.18 -7.52 38.52
C ALA B 258 14.61 -7.98 39.91
N GLU B 259 15.68 -7.40 40.45
CA GLU B 259 16.19 -7.71 41.80
C GLU B 259 15.22 -7.38 42.97
N LYS B 260 14.20 -6.54 42.73
CA LYS B 260 13.19 -6.22 43.75
C LYS B 260 12.35 -7.44 44.08
N THR B 261 12.00 -7.58 45.36
CA THR B 261 11.13 -8.67 45.80
C THR B 261 9.74 -8.23 45.29
N PRO B 262 9.13 -9.01 44.37
CA PRO B 262 7.90 -8.55 43.72
C PRO B 262 6.60 -8.69 44.49
N VAL B 263 5.72 -7.68 44.35
CA VAL B 263 4.39 -7.67 44.94
C VAL B 263 3.46 -7.14 43.85
N VAL B 264 2.51 -7.97 43.41
CA VAL B 264 1.55 -7.57 42.40
C VAL B 264 0.21 -7.32 43.06
N ARG B 265 -0.28 -6.09 42.96
CA ARG B 265 -1.56 -5.70 43.51
C ARG B 265 -2.64 -5.80 42.42
N VAL B 266 -3.69 -6.58 42.70
CA VAL B 266 -4.83 -6.78 41.83
C VAL B 266 -6.12 -6.41 42.57
N ASN B 267 -6.68 -5.25 42.19
CA ASN B 267 -7.92 -4.71 42.75
C ASN B 267 -9.09 -5.48 42.18
N THR B 268 -10.11 -5.70 43.01
CA THR B 268 -11.30 -6.45 42.60
C THR B 268 -12.57 -5.85 43.20
N TRP B 269 -13.68 -6.09 42.50
CA TRP B 269 -15.00 -5.58 42.89
C TRP B 269 -16.08 -6.56 42.45
N SER B 270 -17.24 -6.49 43.10
CA SER B 270 -18.40 -7.28 42.68
C SER B 270 -19.72 -6.57 42.99
N GLY B 271 -20.74 -6.91 42.22
CA GLY B 271 -22.05 -6.33 42.36
C GLY B 271 -22.64 -6.19 40.97
N SER B 272 -23.35 -5.10 40.71
CA SER B 272 -23.89 -4.86 39.38
C SER B 272 -22.72 -4.39 38.46
N PRO B 273 -22.94 -4.41 37.14
CA PRO B 273 -21.84 -3.93 36.27
C PRO B 273 -21.42 -2.48 36.59
N THR B 274 -22.40 -1.63 36.86
CA THR B 274 -22.15 -0.25 37.24
C THR B 274 -21.29 -0.15 38.51
N ASP B 275 -21.54 -1.00 39.51
CA ASP B 275 -20.73 -1.00 40.74
C ASP B 275 -19.26 -1.30 40.41
N VAL B 276 -19.05 -2.23 39.49
CA VAL B 276 -17.70 -2.67 39.10
C VAL B 276 -16.94 -1.52 38.41
N LEU B 277 -17.56 -0.90 37.42
CA LEU B 277 -16.93 0.21 36.72
C LEU B 277 -16.60 1.37 37.69
N ASN B 278 -17.50 1.65 38.62
CA ASN B 278 -17.28 2.71 39.63
C ASN B 278 -16.10 2.44 40.55
N GLY B 279 -15.90 1.18 40.92
CA GLY B 279 -14.76 0.79 41.75
C GLY B 279 -13.46 1.06 40.97
N PHE B 280 -13.46 0.76 39.67
CA PHE B 280 -12.27 1.06 38.85
C PHE B 280 -12.07 2.58 38.73
N LEU B 281 -13.16 3.34 38.52
CA LEU B 281 -13.05 4.80 38.40
C LEU B 281 -12.62 5.48 39.70
N ASP B 282 -12.96 4.90 40.86
CA ASP B 282 -12.47 5.40 42.16
C ASP B 282 -10.92 5.32 42.25
N VAL B 283 -10.34 4.29 41.64
CA VAL B 283 -8.86 4.12 41.59
C VAL B 283 -8.21 4.87 40.41
N ALA B 284 -8.77 4.71 39.22
CA ALA B 284 -8.20 5.25 38.00
C ALA B 284 -8.36 6.76 37.82
N GLY B 285 -9.56 7.27 38.10
CA GLY B 285 -9.88 8.68 37.94
C GLY B 285 -11.18 8.79 37.15
N ARG B 286 -11.92 9.88 37.38
CA ARG B 286 -13.21 10.12 36.74
C ARG B 286 -13.18 11.21 35.70
N PRO B 287 -14.09 11.16 34.72
CA PRO B 287 -14.19 12.26 33.75
C PRO B 287 -14.63 13.54 34.45
N ALA B 288 -14.39 14.68 33.84
CA ALA B 288 -14.82 15.95 34.45
C ALA B 288 -15.84 16.64 33.56
N GLU B 289 -16.38 17.77 34.04
CA GLU B 289 -17.35 18.55 33.24
C GLU B 289 -16.71 19.03 31.91
N MET B 290 -17.54 19.18 30.89
CA MET B 290 -17.10 19.72 29.59
C MET B 290 -18.14 20.72 29.15
N PRO B 291 -17.73 21.69 28.31
CA PRO B 291 -18.72 22.67 27.85
C PRO B 291 -19.65 22.06 26.81
N GLU B 292 -20.87 22.62 26.69
CA GLU B 292 -21.87 22.13 25.77
C GLU B 292 -21.42 22.07 24.30
N TRP B 293 -20.54 22.99 23.89
CA TRP B 293 -20.11 23.04 22.48
C TRP B 293 -19.42 21.84 21.92
N ILE B 294 -18.93 20.94 22.78
CA ILE B 294 -18.28 19.73 22.25
C ILE B 294 -19.28 18.78 21.57
N PHE B 295 -20.58 19.03 21.74
CA PHE B 295 -21.60 18.15 21.18
C PHE B 295 -22.12 18.47 19.78
N GLY B 296 -21.69 19.59 19.20
CA GLY B 296 -22.07 19.93 17.83
C GLY B 296 -21.14 19.20 16.85
N LEU B 297 -21.30 19.46 15.56
CA LEU B 297 -20.42 18.82 14.58
C LEU B 297 -19.01 19.38 14.65
N TRP B 298 -18.01 18.50 14.59
CA TRP B 298 -16.61 18.87 14.56
C TRP B 298 -16.17 18.72 13.10
N ALA B 299 -15.68 19.79 12.51
CA ALA B 299 -15.17 19.77 11.13
C ALA B 299 -13.64 19.77 11.15
N SER B 300 -13.02 18.95 10.30
CA SER B 300 -11.56 18.85 10.26
C SER B 300 -11.08 18.35 8.92
N GLY B 301 -9.81 18.64 8.61
CA GLY B 301 -9.23 18.23 7.33
C GLY B 301 -7.77 18.59 7.26
N ASN B 302 -6.91 17.61 7.09
CA ASN B 302 -5.49 17.93 7.09
C ASN B 302 -5.04 18.88 5.98
N GLU B 303 -5.72 18.90 4.86
CA GLU B 303 -5.28 19.77 3.79
C GLU B 303 -5.83 21.21 3.86
N TRP B 304 -6.41 21.59 5.02
CA TRP B 304 -6.87 22.95 5.24
C TRP B 304 -5.69 23.63 5.92
N ASN B 305 -4.67 23.99 5.11
CA ASN B 305 -3.43 24.56 5.65
C ASN B 305 -3.22 26.06 5.44
N THR B 306 -4.30 26.80 5.24
CA THR B 306 -4.25 28.26 5.15
C THR B 306 -5.52 28.84 5.73
N GLN B 307 -5.44 30.07 6.17
CA GLN B 307 -6.61 30.78 6.69
C GLN B 307 -7.74 30.75 5.65
N SER B 308 -7.35 30.93 4.40
CA SER B 308 -8.27 30.93 3.28
C SER B 308 -9.04 29.62 3.08
N LEU B 309 -8.33 28.49 3.16
CA LEU B 309 -8.92 27.19 2.99
C LEU B 309 -9.82 26.84 4.18
N VAL B 310 -9.44 27.24 5.39
CA VAL B 310 -10.31 26.98 6.55
C VAL B 310 -11.59 27.79 6.41
N MET B 311 -11.45 29.09 6.12
CA MET B 311 -12.62 29.98 5.99
C MET B 311 -13.58 29.60 4.84
N GLU B 312 -13.05 29.13 3.71
CA GLU B 312 -13.88 28.63 2.61
C GLU B 312 -14.82 27.52 3.11
N GLN B 313 -14.30 26.64 3.98
CA GLN B 313 -15.07 25.52 4.46
C GLN B 313 -16.08 25.92 5.52
N MET B 314 -15.70 26.84 6.40
CA MET B 314 -16.66 27.33 7.38
C MET B 314 -17.78 28.10 6.67
N ASP B 315 -17.46 28.86 5.61
CA ASP B 315 -18.51 29.57 4.83
C ASP B 315 -19.43 28.58 4.12
N ARG B 316 -18.87 27.46 3.65
CA ARG B 316 -19.70 26.48 2.95
C ARG B 316 -20.67 25.81 3.95
N HIS B 317 -20.22 25.58 5.18
CA HIS B 317 -21.09 25.02 6.21
C HIS B 317 -22.28 25.93 6.47
N ARG B 318 -22.02 27.22 6.65
CA ARG B 318 -23.09 28.21 6.85
C ARG B 318 -24.06 28.26 5.65
N ASN B 319 -23.54 28.39 4.43
CA ASN B 319 -24.39 28.46 3.21
C ASN B 319 -25.23 27.21 2.97
N GLU B 320 -24.65 26.04 3.28
CA GLU B 320 -25.36 24.80 3.14
C GLU B 320 -26.31 24.49 4.33
N GLY B 321 -26.30 25.33 5.36
CA GLY B 321 -27.17 25.13 6.52
C GLY B 321 -26.80 23.89 7.31
N ILE B 322 -25.48 23.64 7.45
CA ILE B 322 -24.92 22.47 8.17
C ILE B 322 -24.01 23.06 9.25
N PRO B 323 -24.57 23.38 10.41
CA PRO B 323 -23.75 24.08 11.40
C PRO B 323 -22.68 23.22 12.06
N VAL B 324 -21.54 23.85 12.35
CA VAL B 324 -20.41 23.24 13.03
C VAL B 324 -20.19 23.97 14.35
N SER B 325 -19.71 23.26 15.35
CA SER B 325 -19.40 23.89 16.63
C SER B 325 -17.87 23.95 16.88
N VAL B 326 -17.09 23.15 16.18
CA VAL B 326 -15.65 23.13 16.33
C VAL B 326 -14.96 22.88 14.98
N VAL B 327 -13.85 23.57 14.77
CA VAL B 327 -13.01 23.37 13.60
C VAL B 327 -11.64 22.96 14.15
N VAL B 328 -11.09 21.84 13.66
CA VAL B 328 -9.78 21.39 14.07
C VAL B 328 -8.83 21.78 12.96
N ILE B 329 -7.73 22.44 13.29
CA ILE B 329 -6.76 22.79 12.30
C ILE B 329 -5.50 22.02 12.61
N GLU B 330 -5.10 21.16 11.68
CA GLU B 330 -3.88 20.35 11.86
C GLU B 330 -2.65 20.97 11.25
N ALA B 331 -2.77 21.41 10.00
CA ALA B 331 -1.65 22.00 9.28
C ALA B 331 -1.67 23.53 9.46
N TRP B 332 -1.39 23.95 10.68
CA TRP B 332 -1.40 25.37 11.01
C TRP B 332 0.00 26.00 11.17
N SER B 333 0.95 25.23 11.65
CA SER B 333 2.27 25.75 11.99
C SER B 333 3.32 25.69 10.88
N ASP B 334 4.53 26.14 11.22
CA ASP B 334 5.71 26.09 10.34
C ASP B 334 6.16 24.64 10.02
N GLU B 335 5.49 23.63 10.60
CA GLU B 335 5.78 22.20 10.37
C GLU B 335 7.17 21.78 10.88
N GLU B 336 7.75 22.60 11.75
CA GLU B 336 9.05 22.34 12.33
C GLU B 336 9.01 22.29 13.87
N GLY B 337 8.35 23.25 14.50
CA GLY B 337 8.28 23.29 15.95
C GLY B 337 6.89 23.22 16.52
N PHE B 338 5.88 23.15 15.66
CA PHE B 338 4.47 23.08 16.08
C PHE B 338 4.09 24.02 17.25
N THR B 339 4.69 25.22 17.20
CA THR B 339 4.50 26.27 18.18
C THR B 339 4.10 27.63 17.54
N ILE B 340 4.42 27.80 16.26
CA ILE B 340 4.22 29.06 15.55
C ILE B 340 3.49 28.84 14.22
N PHE B 341 2.53 29.73 13.92
CA PHE B 341 1.78 29.70 12.66
C PHE B 341 2.67 29.85 11.42
N ARG B 342 2.35 29.11 10.37
CA ARG B 342 3.16 29.15 9.16
C ARG B 342 3.26 30.57 8.56
N ASP B 343 4.47 30.95 8.12
CA ASP B 343 4.77 32.27 7.50
C ASP B 343 4.86 33.45 8.50
N ALA B 344 4.64 33.24 9.80
CA ALA B 344 4.80 34.32 10.79
C ALA B 344 6.26 34.77 10.82
N ARG B 345 6.45 36.09 10.95
CA ARG B 345 7.76 36.68 11.05
C ARG B 345 7.99 37.04 12.51
N TYR B 346 9.21 36.81 12.99
CA TYR B 346 9.59 37.07 14.38
C TYR B 346 11.11 37.15 14.57
N VAL B 347 11.50 37.72 15.70
CA VAL B 347 12.90 37.80 16.10
C VAL B 347 13.18 36.54 16.98
N PRO B 348 14.35 35.88 16.79
CA PRO B 348 14.70 34.69 17.63
C PRO B 348 14.64 34.90 19.17
N ASN B 349 14.39 33.82 19.91
CA ASN B 349 14.24 33.84 21.39
C ASN B 349 15.18 32.94 22.23
N GLN B 350 16.19 32.33 21.61
CA GLN B 350 17.07 31.38 22.32
C GLN B 350 16.24 30.19 22.88
N GLY B 351 15.18 29.83 22.15
CA GLY B 351 14.30 28.73 22.53
C GLY B 351 13.35 29.00 23.69
N GLN B 352 13.11 30.27 24.01
CA GLN B 352 12.20 30.63 25.10
C GLN B 352 10.78 30.88 24.58
N PRO B 353 9.77 30.88 25.48
CA PRO B 353 8.39 31.10 25.07
C PRO B 353 8.14 32.47 24.47
N HIS B 354 7.34 32.51 23.42
CA HIS B 354 6.94 33.74 22.75
C HIS B 354 5.59 34.18 23.27
N ARG B 355 5.28 35.47 23.06
CA ARG B 355 3.96 36.04 23.36
C ARG B 355 3.37 36.47 22.02
N GLY B 356 2.06 36.70 21.99
CA GLY B 356 1.37 37.12 20.76
C GLY B 356 2.00 38.30 20.02
N PRO B 357 2.41 39.37 20.75
CA PRO B 357 2.99 40.53 20.06
C PRO B 357 4.33 40.32 19.35
N ASP B 358 5.02 39.20 19.59
CA ASP B 358 6.30 38.90 18.89
C ASP B 358 6.12 38.60 17.39
N PHE B 359 4.90 38.36 16.96
CA PHE B 359 4.63 37.96 15.58
C PHE B 359 3.90 38.99 14.72
N THR B 360 4.37 39.13 13.49
CA THR B 360 3.71 39.95 12.50
C THR B 360 3.41 38.95 11.39
N TYR B 361 2.22 39.02 10.81
CA TYR B 361 1.81 38.06 9.79
C TYR B 361 1.64 38.73 8.41
N PRO B 362 2.43 38.33 7.40
CA PRO B 362 2.30 38.99 6.08
C PRO B 362 0.96 38.76 5.40
N SER B 363 0.49 39.77 4.67
CA SER B 363 -0.79 39.67 3.99
C SER B 363 -0.84 38.53 2.94
N ASP B 364 0.26 38.26 2.25
CA ASP B 364 0.29 37.20 1.22
C ASP B 364 0.65 35.81 1.77
N GLY B 365 0.77 35.69 3.08
CA GLY B 365 1.13 34.43 3.71
C GLY B 365 -0.04 33.50 3.91
N ALA B 366 0.26 32.34 4.45
CA ALA B 366 -0.73 31.31 4.72
C ALA B 366 -1.75 31.74 5.79
N TRP B 367 -1.31 32.48 6.80
CA TRP B 367 -2.20 32.96 7.86
C TRP B 367 -1.99 34.47 8.06
N PRO B 368 -2.65 35.30 7.24
CA PRO B 368 -2.45 36.76 7.37
C PRO B 368 -2.96 37.38 8.69
N ASP B 369 -3.84 36.69 9.41
CA ASP B 369 -4.35 37.21 10.68
C ASP B 369 -5.04 36.06 11.46
N PRO B 370 -4.25 35.18 12.09
CA PRO B 370 -4.86 34.07 12.82
C PRO B 370 -5.74 34.50 14.00
N ALA B 371 -5.41 35.60 14.64
CA ALA B 371 -6.23 36.10 15.76
C ALA B 371 -7.58 36.58 15.23
N GLY B 372 -7.60 37.10 14.00
CA GLY B 372 -8.83 37.57 13.36
C GLY B 372 -9.73 36.40 13.02
N MET B 373 -9.12 35.32 12.54
CA MET B 373 -9.83 34.08 12.22
C MET B 373 -10.58 33.54 13.43
N ILE B 374 -9.87 33.48 14.55
CA ILE B 374 -10.40 32.92 15.78
C ILE B 374 -11.51 33.82 16.33
N ARG B 375 -11.28 35.13 16.33
CA ARG B 375 -12.29 36.09 16.80
C ARG B 375 -13.59 35.95 16.00
N GLU B 376 -13.47 35.92 14.66
CA GLU B 376 -14.63 35.80 13.79
C GLU B 376 -15.31 34.44 13.89
N LEU B 377 -14.53 33.37 14.00
CA LEU B 377 -15.12 32.06 14.18
C LEU B 377 -15.85 31.98 15.53
N HIS B 378 -15.33 32.64 16.59
CA HIS B 378 -16.08 32.70 17.86
C HIS B 378 -17.39 33.47 17.74
N GLU B 379 -17.42 34.56 16.99
CA GLU B 379 -18.67 35.29 16.80
C GLU B 379 -19.72 34.43 16.10
N ARG B 380 -19.29 33.46 15.30
CA ARG B 380 -20.19 32.56 14.59
C ARG B 380 -20.52 31.31 15.42
N GLY B 381 -20.05 31.23 16.67
CA GLY B 381 -20.30 30.06 17.55
C GLY B 381 -19.41 28.84 17.25
N ILE B 382 -18.21 29.08 16.73
CA ILE B 382 -17.30 28.01 16.35
C ILE B 382 -16.05 28.11 17.16
N ARG B 383 -15.63 27.01 17.77
CA ARG B 383 -14.39 26.98 18.54
C ARG B 383 -13.27 26.43 17.68
N VAL B 384 -12.04 26.78 18.05
CA VAL B 384 -10.84 26.40 17.31
C VAL B 384 -9.89 25.56 18.15
N ILE B 385 -9.46 24.44 17.56
CA ILE B 385 -8.58 23.45 18.19
C ILE B 385 -7.35 23.25 17.29
N LEU B 386 -6.16 23.33 17.88
CA LEU B 386 -4.91 23.14 17.14
C LEU B 386 -4.17 21.80 17.49
N TRP B 387 -3.60 21.22 16.45
CA TRP B 387 -2.86 19.95 16.51
C TRP B 387 -1.50 20.07 17.18
N GLN B 388 -1.20 19.08 18.01
CA GLN B 388 0.08 18.99 18.70
C GLN B 388 0.61 17.59 18.65
N ILE B 389 1.90 17.47 18.95
CA ILE B 389 2.62 16.19 19.01
C ILE B 389 3.65 16.30 20.15
N PRO B 390 3.86 15.23 20.96
CA PRO B 390 4.85 15.34 22.02
C PRO B 390 6.25 14.89 21.54
N LEU B 391 6.74 15.59 20.52
CA LEU B 391 8.03 15.31 19.92
C LEU B 391 8.65 16.60 19.42
N GLN B 392 9.97 16.72 19.56
CA GLN B 392 10.72 17.88 19.10
C GLN B 392 11.68 17.35 18.05
N LYS B 393 11.38 17.65 16.78
CA LYS B 393 12.21 17.21 15.64
C LYS B 393 13.63 17.75 15.71
N THR B 394 14.58 16.99 15.13
CA THR B 394 16.01 17.41 15.04
C THR B 394 16.67 17.18 13.65
N ASP B 395 15.89 17.15 12.57
CA ASP B 395 16.41 16.98 11.16
C ASP B 395 17.64 17.86 10.80
N ASP B 396 18.28 17.49 9.68
CA ASP B 396 19.37 18.28 9.11
C ASP B 396 18.83 19.58 8.41
N ASP B 397 17.53 19.59 8.10
CA ASP B 397 16.86 20.71 7.38
C ASP B 397 16.19 21.82 8.21
N LEU B 398 15.96 21.60 9.50
CA LEU B 398 15.25 22.60 10.33
C LEU B 398 15.88 23.99 10.33
N GLY B 399 15.03 25.02 10.48
CA GLY B 399 15.48 26.40 10.56
C GLY B 399 15.97 26.69 11.99
N PRO B 400 16.66 27.83 12.17
CA PRO B 400 17.25 28.19 13.50
C PRO B 400 16.30 28.27 14.72
N GLU B 401 15.03 28.60 14.52
CA GLU B 401 14.09 28.67 15.64
C GLU B 401 13.81 27.29 16.24
N ALA B 402 13.62 26.30 15.37
CA ALA B 402 13.36 24.92 15.81
C ALA B 402 14.59 24.24 16.43
N LEU B 403 15.78 24.46 15.86
CA LEU B 403 17.02 23.90 16.42
C LEU B 403 17.28 24.51 17.80
N ALA B 404 17.04 25.81 17.95
CA ALA B 404 17.19 26.52 19.23
C ALA B 404 16.17 26.01 20.28
N GLN B 405 14.95 25.76 19.85
CA GLN B 405 13.88 25.28 20.72
C GLN B 405 14.26 23.90 21.30
N GLY B 406 14.82 23.05 20.43
CA GLY B 406 15.28 21.70 20.82
C GLY B 406 16.48 21.76 21.73
N ASN B 407 17.40 22.69 21.45
CA ASN B 407 18.58 22.86 22.31
C ASN B 407 18.22 23.45 23.68
N ALA B 408 17.17 24.26 23.72
CA ALA B 408 16.72 24.83 24.98
C ALA B 408 16.04 23.74 25.80
N LEU B 409 15.33 22.85 25.12
CA LEU B 409 14.66 21.71 25.77
C LEU B 409 15.67 20.79 26.43
N ILE B 410 16.72 20.41 25.69
CA ILE B 410 17.79 19.53 26.23
C ILE B 410 18.42 20.16 27.46
N ALA B 411 18.86 21.42 27.30
CA ALA B 411 19.49 22.15 28.40
C ALA B 411 18.59 22.38 29.61
N SER B 412 17.27 22.24 29.43
CA SER B 412 16.33 22.41 30.53
C SER B 412 16.29 21.18 31.41
N GLY B 413 16.75 20.06 30.84
CA GLY B 413 16.74 18.76 31.54
C GLY B 413 15.42 17.99 31.39
N HIS B 414 14.36 18.64 30.89
CA HIS B 414 13.04 18.04 30.78
C HIS B 414 12.83 17.23 29.49
N VAL B 415 13.66 16.20 29.33
CA VAL B 415 13.58 15.27 28.21
C VAL B 415 13.70 13.85 28.73
N VAL B 416 12.98 12.94 28.09
CA VAL B 416 13.12 11.53 28.39
C VAL B 416 14.57 11.17 28.02
N LYS B 417 15.23 10.35 28.83
CA LYS B 417 16.61 9.98 28.58
C LYS B 417 16.84 8.49 28.41
N GLU B 418 17.94 8.17 27.74
CA GLU B 418 18.38 6.79 27.53
C GLU B 418 18.98 6.35 28.87
N PRO B 419 19.24 5.03 29.05
CA PRO B 419 19.86 4.63 30.34
C PRO B 419 21.11 5.42 30.73
N ASP B 420 21.93 5.82 29.74
CA ASP B 420 23.17 6.59 29.99
C ASP B 420 23.02 8.10 30.27
N GLY B 421 21.79 8.62 30.33
CA GLY B 421 21.58 10.04 30.62
C GLY B 421 21.49 10.98 29.41
N THR B 422 21.84 10.50 28.21
CA THR B 422 21.71 11.32 27.00
C THR B 422 20.22 11.29 26.57
N PRO B 423 19.80 12.25 25.71
CA PRO B 423 18.38 12.31 25.32
C PRO B 423 17.86 11.17 24.46
N TYR B 424 16.68 10.66 24.81
CA TYR B 424 16.04 9.62 24.03
C TYR B 424 15.74 10.13 22.62
N LYS B 425 16.07 9.31 21.63
CA LYS B 425 15.82 9.58 20.23
C LYS B 425 14.70 8.64 19.78
N ASN B 426 13.62 9.20 19.27
CA ASN B 426 12.49 8.43 18.79
C ASN B 426 12.93 7.29 17.84
N ARG B 427 12.58 6.06 18.22
CA ARG B 427 12.92 4.87 17.47
C ARG B 427 11.91 4.54 16.35
N GLY B 428 10.79 5.28 16.29
CA GLY B 428 9.79 5.11 15.25
C GLY B 428 10.28 5.57 13.87
N TRP B 429 9.54 5.20 12.82
CA TRP B 429 9.88 5.56 11.43
C TRP B 429 9.50 7.05 11.15
N TRP B 430 8.35 7.46 11.67
CA TRP B 430 7.82 8.82 11.53
C TRP B 430 8.47 9.70 12.61
N PHE B 431 8.87 10.91 12.25
CA PHE B 431 9.58 11.84 13.16
C PHE B 431 10.81 11.16 13.74
N PRO B 432 11.65 10.57 12.86
CA PRO B 432 12.81 9.81 13.34
C PRO B 432 13.77 10.66 14.16
N ASN B 433 14.32 10.07 15.21
CA ASN B 433 15.27 10.76 16.10
C ASN B 433 14.75 12.03 16.80
N ALA B 434 13.44 12.23 16.83
CA ALA B 434 12.88 13.36 17.54
C ALA B 434 13.07 13.14 19.04
N LEU B 435 13.21 14.23 19.77
CA LEU B 435 13.34 14.19 21.22
C LEU B 435 11.93 14.11 21.83
N MET B 436 11.79 13.46 22.99
CA MET B 436 10.51 13.44 23.70
C MET B 436 10.60 14.24 24.98
N PRO B 437 9.76 15.27 25.13
CA PRO B 437 9.79 16.01 26.38
C PRO B 437 9.34 15.15 27.56
N ASP B 438 9.97 15.33 28.71
CA ASP B 438 9.59 14.56 29.88
C ASP B 438 8.39 15.27 30.53
N LEU B 439 7.21 14.66 30.40
CA LEU B 439 5.98 15.24 30.93
C LEU B 439 5.58 14.56 32.28
N SER B 440 6.55 13.91 32.95
CA SER B 440 6.28 13.10 34.15
C SER B 440 6.22 13.87 35.48
N THR B 441 6.73 15.10 35.48
CA THR B 441 6.70 15.98 36.65
C THR B 441 6.03 17.28 36.28
N GLU B 442 5.51 18.00 37.26
CA GLU B 442 4.84 19.30 37.01
C GLU B 442 5.80 20.28 36.30
N ALA B 443 7.06 20.37 36.73
CA ALA B 443 8.02 21.33 36.12
C ALA B 443 8.26 21.04 34.62
N GLY B 444 8.28 19.77 34.25
CA GLY B 444 8.47 19.39 32.86
C GLY B 444 7.27 19.68 31.99
N ARG B 445 6.07 19.47 32.53
CA ARG B 445 4.86 19.74 31.79
C ARG B 445 4.71 21.23 31.57
N GLN B 446 5.06 22.01 32.58
CA GLN B 446 4.98 23.46 32.47
C GLN B 446 6.02 24.01 31.49
N TRP B 447 7.20 23.40 31.40
CA TRP B 447 8.22 23.89 30.47
C TRP B 447 7.75 23.67 29.03
N TRP B 448 7.22 22.48 28.76
CA TRP B 448 6.71 22.16 27.43
C TRP B 448 5.52 23.02 27.02
N THR B 449 4.51 23.09 27.89
CA THR B 449 3.30 23.87 27.59
C THR B 449 3.50 25.38 27.63
N GLU B 450 4.49 25.87 28.35
CA GLU B 450 4.74 27.30 28.37
C GLU B 450 5.01 27.82 26.97
N GLN B 451 5.70 27.04 26.13
CA GLN B 451 5.99 27.39 24.73
C GLN B 451 4.70 27.71 23.95
N ARG B 452 3.61 27.02 24.32
CA ARG B 452 2.29 27.17 23.71
C ARG B 452 1.32 28.15 24.38
N ARG B 453 1.64 28.65 25.59
CA ARG B 453 0.72 29.52 26.35
C ARG B 453 0.09 30.68 25.54
N TYR B 454 0.89 31.36 24.73
CA TYR B 454 0.36 32.48 23.93
C TYR B 454 -0.79 32.07 23.01
N LEU B 455 -0.80 30.82 22.54
CA LEU B 455 -1.88 30.37 21.65
C LEU B 455 -3.23 30.46 22.34
N VAL B 456 -3.28 30.13 23.64
CA VAL B 456 -4.51 30.19 24.42
C VAL B 456 -4.77 31.59 24.99
N GLU B 457 -3.74 32.20 25.58
CA GLU B 457 -3.93 33.49 26.24
C GLU B 457 -4.04 34.70 25.31
N ASP B 458 -3.30 34.71 24.22
CA ASP B 458 -3.32 35.86 23.31
C ASP B 458 -4.17 35.62 22.06
N LEU B 459 -3.96 34.49 21.39
CA LEU B 459 -4.74 34.16 20.17
C LEU B 459 -6.15 33.62 20.48
N ASP B 460 -6.29 33.05 21.68
CA ASP B 460 -7.58 32.64 22.24
C ASP B 460 -8.12 31.34 21.67
N ILE B 461 -7.26 30.36 21.40
CA ILE B 461 -7.76 29.05 20.96
C ILE B 461 -8.44 28.36 22.14
N ASP B 462 -9.29 27.38 21.81
CA ASP B 462 -10.17 26.68 22.77
C ASP B 462 -9.70 25.29 23.20
N GLY B 463 -8.74 24.72 22.50
CA GLY B 463 -8.24 23.42 22.86
C GLY B 463 -7.16 22.93 21.95
N PHE B 464 -6.73 21.69 22.20
CA PHE B 464 -5.65 21.07 21.46
C PHE B 464 -5.95 19.63 21.06
N LYS B 465 -5.58 19.27 19.84
CA LYS B 465 -5.69 17.90 19.38
C LYS B 465 -4.33 17.29 19.73
N THR B 466 -4.26 16.64 20.88
CA THR B 466 -3.03 16.01 21.38
C THR B 466 -2.84 14.63 20.77
N ASP B 467 -2.27 14.65 19.58
CA ASP B 467 -2.04 13.45 18.78
C ASP B 467 -0.73 12.78 19.22
N GLY B 468 -0.56 11.51 18.87
CA GLY B 468 0.63 10.75 19.23
C GLY B 468 0.63 10.37 20.71
N GLY B 469 1.80 10.22 21.31
CA GLY B 469 1.97 9.86 22.70
C GLY B 469 2.50 8.44 22.96
N GLU B 470 2.69 7.65 21.89
CA GLU B 470 3.13 6.26 22.02
C GLU B 470 4.60 6.03 21.62
N HIS B 471 5.42 7.07 21.59
CA HIS B 471 6.76 6.97 20.98
C HIS B 471 7.86 6.39 21.83
N ALA B 472 7.63 6.26 23.13
CA ALA B 472 8.68 5.80 24.03
C ALA B 472 8.82 4.27 24.04
N TRP B 473 9.94 3.79 23.50
CA TRP B 473 10.28 2.37 23.48
C TRP B 473 11.60 2.22 24.24
N GLY B 474 11.62 1.32 25.20
CA GLY B 474 12.78 1.06 26.02
C GLY B 474 12.33 0.88 27.44
N SER B 475 12.62 -0.29 28.02
CA SER B 475 12.24 -0.54 29.40
C SER B 475 13.21 0.17 30.36
N ASP B 476 14.39 0.58 29.87
CA ASP B 476 15.42 1.25 30.70
C ASP B 476 15.56 2.76 30.45
N LEU B 477 14.55 3.37 29.82
CA LEU B 477 14.56 4.83 29.63
C LEU B 477 14.40 5.46 31.01
N ARG B 478 14.87 6.69 31.18
CA ARG B 478 14.77 7.38 32.47
C ARG B 478 13.85 8.61 32.40
N TYR B 479 12.94 8.70 33.38
CA TYR B 479 12.02 9.80 33.53
C TYR B 479 12.33 10.54 34.84
N GLU B 480 12.14 11.85 34.84
CA GLU B 480 12.41 12.70 36.02
C GLU B 480 11.57 12.38 37.26
N ASP B 481 10.42 11.71 37.08
CA ASP B 481 9.61 11.24 38.22
C ASP B 481 10.23 10.00 38.91
N GLY B 482 11.39 9.53 38.43
CA GLY B 482 12.06 8.36 39.05
C GLY B 482 11.70 7.00 38.46
N ARG B 483 10.71 6.94 37.58
CA ARG B 483 10.34 5.69 36.92
C ARG B 483 11.23 5.41 35.72
N ARG B 484 11.30 4.13 35.37
CA ARG B 484 12.01 3.69 34.18
C ARG B 484 10.97 3.53 33.08
N GLY B 485 11.44 3.26 31.87
CA GLY B 485 10.55 3.09 30.72
C GLY B 485 9.55 1.97 30.86
N ASP B 486 9.94 0.92 31.60
CA ASP B 486 9.06 -0.22 31.90
C ASP B 486 7.72 0.22 32.49
N GLU B 487 7.71 1.29 33.29
CA GLU B 487 6.47 1.85 33.86
C GLU B 487 6.05 3.19 33.21
N GLY B 488 7.02 3.97 32.76
CA GLY B 488 6.72 5.29 32.21
C GLY B 488 6.17 5.37 30.79
N ASN B 489 6.61 4.45 29.95
CA ASN B 489 6.19 4.48 28.52
C ASN B 489 4.68 4.38 28.32
N ASN B 490 4.00 3.52 29.07
CA ASN B 490 2.53 3.41 28.99
C ASN B 490 1.81 4.59 29.66
N LEU B 491 2.44 5.13 30.69
CA LEU B 491 1.89 6.27 31.40
C LEU B 491 2.03 7.57 30.59
N TYR B 492 2.99 7.61 29.66
CA TYR B 492 3.28 8.84 28.88
C TYR B 492 2.05 9.59 28.32
N PRO B 493 1.16 8.90 27.54
CA PRO B 493 0.01 9.64 27.00
C PRO B 493 -0.89 10.24 28.09
N VAL B 494 -0.96 9.61 29.27
CA VAL B 494 -1.77 10.17 30.36
C VAL B 494 -1.18 11.50 30.78
N ASN B 495 0.12 11.52 31.05
CA ASN B 495 0.85 12.76 31.41
C ASN B 495 0.78 13.82 30.32
N TYR B 496 0.76 13.36 29.06
CA TYR B 496 0.66 14.25 27.93
C TYR B 496 -0.66 15.04 27.86
N ALA B 497 -1.77 14.34 27.97
CA ALA B 497 -3.08 14.96 27.93
C ALA B 497 -3.22 15.86 29.14
N ARG B 498 -2.78 15.35 30.30
CA ARG B 498 -2.82 16.13 31.50
C ARG B 498 -2.08 17.46 31.36
N ALA B 499 -0.90 17.43 30.73
CA ALA B 499 -0.09 18.64 30.57
C ALA B 499 -0.87 19.78 29.88
N TYR B 500 -1.45 19.50 28.73
CA TYR B 500 -2.22 20.49 27.98
C TYR B 500 -3.53 20.84 28.65
N GLY B 501 -4.15 19.88 29.32
CA GLY B 501 -5.35 20.16 30.11
C GLY B 501 -5.05 21.18 31.20
N ASP B 502 -3.89 21.05 31.86
CA ASP B 502 -3.48 22.01 32.91
C ASP B 502 -3.15 23.37 32.34
N LEU B 503 -2.62 23.39 31.12
CA LEU B 503 -2.33 24.63 30.45
C LEU B 503 -3.65 25.39 30.26
N LEU B 504 -4.65 24.71 29.71
CA LEU B 504 -5.97 25.31 29.47
C LEU B 504 -6.63 25.79 30.79
N ARG B 505 -6.66 24.94 31.81
CA ARG B 505 -7.20 25.35 33.13
C ARG B 505 -6.56 26.65 33.63
N SER B 506 -5.23 26.74 33.55
CA SER B 506 -4.50 27.93 34.02
C SER B 506 -4.80 29.20 33.22
N ALA B 507 -5.28 29.04 31.99
CA ALA B 507 -5.67 30.16 31.15
C ALA B 507 -7.16 30.46 31.28
N GLY B 508 -7.84 29.88 32.30
CA GLY B 508 -9.27 30.11 32.52
C GLY B 508 -10.22 29.44 31.52
N LYS B 509 -9.80 28.31 30.94
CA LYS B 509 -10.61 27.58 29.95
C LYS B 509 -10.83 26.13 30.36
N TYR B 510 -11.81 25.48 29.74
CA TYR B 510 -12.09 24.06 30.02
C TYR B 510 -10.94 23.22 29.43
N PRO B 511 -10.61 22.05 30.04
CA PRO B 511 -9.53 21.18 29.54
C PRO B 511 -9.88 20.32 28.31
N VAL B 512 -10.20 20.98 27.21
CA VAL B 512 -10.58 20.27 25.99
C VAL B 512 -9.31 19.84 25.21
N THR B 513 -8.86 18.61 25.49
CA THR B 513 -7.76 17.97 24.75
C THR B 513 -8.44 16.83 23.98
N PHE B 514 -7.94 16.51 22.80
CA PHE B 514 -8.54 15.49 21.92
C PHE B 514 -7.37 14.56 21.58
N SER B 515 -7.40 13.36 22.12
CA SER B 515 -6.29 12.42 22.03
C SER B 515 -6.69 11.07 21.52
N ARG B 516 -5.73 10.33 20.99
CA ARG B 516 -6.03 8.96 20.55
C ARG B 516 -5.41 7.92 21.49
N SER B 517 -4.37 8.33 22.20
CA SER B 517 -3.57 7.44 23.00
C SER B 517 -3.86 7.58 24.51
N GLY B 518 -3.74 6.49 25.27
CA GLY B 518 -4.03 6.58 26.72
C GLY B 518 -3.77 5.29 27.50
N PHE B 519 -4.12 5.33 28.78
CA PHE B 519 -3.93 4.23 29.71
C PHE B 519 -4.77 4.51 30.96
N THR B 520 -4.64 3.68 31.98
CA THR B 520 -5.32 3.89 33.26
C THR B 520 -5.03 5.30 33.69
N GLY B 521 -6.09 6.06 33.96
CA GLY B 521 -5.95 7.48 34.33
C GLY B 521 -6.36 8.45 33.25
N SER B 522 -6.43 8.01 32.00
CA SER B 522 -6.85 8.86 30.89
C SER B 522 -8.30 9.35 30.99
N GLN B 523 -9.10 8.59 31.74
CA GLN B 523 -10.49 8.93 32.02
C GLN B 523 -10.67 10.38 32.48
N ALA B 524 -9.73 10.87 33.27
CA ALA B 524 -9.84 12.20 33.83
C ALA B 524 -9.35 13.32 32.93
N HIS B 525 -8.84 13.01 31.72
CA HIS B 525 -8.19 14.01 30.90
C HIS B 525 -8.72 14.13 29.48
N GLY B 526 -9.76 14.95 29.34
CA GLY B 526 -10.28 15.30 28.02
C GLY B 526 -11.04 14.28 27.23
N LEU B 527 -10.99 14.48 25.91
CA LEU B 527 -11.73 13.71 24.92
C LEU B 527 -10.81 12.77 24.15
N TYR B 528 -11.41 11.77 23.50
CA TYR B 528 -10.67 10.73 22.74
C TYR B 528 -11.34 10.37 21.46
N TRP B 529 -10.54 10.05 20.43
CA TRP B 529 -11.09 9.54 19.18
C TRP B 529 -10.38 8.20 18.86
N ALA B 530 -11.04 7.37 18.06
CA ALA B 530 -10.58 6.01 17.74
C ALA B 530 -9.32 5.86 16.91
N GLY B 531 -8.71 6.97 16.49
CA GLY B 531 -7.48 6.89 15.72
C GLY B 531 -7.64 6.76 14.20
N ASP B 532 -6.62 6.20 13.57
CA ASP B 532 -6.50 6.15 12.11
C ASP B 532 -7.09 4.92 11.43
N GLU B 533 -7.95 5.13 10.44
CA GLU B 533 -8.48 4.00 9.66
C GLU B 533 -8.82 4.34 8.21
N ASP B 534 -8.95 3.28 7.41
CA ASP B 534 -9.40 3.40 6.05
C ASP B 534 -10.93 3.57 6.07
N SER B 535 -11.48 3.90 4.91
CA SER B 535 -12.89 4.12 4.74
C SER B 535 -13.52 2.86 4.24
N THR B 536 -13.75 1.92 5.15
CA THR B 536 -14.41 0.65 4.82
C THR B 536 -15.51 0.31 5.81
N TRP B 537 -16.31 -0.66 5.43
CA TRP B 537 -17.38 -1.12 6.27
C TRP B 537 -16.82 -1.82 7.51
N GLU B 538 -15.74 -2.58 7.31
CA GLU B 538 -15.13 -3.25 8.45
C GLU B 538 -14.59 -2.22 9.45
N ALA B 539 -14.00 -1.12 8.97
CA ALA B 539 -13.50 -0.06 9.87
C ALA B 539 -14.66 0.61 10.62
N PHE B 540 -15.81 0.70 9.95
CA PHE B 540 -17.00 1.29 10.56
C PHE B 540 -17.40 0.39 11.72
N ARG B 541 -17.42 -0.93 11.49
CA ARG B 541 -17.79 -1.89 12.53
C ARG B 541 -16.83 -1.89 13.71
N SER B 542 -15.53 -1.86 13.43
CA SER B 542 -14.51 -1.80 14.48
C SER B 542 -14.62 -0.58 15.35
N SER B 543 -14.91 0.55 14.70
CA SER B 543 -15.03 1.83 15.36
C SER B 543 -16.15 1.81 16.41
N ILE B 544 -17.29 1.22 16.04
CA ILE B 544 -18.43 1.09 16.97
C ILE B 544 -17.96 0.28 18.19
N THR B 545 -17.27 -0.83 17.95
CA THR B 545 -16.74 -1.66 19.02
C THR B 545 -15.76 -0.86 19.87
N ALA B 546 -14.91 -0.09 19.21
CA ALA B 546 -13.97 0.80 19.91
C ALA B 546 -14.67 1.76 20.87
N GLY B 547 -15.78 2.35 20.47
CA GLY B 547 -16.49 3.29 21.33
C GLY B 547 -17.13 2.65 22.54
N ILE B 548 -17.78 1.51 22.31
CA ILE B 548 -18.47 0.78 23.38
C ILE B 548 -17.47 0.24 24.41
N THR B 549 -16.37 -0.35 23.92
CA THR B 549 -15.34 -0.92 24.79
C THR B 549 -14.64 0.20 25.58
N ALA B 550 -14.40 1.34 24.92
CA ALA B 550 -13.76 2.48 25.61
C ALA B 550 -14.70 3.03 26.70
N GLY B 551 -16.00 3.07 26.41
CA GLY B 551 -16.97 3.56 27.37
C GLY B 551 -17.06 2.65 28.57
N ALA B 552 -16.90 1.35 28.33
CA ALA B 552 -16.92 0.33 29.37
C ALA B 552 -15.66 0.34 30.25
N CYS B 553 -14.69 1.19 29.95
CA CYS B 553 -13.52 1.38 30.79
C CYS B 553 -13.46 2.82 31.32
N GLY B 554 -14.52 3.61 31.10
CA GLY B 554 -14.58 4.98 31.62
C GLY B 554 -14.19 6.14 30.71
N ILE B 555 -13.93 5.86 29.45
CA ILE B 555 -13.65 6.89 28.49
C ILE B 555 -15.01 7.36 27.96
N LEU B 556 -15.51 8.43 28.55
CA LEU B 556 -16.85 8.98 28.26
C LEU B 556 -16.98 9.82 26.97
N TYR B 557 -16.03 10.72 26.78
CA TYR B 557 -16.06 11.65 25.64
C TYR B 557 -15.32 11.07 24.46
N TRP B 558 -15.97 10.17 23.74
CA TRP B 558 -15.33 9.46 22.63
C TRP B 558 -15.97 9.78 21.29
N GLY B 559 -15.16 9.83 20.25
CA GLY B 559 -15.62 10.07 18.89
C GLY B 559 -14.74 9.31 17.92
N TRP B 560 -14.94 9.51 16.62
CA TRP B 560 -14.14 8.82 15.58
C TRP B 560 -14.22 9.59 14.27
N ASP B 561 -13.30 9.30 13.35
CA ASP B 561 -13.32 9.94 12.03
C ASP B 561 -14.43 9.25 11.27
N LEU B 562 -15.63 9.84 11.24
CA LEU B 562 -16.78 9.21 10.55
C LEU B 562 -16.44 8.85 9.08
N ALA B 563 -16.73 7.61 8.73
CA ALA B 563 -16.47 7.04 7.39
C ALA B 563 -14.98 6.85 7.04
N GLY B 564 -14.10 7.03 8.03
CA GLY B 564 -12.67 6.89 7.79
C GLY B 564 -12.03 8.13 7.20
N PHE B 565 -10.78 8.35 7.58
CA PHE B 565 -10.03 9.53 7.15
C PHE B 565 -9.00 9.26 6.05
N SER B 566 -8.62 7.99 5.84
CA SER B 566 -7.53 7.62 4.91
C SER B 566 -8.00 7.03 3.58
N GLY B 567 -7.26 7.35 2.51
CA GLY B 567 -7.58 6.84 1.15
C GLY B 567 -8.66 7.66 0.48
N PRO B 568 -9.03 7.28 -0.76
CA PRO B 568 -10.10 8.00 -1.47
C PRO B 568 -11.33 8.13 -0.61
N VAL B 569 -12.18 9.10 -0.92
CA VAL B 569 -13.38 9.30 -0.13
C VAL B 569 -14.22 8.02 -0.08
N PRO B 570 -14.92 7.84 1.05
CA PRO B 570 -15.77 6.68 1.16
C PRO B 570 -16.86 6.71 0.09
N GLU B 571 -17.38 5.53 -0.27
CA GLU B 571 -18.50 5.45 -1.19
C GLU B 571 -19.71 6.14 -0.50
N ALA B 572 -20.63 6.62 -1.32
CA ALA B 572 -21.79 7.37 -0.84
C ALA B 572 -22.55 6.67 0.27
N GLU B 573 -22.84 5.37 0.05
CA GLU B 573 -23.61 4.59 1.02
C GLU B 573 -22.92 4.53 2.40
N LEU B 574 -21.60 4.33 2.40
CA LEU B 574 -20.83 4.28 3.65
C LEU B 574 -20.85 5.60 4.38
N TYR B 575 -20.69 6.67 3.63
CA TYR B 575 -20.70 7.98 4.22
C TYR B 575 -22.04 8.23 4.90
N ALA B 576 -23.13 7.86 4.22
CA ALA B 576 -24.47 8.08 4.73
C ALA B 576 -24.70 7.35 6.04
N ARG B 577 -24.37 6.06 6.03
CA ARG B 577 -24.56 5.24 7.20
C ARG B 577 -23.67 5.66 8.35
N ALA B 578 -22.43 6.03 8.04
CA ALA B 578 -21.48 6.49 9.03
C ALA B 578 -21.89 7.80 9.67
N PHE B 579 -22.34 8.73 8.84
CA PHE B 579 -22.74 10.07 9.30
C PHE B 579 -23.95 9.98 10.25
N ALA B 580 -24.88 9.10 9.91
CA ALA B 580 -26.08 8.83 10.71
C ALA B 580 -25.71 8.28 12.07
N ALA B 581 -24.78 7.32 12.06
CA ALA B 581 -24.29 6.68 13.25
C ALA B 581 -23.56 7.66 14.17
N ALA B 582 -22.69 8.48 13.56
CA ALA B 582 -21.92 9.45 14.31
C ALA B 582 -22.81 10.44 15.03
N THR B 583 -23.98 10.70 14.45
CA THR B 583 -24.96 11.61 15.01
C THR B 583 -25.43 11.16 16.40
N PHE B 584 -25.41 9.86 16.62
CA PHE B 584 -25.78 9.26 17.89
C PHE B 584 -24.59 8.72 18.67
N MET B 585 -23.48 9.47 18.63
CA MET B 585 -22.29 9.13 19.39
C MET B 585 -21.83 10.35 20.19
N PRO B 586 -20.98 10.16 21.20
CA PRO B 586 -20.58 11.31 22.03
C PRO B 586 -20.00 12.50 21.28
N ILE B 587 -18.98 12.26 20.47
CA ILE B 587 -18.33 13.29 19.68
C ILE B 587 -18.52 12.95 18.19
N MET B 588 -19.18 13.85 17.48
CA MET B 588 -19.49 13.73 16.06
C MET B 588 -18.42 14.52 15.31
N GLN B 589 -17.62 13.82 14.50
CA GLN B 589 -16.49 14.44 13.82
C GLN B 589 -16.13 13.80 12.48
N TYR B 590 -15.80 14.63 11.50
CA TYR B 590 -15.31 14.15 10.20
C TYR B 590 -13.91 14.70 10.03
N HIS B 591 -13.03 13.93 9.40
CA HIS B 591 -11.65 14.32 9.27
C HIS B 591 -11.02 13.65 8.05
N SER B 592 -9.88 14.16 7.58
CA SER B 592 -9.20 13.55 6.43
C SER B 592 -7.69 13.59 6.57
N GLU B 593 -7.06 12.52 6.09
CA GLU B 593 -5.60 12.36 6.12
C GLU B 593 -4.91 13.24 5.07
N PHE B 594 -3.66 13.61 5.35
CA PHE B 594 -2.78 14.36 4.43
C PHE B 594 -2.53 13.52 3.18
N HIS B 595 -2.50 14.17 2.03
CA HIS B 595 -2.28 13.46 0.77
C HIS B 595 -1.55 14.34 -0.26
N HIS B 596 -0.62 15.16 0.23
CA HIS B 596 0.22 16.06 -0.59
C HIS B 596 -0.56 17.01 -1.51
N HIS B 597 -1.82 17.29 -1.16
CA HIS B 597 -2.70 18.15 -1.97
C HIS B 597 -2.86 17.63 -3.40
N GLU B 598 -2.80 16.31 -3.55
CA GLU B 598 -2.97 15.66 -4.85
C GLU B 598 -4.44 15.57 -5.18
N LEU B 599 -4.74 15.18 -6.42
CA LEU B 599 -6.11 15.05 -6.89
C LEU B 599 -6.47 13.57 -6.97
N PRO B 600 -7.74 13.18 -6.75
CA PRO B 600 -8.83 14.07 -6.39
C PRO B 600 -8.79 14.44 -4.91
N LEU B 601 -9.49 15.52 -4.58
CA LEU B 601 -9.55 16.07 -3.22
C LEU B 601 -10.08 14.99 -2.27
N ARG B 602 -9.43 14.86 -1.11
CA ARG B 602 -9.80 13.84 -0.11
C ARG B 602 -10.60 14.30 1.11
N ASP B 603 -11.08 15.55 1.14
CA ASP B 603 -11.84 16.05 2.28
C ASP B 603 -13.09 15.19 2.50
N ARG B 604 -13.45 14.94 3.77
CA ARG B 604 -14.66 14.19 4.11
C ARG B 604 -15.82 15.14 4.36
N THR B 605 -15.86 16.25 3.64
CA THR B 605 -16.96 17.20 3.75
C THR B 605 -18.12 16.60 3.00
N PRO B 606 -19.37 16.86 3.44
CA PRO B 606 -20.48 16.27 2.66
C PRO B 606 -20.47 16.66 1.17
N TRP B 607 -20.04 17.88 0.87
CA TRP B 607 -20.00 18.39 -0.52
C TRP B 607 -18.89 17.74 -1.35
N ASN B 608 -17.70 17.57 -0.79
CA ASN B 608 -16.65 16.90 -1.56
C ASN B 608 -17.00 15.44 -1.81
N VAL B 609 -17.49 14.74 -0.77
CA VAL B 609 -17.89 13.34 -0.93
C VAL B 609 -18.99 13.23 -1.99
N ALA B 610 -19.91 14.21 -1.99
CA ALA B 610 -21.02 14.29 -2.96
C ALA B 610 -20.47 14.49 -4.36
N GLU B 611 -19.55 15.42 -4.50
CA GLU B 611 -18.88 15.71 -5.77
C GLU B 611 -18.16 14.45 -6.33
N GLN B 612 -17.35 13.80 -5.51
CA GLN B 612 -16.58 12.63 -5.99
C GLN B 612 -17.44 11.42 -6.32
N THR B 613 -18.41 11.13 -5.47
CA THR B 613 -19.28 9.95 -5.65
C THR B 613 -20.42 10.18 -6.67
N GLY B 614 -20.67 11.43 -7.03
CA GLY B 614 -21.77 11.79 -7.90
C GLY B 614 -23.14 11.66 -7.21
N CYS B 615 -23.18 11.69 -5.87
CA CYS B 615 -24.43 11.53 -5.11
C CYS B 615 -24.80 12.82 -4.40
N GLY B 616 -25.62 13.61 -5.09
CA GLY B 616 -26.05 14.92 -4.60
C GLY B 616 -26.73 14.91 -3.25
N GLU B 617 -27.60 13.92 -3.00
CA GLU B 617 -28.35 13.80 -1.73
C GLU B 617 -27.51 13.76 -0.46
N LEU B 618 -26.21 13.48 -0.56
CA LEU B 618 -25.37 13.51 0.63
C LEU B 618 -25.42 14.86 1.37
N ILE B 619 -25.51 15.97 0.64
CA ILE B 619 -25.58 17.30 1.26
C ILE B 619 -26.89 17.41 2.05
N ASP B 620 -28.02 16.97 1.47
CA ASP B 620 -29.32 16.99 2.18
C ASP B 620 -29.30 16.11 3.41
N LEU B 621 -28.62 14.97 3.28
CA LEU B 621 -28.53 14.01 4.38
C LEU B 621 -27.72 14.60 5.54
N ALA B 622 -26.61 15.24 5.21
CA ALA B 622 -25.80 15.92 6.21
C ALA B 622 -26.62 17.00 6.90
N ARG B 623 -27.42 17.75 6.14
CA ARG B 623 -28.33 18.79 6.71
C ARG B 623 -29.31 18.16 7.70
N HIS B 624 -29.94 17.09 7.25
CA HIS B 624 -30.87 16.34 8.02
C HIS B 624 -30.28 15.85 9.35
N TYR B 625 -29.15 15.13 9.29
CA TYR B 625 -28.58 14.59 10.51
C TYR B 625 -28.01 15.65 11.44
N THR B 626 -27.41 16.71 10.89
CA THR B 626 -26.89 17.77 11.72
C THR B 626 -28.07 18.53 12.41
N ARG B 627 -29.24 18.57 11.78
CA ARG B 627 -30.44 19.15 12.38
C ARG B 627 -30.86 18.23 13.55
N VAL B 628 -30.78 16.92 13.31
CA VAL B 628 -31.05 15.95 14.37
C VAL B 628 -30.02 16.09 15.50
N ARG B 629 -28.77 16.33 15.14
CA ARG B 629 -27.73 16.51 16.15
C ARG B 629 -28.04 17.68 17.04
N GLU B 630 -28.45 18.81 16.45
CA GLU B 630 -28.79 19.99 17.24
C GLU B 630 -29.95 19.71 18.19
N ALA B 631 -30.99 19.07 17.70
CA ALA B 631 -32.18 18.75 18.50
C ALA B 631 -31.84 17.79 19.67
N LEU B 632 -30.81 16.99 19.46
CA LEU B 632 -30.31 16.04 20.41
C LEU B 632 -29.39 16.68 21.46
N ARG B 633 -28.86 17.87 21.25
CA ARG B 633 -27.93 18.46 22.22
C ARG B 633 -28.41 18.61 23.69
N PRO B 634 -29.66 19.07 23.91
CA PRO B 634 -30.07 19.11 25.33
C PRO B 634 -30.01 17.72 26.03
N TYR B 635 -30.32 16.65 25.27
CA TYR B 635 -30.27 15.28 25.78
C TYR B 635 -28.81 14.83 26.06
N LEU B 636 -27.91 15.12 25.13
CA LEU B 636 -26.50 14.77 25.29
C LEU B 636 -25.96 15.45 26.53
N VAL B 637 -26.30 16.72 26.69
CA VAL B 637 -25.85 17.48 27.86
C VAL B 637 -26.39 16.94 29.19
N ALA B 638 -27.69 16.65 29.26
CA ALA B 638 -28.29 16.18 30.53
C ALA B 638 -27.79 14.79 30.89
N GLN B 639 -27.67 13.93 29.90
CA GLN B 639 -27.21 12.57 30.14
C GLN B 639 -25.73 12.48 30.53
N THR B 640 -24.93 13.41 30.01
CA THR B 640 -23.52 13.48 30.38
C THR B 640 -23.44 13.85 31.89
N ARG B 641 -24.25 14.81 32.34
CA ARG B 641 -24.32 15.18 33.77
C ARG B 641 -24.60 13.93 34.59
N GLN B 642 -25.59 13.13 34.16
CA GLN B 642 -25.96 11.88 34.84
C GLN B 642 -24.80 10.89 34.85
N CYS B 643 -24.16 10.73 33.70
CA CYS B 643 -22.98 9.86 33.59
C CYS B 643 -21.90 10.18 34.63
N LEU B 644 -21.58 11.46 34.80
CA LEU B 644 -20.60 11.89 35.81
C LEU B 644 -20.97 11.45 37.23
N GLN B 645 -22.26 11.54 37.56
CA GLN B 645 -22.82 11.12 38.86
C GLN B 645 -22.80 9.59 39.03
N THR B 646 -23.47 8.90 38.10
CA THR B 646 -23.66 7.46 38.21
C THR B 646 -22.43 6.66 37.85
N GLY B 647 -21.53 7.28 37.09
CA GLY B 647 -20.32 6.59 36.62
C GLY B 647 -20.52 5.73 35.37
N LYS B 648 -21.73 5.68 34.83
CA LYS B 648 -21.98 4.89 33.63
C LYS B 648 -21.49 5.62 32.37
N PRO B 649 -21.19 4.86 31.31
CA PRO B 649 -20.80 5.50 30.05
C PRO B 649 -21.96 6.20 29.34
N LEU B 650 -21.64 7.09 28.41
CA LEU B 650 -22.64 7.77 27.60
C LEU B 650 -22.89 6.83 26.38
N MET B 651 -21.83 6.36 25.73
CA MET B 651 -21.95 5.36 24.65
C MET B 651 -21.83 4.04 25.41
N ARG B 652 -22.95 3.35 25.55
CA ARG B 652 -23.07 2.30 26.59
C ARG B 652 -23.47 0.91 26.17
N ALA B 653 -22.63 -0.07 26.53
CA ALA B 653 -22.90 -1.47 26.25
C ALA B 653 -24.23 -1.87 26.94
N MET B 654 -24.99 -2.74 26.30
CA MET B 654 -26.30 -3.21 26.78
C MET B 654 -26.29 -3.81 28.19
N PHE B 655 -25.16 -4.40 28.59
CA PHE B 655 -25.10 -5.06 29.89
C PHE B 655 -25.18 -4.11 31.09
N TYR B 656 -24.86 -2.82 30.91
CA TYR B 656 -24.97 -1.89 32.04
C TYR B 656 -26.41 -1.76 32.58
N ASP B 657 -27.38 -1.69 31.67
CA ASP B 657 -28.80 -1.57 32.07
C ASP B 657 -29.63 -2.85 31.86
N HIS B 658 -29.14 -3.81 31.07
CA HIS B 658 -29.90 -5.03 30.75
C HIS B 658 -29.10 -6.35 30.84
N ALA B 659 -28.24 -6.48 31.85
CA ALA B 659 -27.40 -7.68 31.98
C ALA B 659 -28.16 -8.97 32.31
N ASP B 660 -29.41 -8.86 32.79
CA ASP B 660 -30.23 -10.04 33.10
C ASP B 660 -30.94 -10.65 31.86
N ASP B 661 -30.72 -10.04 30.68
CA ASP B 661 -31.30 -10.49 29.41
C ASP B 661 -30.14 -11.06 28.57
N PRO B 662 -29.98 -12.38 28.54
CA PRO B 662 -28.85 -12.97 27.81
C PRO B 662 -28.83 -12.75 26.30
N GLU B 663 -29.96 -12.42 25.68
CA GLU B 663 -29.96 -12.19 24.24
C GLU B 663 -29.10 -10.99 23.83
N ILE B 664 -28.83 -10.05 24.75
CA ILE B 664 -28.02 -8.86 24.40
C ILE B 664 -26.65 -9.17 23.79
N TRP B 665 -26.05 -10.29 24.18
CA TRP B 665 -24.70 -10.67 23.70
C TRP B 665 -24.65 -11.06 22.22
N ALA B 666 -25.80 -11.43 21.64
CA ALA B 666 -25.89 -11.74 20.21
C ALA B 666 -26.00 -10.46 19.37
N HIS B 667 -26.04 -9.30 20.02
CA HIS B 667 -26.16 -8.00 19.32
C HIS B 667 -25.15 -6.99 19.87
N PRO B 668 -23.85 -7.28 19.69
CA PRO B 668 -22.78 -6.47 20.26
C PRO B 668 -22.53 -5.10 19.64
N ARG B 669 -23.18 -4.77 18.52
CA ARG B 669 -23.02 -3.42 17.96
C ARG B 669 -24.26 -2.53 18.14
N GLN B 670 -25.15 -2.97 19.03
CA GLN B 670 -26.24 -2.13 19.48
C GLN B 670 -25.71 -1.51 20.74
N TYR B 671 -26.12 -0.29 21.03
CA TYR B 671 -25.69 0.36 22.25
C TYR B 671 -26.71 1.38 22.68
N MET B 672 -26.69 1.71 23.98
CA MET B 672 -27.51 2.76 24.53
C MET B 672 -26.70 4.06 24.48
N LEU B 673 -27.37 5.14 24.11
CA LEU B 673 -26.78 6.45 24.14
C LEU B 673 -27.47 7.08 25.36
N GLY B 674 -26.81 7.05 26.51
CA GLY B 674 -27.45 7.51 27.75
C GLY B 674 -28.50 6.50 28.20
N ASP B 675 -29.37 6.91 29.12
CA ASP B 675 -30.40 6.02 29.66
C ASP B 675 -31.59 5.73 28.73
N GLU B 676 -31.94 6.63 27.81
CA GLU B 676 -33.21 6.49 27.08
C GLU B 676 -33.18 6.00 25.64
N LEU B 677 -32.08 6.25 24.91
CA LEU B 677 -31.98 5.88 23.49
C LEU B 677 -31.20 4.59 23.19
N LEU B 678 -31.80 3.70 22.39
CA LEU B 678 -31.13 2.49 21.94
C LEU B 678 -30.76 2.74 20.47
N ILE B 679 -29.48 2.56 20.14
CA ILE B 679 -28.97 2.84 18.78
C ILE B 679 -28.46 1.57 18.10
N ASN B 680 -28.73 1.44 16.80
CA ASN B 680 -28.28 0.29 16.05
C ASN B 680 -27.81 0.69 14.66
N PRO B 681 -26.57 1.12 14.53
CA PRO B 681 -26.11 1.54 13.22
C PRO B 681 -26.28 0.49 12.13
N VAL B 682 -26.49 0.93 10.89
CA VAL B 682 -26.64 0.03 9.74
C VAL B 682 -25.26 -0.07 9.14
N THR B 683 -24.68 -1.25 9.31
CA THR B 683 -23.27 -1.51 8.97
C THR B 683 -23.02 -2.45 7.79
N ALA B 684 -24.00 -2.59 6.90
CA ALA B 684 -23.81 -3.42 5.69
C ALA B 684 -24.33 -2.71 4.45
N PRO B 685 -23.57 -2.77 3.34
CA PRO B 685 -24.07 -2.16 2.10
C PRO B 685 -25.28 -2.93 1.58
N GLY B 686 -26.23 -2.22 0.97
CA GLY B 686 -27.42 -2.84 0.34
C GLY B 686 -28.59 -3.17 1.27
N ALA B 687 -28.52 -2.77 2.54
CA ALA B 687 -29.61 -3.03 3.49
C ALA B 687 -30.79 -2.06 3.30
N THR B 688 -31.97 -2.61 3.02
CA THR B 688 -33.22 -1.86 2.91
C THR B 688 -34.01 -1.94 4.24
N THR B 689 -33.75 -2.98 5.03
CA THR B 689 -34.36 -3.20 6.35
C THR B 689 -33.23 -3.60 7.29
N TRP B 690 -33.45 -3.42 8.59
CA TRP B 690 -32.44 -3.73 9.62
C TRP B 690 -33.14 -4.22 10.89
N THR B 691 -32.53 -5.20 11.57
CA THR B 691 -33.11 -5.82 12.76
C THR B 691 -32.47 -5.39 14.06
N THR B 692 -33.28 -5.04 15.04
CA THR B 692 -32.79 -4.58 16.32
C THR B 692 -33.41 -5.43 17.42
N TYR B 693 -32.61 -5.79 18.42
CA TYR B 693 -33.13 -6.52 19.55
C TYR B 693 -33.53 -5.53 20.64
N LEU B 694 -34.79 -5.54 21.04
CA LEU B 694 -35.29 -4.68 22.09
C LEU B 694 -35.41 -5.44 23.42
N PRO B 695 -34.70 -5.00 24.46
CA PRO B 695 -34.84 -5.64 25.77
C PRO B 695 -36.20 -5.30 26.40
N GLU B 696 -36.56 -5.92 27.52
CA GLU B 696 -37.87 -5.71 28.14
C GLU B 696 -38.23 -4.26 28.48
N GLY B 697 -39.52 -3.95 28.32
CA GLY B 697 -40.07 -2.62 28.52
C GLY B 697 -40.72 -2.18 27.22
N GLN B 698 -41.23 -0.95 27.21
CA GLN B 698 -41.86 -0.38 26.03
C GLN B 698 -40.86 0.53 25.32
N TRP B 699 -40.85 0.47 23.99
CA TRP B 699 -39.94 1.24 23.18
C TRP B 699 -40.69 1.97 22.11
N GLU B 700 -40.24 3.19 21.81
CA GLU B 700 -40.86 4.04 20.82
C GLU B 700 -39.87 4.34 19.71
N ASP B 701 -40.33 4.20 18.46
CA ASP B 701 -39.52 4.47 17.30
C ASP B 701 -39.30 5.96 17.25
N TYR B 702 -38.03 6.35 17.14
CA TYR B 702 -37.59 7.74 17.17
C TYR B 702 -38.09 8.61 16.04
N TRP B 703 -38.36 7.99 14.89
CA TRP B 703 -38.76 8.72 13.68
C TRP B 703 -40.27 8.71 13.43
N SER B 704 -40.95 7.58 13.63
CA SER B 704 -42.41 7.46 13.38
C SER B 704 -43.32 7.57 14.62
N GLY B 705 -42.75 7.44 15.80
CA GLY B 705 -43.53 7.48 17.04
C GLY B 705 -44.28 6.19 17.33
N GLU B 706 -43.98 5.12 16.60
CA GLU B 706 -44.62 3.81 16.76
C GLU B 706 -44.09 3.10 18.00
N VAL B 707 -45.00 2.55 18.79
CA VAL B 707 -44.64 1.87 20.04
C VAL B 707 -44.57 0.35 19.86
N SER B 708 -43.45 -0.24 20.30
CA SER B 708 -43.20 -1.69 20.26
C SER B 708 -43.01 -2.20 21.67
N GLU B 709 -43.39 -3.46 21.91
CA GLU B 709 -43.14 -4.07 23.21
C GLU B 709 -41.72 -4.66 23.09
N GLY B 710 -41.02 -4.75 24.22
CA GLY B 710 -39.67 -5.31 24.28
C GLY B 710 -39.60 -6.83 24.45
N GLY B 711 -38.37 -7.34 24.50
CA GLY B 711 -38.12 -8.78 24.60
C GLY B 711 -38.32 -9.47 23.27
N HIS B 712 -38.14 -8.73 22.16
CA HIS B 712 -38.34 -9.25 20.82
C HIS B 712 -37.43 -8.56 19.80
N LEU B 713 -37.19 -9.27 18.70
CA LEU B 713 -36.48 -8.73 17.54
C LEU B 713 -37.51 -7.95 16.74
N VAL B 714 -37.15 -6.73 16.30
CA VAL B 714 -38.03 -5.89 15.46
C VAL B 714 -37.29 -5.43 14.20
N THR B 715 -38.03 -5.33 13.10
CA THR B 715 -37.49 -4.91 11.80
C THR B 715 -38.04 -3.52 11.45
N ARG B 716 -37.12 -2.66 10.99
CA ARG B 716 -37.37 -1.25 10.61
C ARG B 716 -36.89 -1.04 9.16
N ALA B 717 -37.66 -0.34 8.33
CA ALA B 717 -37.23 -0.04 6.96
C ALA B 717 -36.14 1.02 7.11
N VAL B 718 -35.06 0.92 6.34
CA VAL B 718 -33.93 1.84 6.48
C VAL B 718 -33.42 2.58 5.21
N GLY B 719 -34.17 3.60 4.82
CA GLY B 719 -33.72 4.51 3.79
C GLY B 719 -32.55 5.27 4.43
N TRP B 720 -31.78 5.99 3.63
CA TRP B 720 -30.60 6.66 4.17
C TRP B 720 -30.91 7.74 5.20
N ASP B 721 -32.15 8.24 5.19
CA ASP B 721 -32.56 9.25 6.19
C ASP B 721 -32.97 8.64 7.55
N ILE B 722 -32.79 7.34 7.71
CA ILE B 722 -33.12 6.64 8.92
C ILE B 722 -31.93 5.86 9.48
N ILE B 723 -31.77 5.89 10.80
CA ILE B 723 -30.86 5.00 11.51
C ILE B 723 -31.73 4.48 12.65
N PRO B 724 -31.82 3.16 12.81
CA PRO B 724 -32.72 2.68 13.85
C PRO B 724 -32.35 3.17 15.25
N VAL B 725 -33.24 3.99 15.81
CA VAL B 725 -33.12 4.52 17.15
C VAL B 725 -34.45 4.31 17.85
N TYR B 726 -34.40 3.78 19.09
CA TYR B 726 -35.61 3.55 19.86
C TYR B 726 -35.48 4.24 21.21
N ARG B 727 -36.58 4.85 21.68
CA ARG B 727 -36.62 5.59 22.95
C ARG B 727 -37.47 4.85 23.98
N ARG B 728 -36.95 4.71 25.21
CA ARG B 728 -37.72 4.08 26.29
C ARG B 728 -38.98 4.89 26.58
N VAL B 729 -40.02 4.18 26.95
CA VAL B 729 -41.30 4.75 27.32
C VAL B 729 -41.57 4.35 28.77
N GLY B 730 -41.92 5.32 29.62
CA GLY B 730 -42.25 5.09 31.05
C GLY B 730 -41.26 4.28 31.88
#